data_1H9O
# 
_entry.id   1H9O 
# 
_audit_conform.dict_name       mmcif_pdbx.dic 
_audit_conform.dict_version    5.397 
_audit_conform.dict_location   http://mmcif.pdb.org/dictionaries/ascii/mmcif_pdbx.dic 
# 
loop_
_database_2.database_id 
_database_2.database_code 
_database_2.pdbx_database_accession 
_database_2.pdbx_DOI 
PDB   1H9O         pdb_00001h9o 10.2210/pdb1h9o/pdb 
PDBE  EBI-5989     ?            ?                   
WWPDB D_1290005989 ?            ?                   
# 
loop_
_pdbx_audit_revision_history.ordinal 
_pdbx_audit_revision_history.data_content_type 
_pdbx_audit_revision_history.major_revision 
_pdbx_audit_revision_history.minor_revision 
_pdbx_audit_revision_history.revision_date 
1 'Structure model' 1 0 2001-03-19 
2 'Structure model' 1 1 2011-05-07 
3 'Structure model' 1 2 2011-07-13 
4 'Structure model' 1 3 2017-06-28 
5 'Structure model' 1 4 2023-12-13 
6 'Structure model' 1 5 2024-10-09 
# 
_pdbx_audit_revision_details.ordinal             1 
_pdbx_audit_revision_details.revision_ordinal    1 
_pdbx_audit_revision_details.data_content_type   'Structure model' 
_pdbx_audit_revision_details.provider            repository 
_pdbx_audit_revision_details.type                'Initial release' 
_pdbx_audit_revision_details.description         ? 
_pdbx_audit_revision_details.details             ? 
# 
loop_
_pdbx_audit_revision_group.ordinal 
_pdbx_audit_revision_group.revision_ordinal 
_pdbx_audit_revision_group.data_content_type 
_pdbx_audit_revision_group.group 
1  2 'Structure model' 'Version format compliance' 
2  3 'Structure model' 'Version format compliance' 
3  4 'Structure model' 'Data collection'           
4  5 'Structure model' Advisory                    
5  5 'Structure model' 'Data collection'           
6  5 'Structure model' 'Database references'       
7  5 'Structure model' 'Derived calculations'      
8  5 'Structure model' Other                       
9  5 'Structure model' 'Refinement description'    
10 6 'Structure model' 'Structure summary'         
# 
loop_
_pdbx_audit_revision_category.ordinal 
_pdbx_audit_revision_category.revision_ordinal 
_pdbx_audit_revision_category.data_content_type 
_pdbx_audit_revision_category.category 
1  4 'Structure model' diffrn_source                 
2  5 'Structure model' chem_comp_atom                
3  5 'Structure model' chem_comp_bond                
4  5 'Structure model' database_2                    
5  5 'Structure model' pdbx_database_status          
6  5 'Structure model' pdbx_initial_refinement_model 
7  5 'Structure model' pdbx_unobs_or_zero_occ_atoms  
8  5 'Structure model' struct_conn                   
9  6 'Structure model' pdbx_entry_details            
10 6 'Structure model' pdbx_modification_feature     
# 
loop_
_pdbx_audit_revision_item.ordinal 
_pdbx_audit_revision_item.revision_ordinal 
_pdbx_audit_revision_item.data_content_type 
_pdbx_audit_revision_item.item 
1 4 'Structure model' '_diffrn_source.type'                          
2 5 'Structure model' '_database_2.pdbx_DOI'                         
3 5 'Structure model' '_database_2.pdbx_database_accession'          
4 5 'Structure model' '_pdbx_database_status.status_code_sf'         
5 5 'Structure model' '_struct_conn.pdbx_leaving_atom_flag'          
6 6 'Structure model' '_pdbx_entry_details.has_protein_modification' 
# 
_pdbx_database_status.status_code                     REL 
_pdbx_database_status.entry_id                        1H9O 
_pdbx_database_status.deposit_site                    PDBE 
_pdbx_database_status.process_site                    PDBE 
_pdbx_database_status.SG_entry                        . 
_pdbx_database_status.recvd_initial_deposition_date   2001-03-14 
_pdbx_database_status.pdb_format_compatible           Y 
_pdbx_database_status.status_code_sf                  REL 
_pdbx_database_status.status_code_mr                  ? 
_pdbx_database_status.status_code_cs                  ? 
_pdbx_database_status.methods_development_category    ? 
_pdbx_database_status.status_code_nmr_data            ? 
# 
loop_
_pdbx_database_related.db_name 
_pdbx_database_related.db_id 
_pdbx_database_related.content_type 
_pdbx_database_related.details 
PDB 1A0N unspecified 
;NMR STUDY OF THE SH3 DOMAIN FROM FYN PROTO-ONCOGENE TYROSINE KINASE COMPLEXED WITH THE SYNTHETIC PEPTIDE P2L CORRESPONDING TO RESIDUES 91-104 OF THE P85 SUBUNIT OF PI3-KINASE, FAMILY OF 25 STRUCTURES
;
PDB 1AZG unspecified 
;NMR STUDY OF THE SH3 DOMAIN FROM FYN PROTO-ONCOGENE TYROSINE KINASE KINASE COMPLEXED WITH THE SYNTHETIC PEPTIDE P2L CORRESPONDING TO RESIDUES 91-104 OF THE P85 SUBUNIT OF PI3-KINASE, MINIMIZED AVERAGE (PROBMAP) STRUCTURE
;
PDB 1PBW unspecified 'STRUCTURE OF BCR-HOMOLOGY (BH) DOMAIN' 
PDB 1PHT unspecified 'PHOSPHATIDYLINOSITOL 3-KINASE P85-ALPHA SUBUNIT SH3 DOMAIN, RESIDUES 1-85' 
PDB 1PIC unspecified 
;PHOSPHATIDYLINOSITOL 3-KINASE, P85-ALPHA SUBUNIT: C-TERMINAL SH2 DOMAIN COMPLEXED WITH A TYR751 PHOSPHOPEPTIDE FROM THE PDGF RECEPTOR, NMR, MINIMIZED MEAN STRUCTURE
;
PDB 1PKS unspecified 'PHOSPHATIDYLINOSITOL 3-KINASE (PI3K) (SH3 DOMAIN) (NMR, MINIMIZED AVERAGE STRUCTURE)' 
PDB 1PKT unspecified 'PHOSPHATIDYLINOSITOL 3-KINASE (PI3K) (SH3 DOMAIN) (NMR, 30 STRUCTURES)' 
# 
loop_
_audit_author.name 
_audit_author.pdbx_ordinal 
'Pauptit, R.A.'    1 
'Rowsell, S.'      2 
'Breeze, A.L.'     3 
'Murshudov, G.N.'  4 
'Dennis, C.A.'     5 
'Derbyshire, D.J.' 6 
'Weston, S.A.'     7 
# 
_citation.id                        primary 
_citation.title                     
'NMR Trial Models: Experiences with the Colicin Immunity Protein Im7 and the P85Alpha C-Terminal Sh2-Peptide Complex' 
_citation.journal_abbrev            'Acta Crystallogr.,Sect.D' 
_citation.journal_volume            57 
_citation.page_first                1397 
_citation.page_last                 ? 
_citation.year                      2001 
_citation.journal_id_ASTM           ABCRE6 
_citation.country                   DK 
_citation.journal_id_ISSN           0907-4449 
_citation.journal_id_CSD            0766 
_citation.book_publisher            ? 
_citation.pdbx_database_id_PubMed   11567151 
_citation.pdbx_database_id_DOI      10.1107/S0907444901012434 
# 
loop_
_citation_author.citation_id 
_citation_author.name 
_citation_author.ordinal 
_citation_author.identifier_ORCID 
primary 'Pauptit, R.A.'    1 ? 
primary 'Dennis, C.A.'     2 ? 
primary 'Derbyshire, D.J.' 3 ? 
primary 'Breeze, A.L.'     4 ? 
primary 'Weston, S.A.'     5 ? 
primary 'Rowsell, S.'      6 ? 
primary 'Murshudov, G.N.'  7 ? 
# 
loop_
_entity.id 
_entity.type 
_entity.src_method 
_entity.pdbx_description 
_entity.formula_weight 
_entity.pdbx_number_of_molecules 
_entity.pdbx_ec 
_entity.pdbx_mutation 
_entity.pdbx_fragment 
_entity.details 
1 polymer man 'PHOSPHATIDYLINOSITOL 3-KINASE'                12612.094 1   ? ? 
'C-TERMINAL SH2 DOMAIN, P85-ALPHA REGULATORY SUBUNIT RESIDUES 617 - 724' 
'CONTAINS AN N-TERMINAL EXTENSION (GSPI) DERIVED FROM THE RECOMBINANT EXPRESSION VECTOR' 
2 polymer syn 'BETA-PLATELET-DERIVED GROWTH FACTOR RECEPTOR' 701.767   1   ? ? 'RESIDUES 751 - 755' 
'TYROSINE-PHOSPHORYLATED PENTAPEPTIDE'                                                   
3 water   nat water                                          18.015    110 ? ? ? ? 
# 
loop_
_entity_poly.entity_id 
_entity_poly.type 
_entity_poly.nstd_linkage 
_entity_poly.nstd_monomer 
_entity_poly.pdbx_seq_one_letter_code 
_entity_poly.pdbx_seq_one_letter_code_can 
_entity_poly.pdbx_strand_id 
_entity_poly.pdbx_target_identifier 
1 'polypeptide(L)' no no  
;GSPIPHHDEKTWNVGSSNRNKAENLLRGKRDGTFLVRESSKQGCYACSVVVDGEVKHCVINKTATGYGFAEPYNLYSSLK
ELVLHYQHTSLVQHNDSLNVTLAYPVYAQQRR
;
;GSPIPHHDEKTWNVGSSNRNKAENLLRGKRDGTFLVRESSKQGCYACSVVVDGEVKHCVINKTATGYGFAEPYNLYSSLK
ELVLHYQHTSLVQHNDSLNVTLAYPVYAQQRR
;
A ? 
2 'polypeptide(L)' no yes '(PTR)VPML' YVPML B ? 
# 
_pdbx_entity_nonpoly.entity_id   3 
_pdbx_entity_nonpoly.name        water 
_pdbx_entity_nonpoly.comp_id     HOH 
# 
loop_
_entity_poly_seq.entity_id 
_entity_poly_seq.num 
_entity_poly_seq.mon_id 
_entity_poly_seq.hetero 
1 1   GLY n 
1 2   SER n 
1 3   PRO n 
1 4   ILE n 
1 5   PRO n 
1 6   HIS n 
1 7   HIS n 
1 8   ASP n 
1 9   GLU n 
1 10  LYS n 
1 11  THR n 
1 12  TRP n 
1 13  ASN n 
1 14  VAL n 
1 15  GLY n 
1 16  SER n 
1 17  SER n 
1 18  ASN n 
1 19  ARG n 
1 20  ASN n 
1 21  LYS n 
1 22  ALA n 
1 23  GLU n 
1 24  ASN n 
1 25  LEU n 
1 26  LEU n 
1 27  ARG n 
1 28  GLY n 
1 29  LYS n 
1 30  ARG n 
1 31  ASP n 
1 32  GLY n 
1 33  THR n 
1 34  PHE n 
1 35  LEU n 
1 36  VAL n 
1 37  ARG n 
1 38  GLU n 
1 39  SER n 
1 40  SER n 
1 41  LYS n 
1 42  GLN n 
1 43  GLY n 
1 44  CYS n 
1 45  TYR n 
1 46  ALA n 
1 47  CYS n 
1 48  SER n 
1 49  VAL n 
1 50  VAL n 
1 51  VAL n 
1 52  ASP n 
1 53  GLY n 
1 54  GLU n 
1 55  VAL n 
1 56  LYS n 
1 57  HIS n 
1 58  CYS n 
1 59  VAL n 
1 60  ILE n 
1 61  ASN n 
1 62  LYS n 
1 63  THR n 
1 64  ALA n 
1 65  THR n 
1 66  GLY n 
1 67  TYR n 
1 68  GLY n 
1 69  PHE n 
1 70  ALA n 
1 71  GLU n 
1 72  PRO n 
1 73  TYR n 
1 74  ASN n 
1 75  LEU n 
1 76  TYR n 
1 77  SER n 
1 78  SER n 
1 79  LEU n 
1 80  LYS n 
1 81  GLU n 
1 82  LEU n 
1 83  VAL n 
1 84  LEU n 
1 85  HIS n 
1 86  TYR n 
1 87  GLN n 
1 88  HIS n 
1 89  THR n 
1 90  SER n 
1 91  LEU n 
1 92  VAL n 
1 93  GLN n 
1 94  HIS n 
1 95  ASN n 
1 96  ASP n 
1 97  SER n 
1 98  LEU n 
1 99  ASN n 
1 100 VAL n 
1 101 THR n 
1 102 LEU n 
1 103 ALA n 
1 104 TYR n 
1 105 PRO n 
1 106 VAL n 
1 107 TYR n 
1 108 ALA n 
1 109 GLN n 
1 110 GLN n 
1 111 ARG n 
1 112 ARG n 
2 1   PTR n 
2 2   VAL n 
2 3   PRO n 
2 4   MET n 
2 5   LEU n 
# 
_entity_src_gen.entity_id                          1 
_entity_src_gen.pdbx_src_id                        1 
_entity_src_gen.pdbx_alt_source_flag               sample 
_entity_src_gen.pdbx_seq_type                      ? 
_entity_src_gen.pdbx_beg_seq_num                   ? 
_entity_src_gen.pdbx_end_seq_num                   ? 
_entity_src_gen.gene_src_common_name               HUMAN 
_entity_src_gen.gene_src_genus                     ? 
_entity_src_gen.pdbx_gene_src_gene                 ? 
_entity_src_gen.gene_src_species                   ? 
_entity_src_gen.gene_src_strain                    ? 
_entity_src_gen.gene_src_tissue                    ? 
_entity_src_gen.gene_src_tissue_fraction           ? 
_entity_src_gen.gene_src_details                   ? 
_entity_src_gen.pdbx_gene_src_fragment             ? 
_entity_src_gen.pdbx_gene_src_scientific_name      'HOMO SAPIENS' 
_entity_src_gen.pdbx_gene_src_ncbi_taxonomy_id     9606 
_entity_src_gen.pdbx_gene_src_variant              ? 
_entity_src_gen.pdbx_gene_src_cell_line            ? 
_entity_src_gen.pdbx_gene_src_atcc                 ? 
_entity_src_gen.pdbx_gene_src_organ                ? 
_entity_src_gen.pdbx_gene_src_organelle            ? 
_entity_src_gen.pdbx_gene_src_cell                 ? 
_entity_src_gen.pdbx_gene_src_cellular_location    ? 
_entity_src_gen.host_org_common_name               ? 
_entity_src_gen.pdbx_host_org_scientific_name      'ESCHERICHIA COLI' 
_entity_src_gen.pdbx_host_org_ncbi_taxonomy_id     562 
_entity_src_gen.host_org_genus                     ? 
_entity_src_gen.pdbx_host_org_gene                 ? 
_entity_src_gen.pdbx_host_org_organ                ? 
_entity_src_gen.host_org_species                   ? 
_entity_src_gen.pdbx_host_org_tissue               ? 
_entity_src_gen.pdbx_host_org_tissue_fraction      ? 
_entity_src_gen.pdbx_host_org_strain               'W3110 (CGSC 6564)' 
_entity_src_gen.pdbx_host_org_variant              ? 
_entity_src_gen.pdbx_host_org_cell_line            ? 
_entity_src_gen.pdbx_host_org_atcc                 ? 
_entity_src_gen.pdbx_host_org_culture_collection   ? 
_entity_src_gen.pdbx_host_org_cell                 ? 
_entity_src_gen.pdbx_host_org_organelle            ? 
_entity_src_gen.pdbx_host_org_cellular_location    ? 
_entity_src_gen.pdbx_host_org_vector_type          ? 
_entity_src_gen.pdbx_host_org_vector               ? 
_entity_src_gen.host_org_details                   ? 
_entity_src_gen.expression_system_id               ? 
_entity_src_gen.plasmid_name                       ? 
_entity_src_gen.plasmid_details                    ? 
_entity_src_gen.pdbx_description                   ? 
# 
_pdbx_entity_src_syn.entity_id              2 
_pdbx_entity_src_syn.pdbx_src_id            1 
_pdbx_entity_src_syn.pdbx_alt_source_flag   sample 
_pdbx_entity_src_syn.pdbx_beg_seq_num       ? 
_pdbx_entity_src_syn.pdbx_end_seq_num       ? 
_pdbx_entity_src_syn.organism_scientific    'HOMO SAPIENS' 
_pdbx_entity_src_syn.organism_common_name   HUMAN 
_pdbx_entity_src_syn.ncbi_taxonomy_id       9606 
_pdbx_entity_src_syn.details                ? 
# 
loop_
_chem_comp.id 
_chem_comp.type 
_chem_comp.mon_nstd_flag 
_chem_comp.name 
_chem_comp.pdbx_synonyms 
_chem_comp.formula 
_chem_comp.formula_weight 
ALA 'L-peptide linking' y ALANINE           ?                 'C3 H7 N O2'     89.093  
ARG 'L-peptide linking' y ARGININE          ?                 'C6 H15 N4 O2 1' 175.209 
ASN 'L-peptide linking' y ASPARAGINE        ?                 'C4 H8 N2 O3'    132.118 
ASP 'L-peptide linking' y 'ASPARTIC ACID'   ?                 'C4 H7 N O4'     133.103 
CYS 'L-peptide linking' y CYSTEINE          ?                 'C3 H7 N O2 S'   121.158 
GLN 'L-peptide linking' y GLUTAMINE         ?                 'C5 H10 N2 O3'   146.144 
GLU 'L-peptide linking' y 'GLUTAMIC ACID'   ?                 'C5 H9 N O4'     147.129 
GLY 'peptide linking'   y GLYCINE           ?                 'C2 H5 N O2'     75.067  
HIS 'L-peptide linking' y HISTIDINE         ?                 'C6 H10 N3 O2 1' 156.162 
HOH non-polymer         . WATER             ?                 'H2 O'           18.015  
ILE 'L-peptide linking' y ISOLEUCINE        ?                 'C6 H13 N O2'    131.173 
LEU 'L-peptide linking' y LEUCINE           ?                 'C6 H13 N O2'    131.173 
LYS 'L-peptide linking' y LYSINE            ?                 'C6 H15 N2 O2 1' 147.195 
MET 'L-peptide linking' y METHIONINE        ?                 'C5 H11 N O2 S'  149.211 
PHE 'L-peptide linking' y PHENYLALANINE     ?                 'C9 H11 N O2'    165.189 
PRO 'L-peptide linking' y PROLINE           ?                 'C5 H9 N O2'     115.130 
PTR 'L-peptide linking' n O-PHOSPHOTYROSINE PHOSPHONOTYROSINE 'C9 H12 N O6 P'  261.168 
SER 'L-peptide linking' y SERINE            ?                 'C3 H7 N O3'     105.093 
THR 'L-peptide linking' y THREONINE         ?                 'C4 H9 N O3'     119.119 
TRP 'L-peptide linking' y TRYPTOPHAN        ?                 'C11 H12 N2 O2'  204.225 
TYR 'L-peptide linking' y TYROSINE          ?                 'C9 H11 N O3'    181.189 
VAL 'L-peptide linking' y VALINE            ?                 'C5 H11 N O2'    117.146 
# 
loop_
_pdbx_poly_seq_scheme.asym_id 
_pdbx_poly_seq_scheme.entity_id 
_pdbx_poly_seq_scheme.seq_id 
_pdbx_poly_seq_scheme.mon_id 
_pdbx_poly_seq_scheme.ndb_seq_num 
_pdbx_poly_seq_scheme.pdb_seq_num 
_pdbx_poly_seq_scheme.auth_seq_num 
_pdbx_poly_seq_scheme.pdb_mon_id 
_pdbx_poly_seq_scheme.auth_mon_id 
_pdbx_poly_seq_scheme.pdb_strand_id 
_pdbx_poly_seq_scheme.pdb_ins_code 
_pdbx_poly_seq_scheme.hetero 
A 1 1   GLY 1   1   1   GLY GLY A . n 
A 1 2   SER 2   2   2   SER SER A . n 
A 1 3   PRO 3   3   3   PRO PRO A . n 
A 1 4   ILE 4   4   4   ILE ILE A . n 
A 1 5   PRO 5   5   5   PRO PRO A . n 
A 1 6   HIS 6   6   6   HIS HIS A . n 
A 1 7   HIS 7   7   7   HIS HIS A . n 
A 1 8   ASP 8   8   8   ASP ASP A . n 
A 1 9   GLU 9   9   9   GLU GLU A . n 
A 1 10  LYS 10  10  10  LYS LYS A . n 
A 1 11  THR 11  11  11  THR THR A . n 
A 1 12  TRP 12  12  12  TRP TRP A . n 
A 1 13  ASN 13  13  13  ASN ASN A . n 
A 1 14  VAL 14  14  14  VAL VAL A . n 
A 1 15  GLY 15  15  15  GLY GLY A . n 
A 1 16  SER 16  16  16  SER SER A . n 
A 1 17  SER 17  17  17  SER SER A . n 
A 1 18  ASN 18  18  18  ASN ASN A . n 
A 1 19  ARG 19  19  19  ARG ARG A . n 
A 1 20  ASN 20  20  20  ASN ASN A . n 
A 1 21  LYS 21  21  21  LYS LYS A . n 
A 1 22  ALA 22  22  22  ALA ALA A . n 
A 1 23  GLU 23  23  23  GLU GLU A . n 
A 1 24  ASN 24  24  24  ASN ASN A . n 
A 1 25  LEU 25  25  25  LEU LEU A . n 
A 1 26  LEU 26  26  26  LEU LEU A . n 
A 1 27  ARG 27  27  27  ARG ARG A . n 
A 1 28  GLY 28  28  28  GLY GLY A . n 
A 1 29  LYS 29  29  29  LYS LYS A . n 
A 1 30  ARG 30  30  30  ARG ARG A . n 
A 1 31  ASP 31  31  31  ASP ASP A . n 
A 1 32  GLY 32  32  32  GLY GLY A . n 
A 1 33  THR 33  33  33  THR THR A . n 
A 1 34  PHE 34  34  34  PHE PHE A . n 
A 1 35  LEU 35  35  35  LEU LEU A . n 
A 1 36  VAL 36  36  36  VAL VAL A . n 
A 1 37  ARG 37  37  37  ARG ARG A . n 
A 1 38  GLU 38  38  38  GLU GLU A . n 
A 1 39  SER 39  39  39  SER SER A . n 
A 1 40  SER 40  40  40  SER SER A . n 
A 1 41  LYS 41  41  41  LYS LYS A . n 
A 1 42  GLN 42  42  42  GLN GLN A . n 
A 1 43  GLY 43  43  43  GLY GLY A . n 
A 1 44  CYS 44  44  44  CYS CYS A . n 
A 1 45  TYR 45  45  45  TYR TYR A . n 
A 1 46  ALA 46  46  46  ALA ALA A . n 
A 1 47  CYS 47  47  47  CYS CYS A . n 
A 1 48  SER 48  48  48  SER SER A . n 
A 1 49  VAL 49  49  49  VAL VAL A . n 
A 1 50  VAL 50  50  50  VAL VAL A . n 
A 1 51  VAL 51  51  51  VAL VAL A . n 
A 1 52  ASP 52  52  52  ASP ASP A . n 
A 1 53  GLY 53  53  53  GLY GLY A . n 
A 1 54  GLU 54  54  54  GLU GLU A . n 
A 1 55  VAL 55  55  55  VAL VAL A . n 
A 1 56  LYS 56  56  56  LYS LYS A . n 
A 1 57  HIS 57  57  57  HIS HIS A . n 
A 1 58  CYS 58  58  58  CYS CYS A . n 
A 1 59  VAL 59  59  59  VAL VAL A . n 
A 1 60  ILE 60  60  60  ILE ILE A . n 
A 1 61  ASN 61  61  61  ASN ASN A . n 
A 1 62  LYS 62  62  62  LYS LYS A . n 
A 1 63  THR 63  63  63  THR THR A . n 
A 1 64  ALA 64  64  64  ALA ALA A . n 
A 1 65  THR 65  65  65  THR THR A . n 
A 1 66  GLY 66  66  66  GLY GLY A . n 
A 1 67  TYR 67  67  67  TYR TYR A . n 
A 1 68  GLY 68  68  68  GLY GLY A . n 
A 1 69  PHE 69  69  69  PHE PHE A . n 
A 1 70  ALA 70  70  70  ALA ALA A . n 
A 1 71  GLU 71  71  71  GLU GLU A . n 
A 1 72  PRO 72  72  72  PRO PRO A . n 
A 1 73  TYR 73  73  73  TYR TYR A . n 
A 1 74  ASN 74  74  74  ASN ASN A . n 
A 1 75  LEU 75  75  75  LEU LEU A . n 
A 1 76  TYR 76  76  76  TYR TYR A . n 
A 1 77  SER 77  77  77  SER SER A . n 
A 1 78  SER 78  78  78  SER SER A . n 
A 1 79  LEU 79  79  79  LEU LEU A . n 
A 1 80  LYS 80  80  80  LYS LYS A . n 
A 1 81  GLU 81  81  81  GLU GLU A . n 
A 1 82  LEU 82  82  82  LEU LEU A . n 
A 1 83  VAL 83  83  83  VAL VAL A . n 
A 1 84  LEU 84  84  84  LEU LEU A . n 
A 1 85  HIS 85  85  85  HIS HIS A . n 
A 1 86  TYR 86  86  86  TYR TYR A . n 
A 1 87  GLN 87  87  87  GLN GLN A . n 
A 1 88  HIS 88  88  88  HIS HIS A . n 
A 1 89  THR 89  89  89  THR THR A . n 
A 1 90  SER 90  90  90  SER SER A . n 
A 1 91  LEU 91  91  91  LEU LEU A . n 
A 1 92  VAL 92  92  92  VAL VAL A . n 
A 1 93  GLN 93  93  93  GLN GLN A . n 
A 1 94  HIS 94  94  94  HIS HIS A . n 
A 1 95  ASN 95  95  95  ASN ASN A . n 
A 1 96  ASP 96  96  96  ASP ASP A . n 
A 1 97  SER 97  97  97  SER SER A . n 
A 1 98  LEU 98  98  98  LEU LEU A . n 
A 1 99  ASN 99  99  99  ASN ASN A . n 
A 1 100 VAL 100 100 100 VAL VAL A . n 
A 1 101 THR 101 101 101 THR THR A . n 
A 1 102 LEU 102 102 102 LEU LEU A . n 
A 1 103 ALA 103 103 103 ALA ALA A . n 
A 1 104 TYR 104 104 104 TYR TYR A . n 
A 1 105 PRO 105 105 105 PRO PRO A . n 
A 1 106 VAL 106 106 106 VAL VAL A . n 
A 1 107 TYR 107 107 107 TYR TYR A . n 
A 1 108 ALA 108 108 108 ALA ALA A . n 
A 1 109 GLN 109 109 109 GLN GLN A . n 
A 1 110 GLN 110 110 ?   ?   ?   A . n 
A 1 111 ARG 111 111 ?   ?   ?   A . n 
A 1 112 ARG 112 112 ?   ?   ?   A . n 
B 2 1   PTR 1   1   1   PTR PTR B . n 
B 2 2   VAL 2   2   2   VAL VAL B . n 
B 2 3   PRO 3   3   3   PRO PRO B . n 
B 2 4   MET 4   4   4   MET MET B . n 
B 2 5   LEU 5   5   5   LEU LEU B . n 
# 
loop_
_pdbx_nonpoly_scheme.asym_id 
_pdbx_nonpoly_scheme.entity_id 
_pdbx_nonpoly_scheme.mon_id 
_pdbx_nonpoly_scheme.ndb_seq_num 
_pdbx_nonpoly_scheme.pdb_seq_num 
_pdbx_nonpoly_scheme.auth_seq_num 
_pdbx_nonpoly_scheme.pdb_mon_id 
_pdbx_nonpoly_scheme.auth_mon_id 
_pdbx_nonpoly_scheme.pdb_strand_id 
_pdbx_nonpoly_scheme.pdb_ins_code 
C 3 HOH 1   2001 2001 HOH HOH A . 
C 3 HOH 2   2002 2002 HOH HOH A . 
C 3 HOH 3   2003 2003 HOH HOH A . 
C 3 HOH 4   2004 2004 HOH HOH A . 
C 3 HOH 5   2005 2005 HOH HOH A . 
C 3 HOH 6   2006 2006 HOH HOH A . 
C 3 HOH 7   2007 2007 HOH HOH A . 
C 3 HOH 8   2008 2008 HOH HOH A . 
C 3 HOH 9   2009 2009 HOH HOH A . 
C 3 HOH 10  2010 2010 HOH HOH A . 
C 3 HOH 11  2011 2011 HOH HOH A . 
C 3 HOH 12  2012 2012 HOH HOH A . 
C 3 HOH 13  2013 2013 HOH HOH A . 
C 3 HOH 14  2014 2014 HOH HOH A . 
C 3 HOH 15  2015 2015 HOH HOH A . 
C 3 HOH 16  2016 2016 HOH HOH A . 
C 3 HOH 17  2017 2017 HOH HOH A . 
C 3 HOH 18  2018 2018 HOH HOH A . 
C 3 HOH 19  2019 2019 HOH HOH A . 
C 3 HOH 20  2020 2020 HOH HOH A . 
C 3 HOH 21  2021 2021 HOH HOH A . 
C 3 HOH 22  2022 2022 HOH HOH A . 
C 3 HOH 23  2023 2023 HOH HOH A . 
C 3 HOH 24  2024 2024 HOH HOH A . 
C 3 HOH 25  2025 2025 HOH HOH A . 
C 3 HOH 26  2026 2026 HOH HOH A . 
C 3 HOH 27  2027 2027 HOH HOH A . 
C 3 HOH 28  2028 2028 HOH HOH A . 
C 3 HOH 29  2029 2029 HOH HOH A . 
C 3 HOH 30  2030 2030 HOH HOH A . 
C 3 HOH 31  2031 2031 HOH HOH A . 
C 3 HOH 32  2032 2032 HOH HOH A . 
C 3 HOH 33  2033 2033 HOH HOH A . 
C 3 HOH 34  2034 2034 HOH HOH A . 
C 3 HOH 35  2035 2035 HOH HOH A . 
C 3 HOH 36  2036 2036 HOH HOH A . 
C 3 HOH 37  2037 2037 HOH HOH A . 
C 3 HOH 38  2038 2038 HOH HOH A . 
C 3 HOH 39  2039 2039 HOH HOH A . 
C 3 HOH 40  2040 2040 HOH HOH A . 
C 3 HOH 41  2041 2041 HOH HOH A . 
C 3 HOH 42  2042 2042 HOH HOH A . 
C 3 HOH 43  2043 2043 HOH HOH A . 
C 3 HOH 44  2044 2044 HOH HOH A . 
C 3 HOH 45  2045 2045 HOH HOH A . 
C 3 HOH 46  2046 2046 HOH HOH A . 
C 3 HOH 47  2047 2047 HOH HOH A . 
C 3 HOH 48  2048 2048 HOH HOH A . 
C 3 HOH 49  2049 2049 HOH HOH A . 
C 3 HOH 50  2050 2050 HOH HOH A . 
C 3 HOH 51  2051 2051 HOH HOH A . 
C 3 HOH 52  2052 2052 HOH HOH A . 
C 3 HOH 53  2053 2053 HOH HOH A . 
C 3 HOH 54  2054 2054 HOH HOH A . 
C 3 HOH 55  2055 2055 HOH HOH A . 
C 3 HOH 56  2056 2056 HOH HOH A . 
C 3 HOH 57  2057 2057 HOH HOH A . 
C 3 HOH 58  2058 2058 HOH HOH A . 
C 3 HOH 59  2059 2059 HOH HOH A . 
C 3 HOH 60  2060 2060 HOH HOH A . 
C 3 HOH 61  2061 2061 HOH HOH A . 
C 3 HOH 62  2062 2062 HOH HOH A . 
C 3 HOH 63  2063 2063 HOH HOH A . 
C 3 HOH 64  2064 2064 HOH HOH A . 
C 3 HOH 65  2065 2065 HOH HOH A . 
C 3 HOH 66  2066 2066 HOH HOH A . 
C 3 HOH 67  2067 2067 HOH HOH A . 
C 3 HOH 68  2068 2068 HOH HOH A . 
C 3 HOH 69  2069 2069 HOH HOH A . 
C 3 HOH 70  2070 2070 HOH HOH A . 
C 3 HOH 71  2071 2071 HOH HOH A . 
C 3 HOH 72  2072 2072 HOH HOH A . 
C 3 HOH 73  2073 2073 HOH HOH A . 
C 3 HOH 74  2074 2074 HOH HOH A . 
C 3 HOH 75  2075 2075 HOH HOH A . 
C 3 HOH 76  2076 2076 HOH HOH A . 
C 3 HOH 77  2077 2077 HOH HOH A . 
C 3 HOH 78  2078 2078 HOH HOH A . 
C 3 HOH 79  2079 2079 HOH HOH A . 
C 3 HOH 80  2080 2080 HOH HOH A . 
C 3 HOH 81  2081 2081 HOH HOH A . 
C 3 HOH 82  2082 2082 HOH HOH A . 
C 3 HOH 83  2083 2083 HOH HOH A . 
C 3 HOH 84  2084 2084 HOH HOH A . 
C 3 HOH 85  2085 2085 HOH HOH A . 
C 3 HOH 86  2086 2086 HOH HOH A . 
C 3 HOH 87  2087 2087 HOH HOH A . 
C 3 HOH 88  2088 2088 HOH HOH A . 
C 3 HOH 89  2089 2089 HOH HOH A . 
C 3 HOH 90  2090 2090 HOH HOH A . 
C 3 HOH 91  2091 2091 HOH HOH A . 
C 3 HOH 92  2092 2092 HOH HOH A . 
C 3 HOH 93  2093 2093 HOH HOH A . 
C 3 HOH 94  2094 2094 HOH HOH A . 
C 3 HOH 95  2095 2095 HOH HOH A . 
C 3 HOH 96  2096 2096 HOH HOH A . 
C 3 HOH 97  2097 2097 HOH HOH A . 
C 3 HOH 98  2098 2098 HOH HOH A . 
C 3 HOH 99  2099 2099 HOH HOH A . 
C 3 HOH 100 2100 2100 HOH HOH A . 
C 3 HOH 101 2101 2101 HOH HOH A . 
C 3 HOH 102 2102 2102 HOH HOH A . 
C 3 HOH 103 2103 2103 HOH HOH A . 
D 3 HOH 1   2001 2001 HOH HOH B . 
D 3 HOH 2   2002 2002 HOH HOH B . 
D 3 HOH 3   2003 2003 HOH HOH B . 
D 3 HOH 4   2004 2004 HOH HOH B . 
D 3 HOH 5   2005 2005 HOH HOH B . 
D 3 HOH 6   2006 2006 HOH HOH B . 
D 3 HOH 7   2007 2007 HOH HOH B . 
# 
loop_
_pdbx_unobs_or_zero_occ_atoms.id 
_pdbx_unobs_or_zero_occ_atoms.PDB_model_num 
_pdbx_unobs_or_zero_occ_atoms.polymer_flag 
_pdbx_unobs_or_zero_occ_atoms.occupancy_flag 
_pdbx_unobs_or_zero_occ_atoms.auth_asym_id 
_pdbx_unobs_or_zero_occ_atoms.auth_comp_id 
_pdbx_unobs_or_zero_occ_atoms.auth_seq_id 
_pdbx_unobs_or_zero_occ_atoms.PDB_ins_code 
_pdbx_unobs_or_zero_occ_atoms.auth_atom_id 
_pdbx_unobs_or_zero_occ_atoms.label_alt_id 
_pdbx_unobs_or_zero_occ_atoms.label_asym_id 
_pdbx_unobs_or_zero_occ_atoms.label_comp_id 
_pdbx_unobs_or_zero_occ_atoms.label_seq_id 
_pdbx_unobs_or_zero_occ_atoms.label_atom_id 
1  1 Y 0 A LYS 41  ? CG  ? A LYS 41  CG  
2  1 Y 0 A LYS 41  ? CD  ? A LYS 41  CD  
3  1 Y 0 A LYS 41  ? CE  ? A LYS 41  CE  
4  1 Y 0 A LYS 41  ? NZ  ? A LYS 41  NZ  
5  1 Y 0 A LYS 62  ? NZ  ? A LYS 62  NZ  
6  1 Y 1 A GLN 109 ? CA  ? A GLN 109 CA  
7  1 Y 1 A GLN 109 ? C   ? A GLN 109 C   
8  1 Y 1 A GLN 109 ? O   ? A GLN 109 O   
9  1 Y 1 A GLN 109 ? CB  ? A GLN 109 CB  
10 1 Y 1 A GLN 109 ? CG  ? A GLN 109 CG  
11 1 Y 1 A GLN 109 ? CD  ? A GLN 109 CD  
12 1 Y 1 A GLN 109 ? OE1 ? A GLN 109 OE1 
13 1 Y 1 A GLN 109 ? NE2 ? A GLN 109 NE2 
# 
loop_
_software.name 
_software.classification 
_software.version 
_software.citation_id 
_software.pdbx_ordinal 
REFMAC refinement       . ? 1 
XDS    'data reduction' . ? 2 
XDS    'data scaling'   . ? 3 
AMoRE  phasing          . ? 4 
# 
_cell.entry_id           1H9O 
_cell.length_a           59.000 
_cell.length_b           32.800 
_cell.length_c           54.900 
_cell.angle_alpha        90.00 
_cell.angle_beta         96.20 
_cell.angle_gamma        90.00 
_cell.Z_PDB              4 
_cell.pdbx_unique_axis   ? 
# 
_symmetry.entry_id                         1H9O 
_symmetry.space_group_name_H-M             'C 1 2 1' 
_symmetry.pdbx_full_space_group_name_H-M   ? 
_symmetry.cell_setting                     ? 
_symmetry.Int_Tables_number                5 
# 
_exptl.entry_id          1H9O 
_exptl.method            'X-RAY DIFFRACTION' 
_exptl.crystals_number   1 
# 
_exptl_crystal.id                    1 
_exptl_crystal.density_meas          ? 
_exptl_crystal.density_Matthews      2.1 
_exptl_crystal.density_percent_sol   43 
_exptl_crystal.description           'NMR TRIAL MODEL' 
# 
_exptl_crystal_grow.crystal_id      1 
_exptl_crystal_grow.method          ? 
_exptl_crystal_grow.temp            ? 
_exptl_crystal_grow.temp_details    ? 
_exptl_crystal_grow.pH              7.00 
_exptl_crystal_grow.pdbx_pH_range   ? 
_exptl_crystal_grow.pdbx_details    
'40MG/ML PROTEIN IN 20 MM PHOSPHATE PH6.2 + PEG8000, RESERVOIR WITH SAME PHOSPHATE + PEG8000 + 250MM NACL, pH 7.00' 
# 
_diffrn.id                     1 
_diffrn.ambient_temp           287.0 
_diffrn.ambient_temp_details   ? 
_diffrn.crystal_id             1 
# 
_diffrn_detector.diffrn_id              1 
_diffrn_detector.detector               'IMAGE PLATE' 
_diffrn_detector.type                   MARRESEARCH 
_diffrn_detector.pdbx_collection_date   1995-09-15 
_diffrn_detector.details                ? 
# 
_diffrn_radiation.diffrn_id                        1 
_diffrn_radiation.wavelength_id                    1 
_diffrn_radiation.pdbx_monochromatic_or_laue_m_l   M 
_diffrn_radiation.monochromator                    GRAPHITE 
_diffrn_radiation.pdbx_diffrn_protocol             'SINGLE WAVELENGTH' 
_diffrn_radiation.pdbx_scattering_type             x-ray 
# 
_diffrn_radiation_wavelength.id           1 
_diffrn_radiation_wavelength.wavelength   1.5418 
_diffrn_radiation_wavelength.wt           1.0 
# 
_diffrn_source.diffrn_id                   1 
_diffrn_source.source                      'ROTATING ANODE' 
_diffrn_source.type                        'ENRAF-NONIUS FR571' 
_diffrn_source.pdbx_synchrotron_site       ? 
_diffrn_source.pdbx_synchrotron_beamline   ? 
_diffrn_source.pdbx_wavelength             1.5418 
_diffrn_source.pdbx_wavelength_list        ? 
# 
_reflns.pdbx_diffrn_id               1 
_reflns.pdbx_ordinal                 1 
_reflns.entry_id                     1H9O 
_reflns.observed_criterion_sigma_I   0.000 
_reflns.observed_criterion_sigma_F   ? 
_reflns.d_resolution_low             54.000 
_reflns.d_resolution_high            1.790 
_reflns.number_obs                   9283 
_reflns.number_all                   ? 
_reflns.percent_possible_obs         93.0 
_reflns.pdbx_Rmerge_I_obs            0.05000 
_reflns.pdbx_Rsym_value              0.05000 
_reflns.pdbx_netI_over_sigmaI        ? 
_reflns.B_iso_Wilson_estimate        ? 
_reflns.pdbx_redundancy              4.000 
# 
_refine.pdbx_refine_id                           'X-RAY DIFFRACTION' 
_refine.entry_id                                 1H9O 
_refine.pdbx_diffrn_id                           1 
_refine.pdbx_TLS_residual_ADP_flag               ? 
_refine.ls_number_reflns_obs                     9283 
_refine.ls_number_reflns_all                     ? 
_refine.pdbx_ls_sigma_I                          ? 
_refine.pdbx_ls_sigma_F                          0 
_refine.pdbx_data_cutoff_high_absF               ? 
_refine.pdbx_data_cutoff_low_absF                ? 
_refine.pdbx_data_cutoff_high_rms_absF           ? 
_refine.ls_d_res_low                             54 
_refine.ls_d_res_high                            1.79 
_refine.ls_percent_reflns_obs                    93 
_refine.ls_R_factor_obs                          0.168 
_refine.ls_R_factor_all                          ? 
_refine.ls_R_factor_R_work                       0.163 
_refine.ls_R_factor_R_free                       0.219 
_refine.ls_R_factor_R_free_error                 ? 
_refine.ls_R_factor_R_free_error_details         ? 
_refine.ls_percent_reflns_R_free                 10.0 
_refine.ls_number_reflns_R_free                  927 
_refine.ls_number_parameters                     ? 
_refine.ls_number_restraints                     ? 
_refine.occupancy_min                            ? 
_refine.occupancy_max                            ? 
_refine.correlation_coeff_Fo_to_Fc               ? 
_refine.correlation_coeff_Fo_to_Fc_free          ? 
_refine.B_iso_mean                               18.9 
_refine.aniso_B[1][1]                            -0.10 
_refine.aniso_B[2][2]                            0.72 
_refine.aniso_B[3][3]                            -0.59 
_refine.aniso_B[1][2]                            0.00 
_refine.aniso_B[1][3]                            0.15 
_refine.aniso_B[2][3]                            0.00 
_refine.solvent_model_details                    ? 
_refine.solvent_model_param_ksol                 ? 
_refine.solvent_model_param_bsol                 ? 
_refine.pdbx_solvent_vdw_probe_radii             ? 
_refine.pdbx_solvent_ion_probe_radii             ? 
_refine.pdbx_solvent_shrinkage_radii             ? 
_refine.pdbx_ls_cross_valid_method               THROUGHOUT 
_refine.details                                  'HYDROGENS ADDED IN RIDING POSITIONS' 
_refine.pdbx_starting_model                      'PDB ENTRY 1PIC' 
_refine.pdbx_method_to_determine_struct          'MOLECULAR REPLACEMENT' 
_refine.pdbx_isotropic_thermal_model             ? 
_refine.pdbx_stereochemistry_target_values       ? 
_refine.pdbx_stereochem_target_val_spec_case     ? 
_refine.pdbx_R_Free_selection_details            RANDOM 
_refine.pdbx_overall_ESU_R                       .154 
_refine.pdbx_overall_ESU_R_Free                  .147 
_refine.overall_SU_ML                            .134 
_refine.pdbx_overall_phase_error                 ? 
_refine.overall_SU_B                             4.2 
_refine.overall_SU_R_Cruickshank_DPI             ? 
_refine.pdbx_overall_SU_R_free_Cruickshank_DPI   ? 
_refine.pdbx_overall_SU_R_Blow_DPI               ? 
_refine.pdbx_overall_SU_R_free_Blow_DPI          ? 
# 
_refine_hist.pdbx_refine_id                   'X-RAY DIFFRACTION' 
_refine_hist.cycle_id                         LAST 
_refine_hist.pdbx_number_atoms_protein        895 
_refine_hist.pdbx_number_atoms_nucleic_acid   0 
_refine_hist.pdbx_number_atoms_ligand         0 
_refine_hist.number_atoms_solvent             110 
_refine_hist.number_atoms_total               1005 
_refine_hist.d_res_high                       1.79 
_refine_hist.d_res_low                        54 
# 
loop_
_refine_ls_restr.type 
_refine_ls_restr.dev_ideal 
_refine_ls_restr.dev_ideal_target 
_refine_ls_restr.weight 
_refine_ls_restr.number 
_refine_ls_restr.pdbx_refine_id 
_refine_ls_restr.pdbx_restraint_function 
p_bond_d            0.018 0.021 ? ? 'X-RAY DIFFRACTION' ? 
p_angle_d           2.0   1.9   ? ? 'X-RAY DIFFRACTION' ? 
p_angle_deg         ?     ?     ? ? 'X-RAY DIFFRACTION' ? 
p_planar_d          ?     ?     ? ? 'X-RAY DIFFRACTION' ? 
p_hb_or_metal_coord ?     ?     ? ? 'X-RAY DIFFRACTION' ? 
p_mcbond_it         1.3   1.5   ? ? 'X-RAY DIFFRACTION' ? 
p_mcangle_it        2.3   2.0   ? ? 'X-RAY DIFFRACTION' ? 
p_scbond_it         2.9   3.0   ? ? 'X-RAY DIFFRACTION' ? 
p_scangle_it        4.7   4.5   ? ? 'X-RAY DIFFRACTION' ? 
p_plane_restr       ?     ?     ? ? 'X-RAY DIFFRACTION' ? 
p_chiral_restr      .122  0.2   ? ? 'X-RAY DIFFRACTION' ? 
p_singtor_nbd       ?     ?     ? ? 'X-RAY DIFFRACTION' ? 
p_multtor_nbd       ?     ?     ? ? 'X-RAY DIFFRACTION' ? 
p_xhyhbond_nbd      ?     ?     ? ? 'X-RAY DIFFRACTION' ? 
p_xyhbond_nbd       ?     ?     ? ? 'X-RAY DIFFRACTION' ? 
p_planar_tor        ?     ?     ? ? 'X-RAY DIFFRACTION' ? 
p_staggered_tor     ?     ?     ? ? 'X-RAY DIFFRACTION' ? 
p_orthonormal_tor   ?     ?     ? ? 'X-RAY DIFFRACTION' ? 
p_transverse_tor    ?     ?     ? ? 'X-RAY DIFFRACTION' ? 
p_special_tor       ?     ?     ? ? 'X-RAY DIFFRACTION' ? 
# 
_struct.entry_id                  1H9O 
_struct.title                     
;PHOSPHATIDYLINOSITOL 3-KINASE, P85-ALPHA SUBUNIT: C-TERMINAL SH2 DOMAIN COMPLEXED WITH A TYR751 PHOSPHOPEPTIDE FROM THE PDGF RECEPTOR, CRYSTAL STRUCTURE AT 1.79 A
;
_struct.pdbx_model_details        ? 
_struct.pdbx_CASP_flag            ? 
_struct.pdbx_model_type_details   ? 
# 
_struct_keywords.entry_id        1H9O 
_struct_keywords.pdbx_keywords   TRANSFERASE/RECEPTOR 
_struct_keywords.text            
;TRANSFERASE/RECEPTOR, COMPLEX (PHOSPHOTRANSFERASE-RECEPTOR), PHOSPHOTRANSFERASE, SH2 DOMAIN, SIGNAL TRANSDUCTION, PHOSPHOINOSITIDE 3-KINASE, TRANSFERASE-RECEPTOR complex
;
# 
loop_
_struct_asym.id 
_struct_asym.pdbx_blank_PDB_chainid_flag 
_struct_asym.pdbx_modified 
_struct_asym.entity_id 
_struct_asym.details 
A N N 1 ? 
B N N 2 ? 
C N N 3 ? 
D N N 3 ? 
# 
loop_
_struct_ref.id 
_struct_ref.db_name 
_struct_ref.db_code 
_struct_ref.entity_id 
_struct_ref.pdbx_seq_one_letter_code 
_struct_ref.pdbx_align_begin 
_struct_ref.pdbx_db_accession 
_struct_ref.pdbx_db_isoform 
1 PDB 1H9O       1 ? ? 1H9O   ? 
2 UNP P85A_HUMAN 1 ? ? P27986 ? 
3 UNP PGDR_HUMAN 2 ? ? P09619 ? 
# 
loop_
_struct_ref_seq.align_id 
_struct_ref_seq.ref_id 
_struct_ref_seq.pdbx_PDB_id_code 
_struct_ref_seq.pdbx_strand_id 
_struct_ref_seq.seq_align_beg 
_struct_ref_seq.pdbx_seq_align_beg_ins_code 
_struct_ref_seq.seq_align_end 
_struct_ref_seq.pdbx_seq_align_end_ins_code 
_struct_ref_seq.pdbx_db_accession 
_struct_ref_seq.db_align_beg 
_struct_ref_seq.pdbx_db_align_beg_ins_code 
_struct_ref_seq.db_align_end 
_struct_ref_seq.pdbx_db_align_end_ins_code 
_struct_ref_seq.pdbx_auth_seq_align_beg 
_struct_ref_seq.pdbx_auth_seq_align_end 
1 1 1H9O A 1 ? 4   ? 1H9O   1   ? 4   ? 1 4   
2 2 1H9O A 5 ? 112 ? P27986 617 ? 724 ? 5 112 
3 3 1H9O B 1 ? 5   ? P09619 751 ? 755 ? 1 5   
# 
_pdbx_struct_assembly.id                   1 
_pdbx_struct_assembly.details              author_and_software_defined_assembly 
_pdbx_struct_assembly.method_details       PISA 
_pdbx_struct_assembly.oligomeric_details   dimeric 
_pdbx_struct_assembly.oligomeric_count     2 
# 
loop_
_pdbx_struct_assembly_prop.biol_id 
_pdbx_struct_assembly_prop.type 
_pdbx_struct_assembly_prop.value 
_pdbx_struct_assembly_prop.details 
1 'ABSA (A^2)' 970    ? 
1 MORE         -10.74 ? 
1 'SSA (A^2)'  6130   ? 
# 
_pdbx_struct_assembly_gen.assembly_id       1 
_pdbx_struct_assembly_gen.oper_expression   1 
_pdbx_struct_assembly_gen.asym_id_list      A,B,C,D 
# 
_pdbx_struct_oper_list.id                   1 
_pdbx_struct_oper_list.type                 'identity operation' 
_pdbx_struct_oper_list.name                 1_555 
_pdbx_struct_oper_list.symmetry_operation   x,y,z 
_pdbx_struct_oper_list.matrix[1][1]         1.0000000000 
_pdbx_struct_oper_list.matrix[1][2]         0.0000000000 
_pdbx_struct_oper_list.matrix[1][3]         0.0000000000 
_pdbx_struct_oper_list.vector[1]            0.0000000000 
_pdbx_struct_oper_list.matrix[2][1]         0.0000000000 
_pdbx_struct_oper_list.matrix[2][2]         1.0000000000 
_pdbx_struct_oper_list.matrix[2][3]         0.0000000000 
_pdbx_struct_oper_list.vector[2]            0.0000000000 
_pdbx_struct_oper_list.matrix[3][1]         0.0000000000 
_pdbx_struct_oper_list.matrix[3][2]         0.0000000000 
_pdbx_struct_oper_list.matrix[3][3]         1.0000000000 
_pdbx_struct_oper_list.vector[3]            0.0000000000 
# 
_struct_biol.id        1 
_struct_biol.details   
;HETERODIMER CONSISTING OF P110 AND P85-ALPHA                 
 . THEC-TERMINAL SH2-DOMAIN (CHAIN A) IS A                            
 FRAGMENT OFP85-ALPHA. THE PENTAPEPTIDE (CHAIN B)                     
 IS A FRAGMENT OFPLATELET DERIVED GROWTH FACTOR                       
 RECEPTOR. CHAINSA AND B FORM A COMPLEX                               
 REPRESENTATIVE OF THEINTERACTION BETWEEN PI3 KINASE                  
 AND PDGF-RECEPTOR.
;
# 
loop_
_struct_conf.conf_type_id 
_struct_conf.id 
_struct_conf.pdbx_PDB_helix_id 
_struct_conf.beg_label_comp_id 
_struct_conf.beg_label_asym_id 
_struct_conf.beg_label_seq_id 
_struct_conf.pdbx_beg_PDB_ins_code 
_struct_conf.end_label_comp_id 
_struct_conf.end_label_asym_id 
_struct_conf.end_label_seq_id 
_struct_conf.pdbx_end_PDB_ins_code 
_struct_conf.beg_auth_comp_id 
_struct_conf.beg_auth_asym_id 
_struct_conf.beg_auth_seq_id 
_struct_conf.end_auth_comp_id 
_struct_conf.end_auth_asym_id 
_struct_conf.end_auth_seq_id 
_struct_conf.pdbx_PDB_helix_class 
_struct_conf.details 
_struct_conf.pdbx_PDB_helix_length 
HELX_P HELX_P1 1 ILE A 4  ? ASP A 8  ? ILE A 4  ASP A 8  5 ? 5  
HELX_P HELX_P2 2 ASP A 8  ? TRP A 12 ? ASP A 8  TRP A 12 5 ? 5  
HELX_P HELX_P3 3 ASN A 18 ? ARG A 27 ? ASN A 18 ARG A 27 1 ? 10 
HELX_P HELX_P4 4 SER A 78 ? THR A 89 ? SER A 78 THR A 89 1 ? 12 
HELX_P HELX_P5 5 SER A 90 ? HIS A 94 ? SER A 90 HIS A 94 5 ? 5  
# 
_struct_conf_type.id          HELX_P 
_struct_conf_type.criteria    ? 
_struct_conf_type.reference   ? 
# 
_struct_conn.id                            covale1 
_struct_conn.conn_type_id                  covale 
_struct_conn.pdbx_leaving_atom_flag        both 
_struct_conn.pdbx_PDB_id                   ? 
_struct_conn.ptnr1_label_asym_id           B 
_struct_conn.ptnr1_label_comp_id           PTR 
_struct_conn.ptnr1_label_seq_id            1 
_struct_conn.ptnr1_label_atom_id           C 
_struct_conn.pdbx_ptnr1_label_alt_id       ? 
_struct_conn.pdbx_ptnr1_PDB_ins_code       ? 
_struct_conn.pdbx_ptnr1_standard_comp_id   ? 
_struct_conn.ptnr1_symmetry                1_555 
_struct_conn.ptnr2_label_asym_id           B 
_struct_conn.ptnr2_label_comp_id           VAL 
_struct_conn.ptnr2_label_seq_id            2 
_struct_conn.ptnr2_label_atom_id           N 
_struct_conn.pdbx_ptnr2_label_alt_id       ? 
_struct_conn.pdbx_ptnr2_PDB_ins_code       ? 
_struct_conn.ptnr1_auth_asym_id            B 
_struct_conn.ptnr1_auth_comp_id            PTR 
_struct_conn.ptnr1_auth_seq_id             1 
_struct_conn.ptnr2_auth_asym_id            B 
_struct_conn.ptnr2_auth_comp_id            VAL 
_struct_conn.ptnr2_auth_seq_id             2 
_struct_conn.ptnr2_symmetry                1_555 
_struct_conn.pdbx_ptnr3_label_atom_id      ? 
_struct_conn.pdbx_ptnr3_label_seq_id       ? 
_struct_conn.pdbx_ptnr3_label_comp_id      ? 
_struct_conn.pdbx_ptnr3_label_asym_id      ? 
_struct_conn.pdbx_ptnr3_label_alt_id       ? 
_struct_conn.pdbx_ptnr3_PDB_ins_code       ? 
_struct_conn.details                       ? 
_struct_conn.pdbx_dist_value               1.324 
_struct_conn.pdbx_value_order              ? 
_struct_conn.pdbx_role                     ? 
# 
_struct_conn_type.id          covale 
_struct_conn_type.criteria    ? 
_struct_conn_type.reference   ? 
# 
_pdbx_modification_feature.ordinal                            1 
_pdbx_modification_feature.label_comp_id                      PTR 
_pdbx_modification_feature.label_asym_id                      B 
_pdbx_modification_feature.label_seq_id                       1 
_pdbx_modification_feature.label_alt_id                       ? 
_pdbx_modification_feature.modified_residue_label_comp_id     . 
_pdbx_modification_feature.modified_residue_label_asym_id     . 
_pdbx_modification_feature.modified_residue_label_seq_id      . 
_pdbx_modification_feature.modified_residue_label_alt_id      . 
_pdbx_modification_feature.auth_comp_id                       PTR 
_pdbx_modification_feature.auth_asym_id                       B 
_pdbx_modification_feature.auth_seq_id                        1 
_pdbx_modification_feature.PDB_ins_code                       ? 
_pdbx_modification_feature.symmetry                           1_555 
_pdbx_modification_feature.modified_residue_auth_comp_id      . 
_pdbx_modification_feature.modified_residue_auth_asym_id      . 
_pdbx_modification_feature.modified_residue_auth_seq_id       . 
_pdbx_modification_feature.modified_residue_PDB_ins_code      . 
_pdbx_modification_feature.modified_residue_symmetry          . 
_pdbx_modification_feature.comp_id_linking_atom               . 
_pdbx_modification_feature.modified_residue_id_linking_atom   . 
_pdbx_modification_feature.modified_residue_id                TYR 
_pdbx_modification_feature.ref_pcm_id                         1 
_pdbx_modification_feature.ref_comp_id                        PTR 
_pdbx_modification_feature.type                               Phosphorylation 
_pdbx_modification_feature.category                           'Named protein modification' 
# 
loop_
_struct_mon_prot_cis.pdbx_id 
_struct_mon_prot_cis.label_comp_id 
_struct_mon_prot_cis.label_seq_id 
_struct_mon_prot_cis.label_asym_id 
_struct_mon_prot_cis.label_alt_id 
_struct_mon_prot_cis.pdbx_PDB_ins_code 
_struct_mon_prot_cis.auth_comp_id 
_struct_mon_prot_cis.auth_seq_id 
_struct_mon_prot_cis.auth_asym_id 
_struct_mon_prot_cis.pdbx_label_comp_id_2 
_struct_mon_prot_cis.pdbx_label_seq_id_2 
_struct_mon_prot_cis.pdbx_label_asym_id_2 
_struct_mon_prot_cis.pdbx_PDB_ins_code_2 
_struct_mon_prot_cis.pdbx_auth_comp_id_2 
_struct_mon_prot_cis.pdbx_auth_seq_id_2 
_struct_mon_prot_cis.pdbx_auth_asym_id_2 
_struct_mon_prot_cis.pdbx_PDB_model_num 
_struct_mon_prot_cis.pdbx_omega_angle 
1 SER 2  A . ? SER 2  A PRO 3  A ? PRO 3  A 1 -3.27 
2 GLU 71 A . ? GLU 71 A PRO 72 A ? PRO 72 A 1 -2.26 
# 
_struct_sheet.id               AA 
_struct_sheet.type             ? 
_struct_sheet.number_strands   5 
_struct_sheet.details          ? 
# 
loop_
_struct_sheet_order.sheet_id 
_struct_sheet_order.range_id_1 
_struct_sheet_order.range_id_2 
_struct_sheet_order.offset 
_struct_sheet_order.sense 
AA 1 2 ? anti-parallel 
AA 2 3 ? anti-parallel 
AA 3 4 ? anti-parallel 
AA 4 5 ? parallel      
# 
loop_
_struct_sheet_range.sheet_id 
_struct_sheet_range.id 
_struct_sheet_range.beg_label_comp_id 
_struct_sheet_range.beg_label_asym_id 
_struct_sheet_range.beg_label_seq_id 
_struct_sheet_range.pdbx_beg_PDB_ins_code 
_struct_sheet_range.end_label_comp_id 
_struct_sheet_range.end_label_asym_id 
_struct_sheet_range.end_label_seq_id 
_struct_sheet_range.pdbx_end_PDB_ins_code 
_struct_sheet_range.beg_auth_comp_id 
_struct_sheet_range.beg_auth_asym_id 
_struct_sheet_range.beg_auth_seq_id 
_struct_sheet_range.end_auth_comp_id 
_struct_sheet_range.end_auth_asym_id 
_struct_sheet_range.end_auth_seq_id 
AA 1 GLY A 66  ? GLY A 68  ? GLY A 66  GLY A 68  
AA 2 GLU A 54  ? THR A 63  ? GLU A 54  THR A 63  
AA 3 TYR A 45  ? VAL A 51  ? TYR A 45  VAL A 51  
AA 4 THR A 33  ? GLU A 38  ? THR A 33  GLU A 38  
AA 5 TYR A 104 ? PRO A 105 ? TYR A 104 PRO A 105 
# 
loop_
_pdbx_struct_sheet_hbond.sheet_id 
_pdbx_struct_sheet_hbond.range_id_1 
_pdbx_struct_sheet_hbond.range_id_2 
_pdbx_struct_sheet_hbond.range_1_label_atom_id 
_pdbx_struct_sheet_hbond.range_1_label_comp_id 
_pdbx_struct_sheet_hbond.range_1_label_asym_id 
_pdbx_struct_sheet_hbond.range_1_label_seq_id 
_pdbx_struct_sheet_hbond.range_1_PDB_ins_code 
_pdbx_struct_sheet_hbond.range_1_auth_atom_id 
_pdbx_struct_sheet_hbond.range_1_auth_comp_id 
_pdbx_struct_sheet_hbond.range_1_auth_asym_id 
_pdbx_struct_sheet_hbond.range_1_auth_seq_id 
_pdbx_struct_sheet_hbond.range_2_label_atom_id 
_pdbx_struct_sheet_hbond.range_2_label_comp_id 
_pdbx_struct_sheet_hbond.range_2_label_asym_id 
_pdbx_struct_sheet_hbond.range_2_label_seq_id 
_pdbx_struct_sheet_hbond.range_2_PDB_ins_code 
_pdbx_struct_sheet_hbond.range_2_auth_atom_id 
_pdbx_struct_sheet_hbond.range_2_auth_comp_id 
_pdbx_struct_sheet_hbond.range_2_auth_asym_id 
_pdbx_struct_sheet_hbond.range_2_auth_seq_id 
AA 1 2 N GLY A 68 ? N GLY A 68 O ASN A 61  ? O ASN A 61  
AA 2 3 N ILE A 60 ? N ILE A 60 O TYR A 45  ? O TYR A 45  
AA 3 4 N VAL A 50 ? N VAL A 50 O THR A 33  ? O THR A 33  
AA 4 5 N PHE A 34 ? N PHE A 34 O TYR A 104 ? O TYR A 104 
# 
_pdbx_entry_details.entry_id                   1H9O 
_pdbx_entry_details.compound_details           
;PHOSPHATIDYLINOSITOL 3-KINASE ACTIVATES (PHOSPHORYLATED)
 PROTEIN-TYROSINE KINASES, THROUGH ITS SH2 DOMAIN
;
_pdbx_entry_details.source_details             ? 
_pdbx_entry_details.nonpolymer_details         ? 
_pdbx_entry_details.sequence_details           ? 
_pdbx_entry_details.has_ligand_of_interest     ? 
_pdbx_entry_details.has_protein_modification   Y 
# 
_pdbx_validate_symm_contact.id                1 
_pdbx_validate_symm_contact.PDB_model_num     1 
_pdbx_validate_symm_contact.auth_atom_id_1    OD1 
_pdbx_validate_symm_contact.auth_asym_id_1    A 
_pdbx_validate_symm_contact.auth_comp_id_1    ASN 
_pdbx_validate_symm_contact.auth_seq_id_1     20 
_pdbx_validate_symm_contact.PDB_ins_code_1    ? 
_pdbx_validate_symm_contact.label_alt_id_1    ? 
_pdbx_validate_symm_contact.site_symmetry_1   1_555 
_pdbx_validate_symm_contact.auth_atom_id_2    OD1 
_pdbx_validate_symm_contact.auth_asym_id_2    A 
_pdbx_validate_symm_contact.auth_comp_id_2    ASN 
_pdbx_validate_symm_contact.auth_seq_id_2     20 
_pdbx_validate_symm_contact.PDB_ins_code_2    ? 
_pdbx_validate_symm_contact.label_alt_id_2    ? 
_pdbx_validate_symm_contact.site_symmetry_2   2_556 
_pdbx_validate_symm_contact.dist              2.06 
# 
loop_
_pdbx_validate_rmsd_angle.id 
_pdbx_validate_rmsd_angle.PDB_model_num 
_pdbx_validate_rmsd_angle.auth_atom_id_1 
_pdbx_validate_rmsd_angle.auth_asym_id_1 
_pdbx_validate_rmsd_angle.auth_comp_id_1 
_pdbx_validate_rmsd_angle.auth_seq_id_1 
_pdbx_validate_rmsd_angle.PDB_ins_code_1 
_pdbx_validate_rmsd_angle.label_alt_id_1 
_pdbx_validate_rmsd_angle.auth_atom_id_2 
_pdbx_validate_rmsd_angle.auth_asym_id_2 
_pdbx_validate_rmsd_angle.auth_comp_id_2 
_pdbx_validate_rmsd_angle.auth_seq_id_2 
_pdbx_validate_rmsd_angle.PDB_ins_code_2 
_pdbx_validate_rmsd_angle.label_alt_id_2 
_pdbx_validate_rmsd_angle.auth_atom_id_3 
_pdbx_validate_rmsd_angle.auth_asym_id_3 
_pdbx_validate_rmsd_angle.auth_comp_id_3 
_pdbx_validate_rmsd_angle.auth_seq_id_3 
_pdbx_validate_rmsd_angle.PDB_ins_code_3 
_pdbx_validate_rmsd_angle.label_alt_id_3 
_pdbx_validate_rmsd_angle.angle_value 
_pdbx_validate_rmsd_angle.angle_target_value 
_pdbx_validate_rmsd_angle.angle_deviation 
_pdbx_validate_rmsd_angle.angle_standard_deviation 
_pdbx_validate_rmsd_angle.linker_flag 
1 1 CG A ARG 30  ? A CD A ARG 30  ? A NE  A ARG 30  ? A 126.64 111.80 14.84  2.10 N 
2 1 CD A ARG 30  ? A NE A ARG 30  ? A CZ  A ARG 30  ? A 136.25 123.60 12.65  1.40 N 
3 1 NE A ARG 30  ? A CZ A ARG 30  ? A NH1 A ARG 30  ? A 110.98 120.30 -9.32  0.50 N 
4 1 NE A ARG 30  ? B CZ A ARG 30  ? B NH1 A ARG 30  ? B 124.79 120.30 4.49   0.50 N 
5 1 NE A ARG 30  ? A CZ A ARG 30  ? A NH2 A ARG 30  ? A 130.46 120.30 10.16  0.50 N 
6 1 NE A ARG 30  ? B CZ A ARG 30  ? B NH2 A ARG 30  ? B 115.55 120.30 -4.75  0.50 N 
7 1 CB A ASP 52  ? ? CG A ASP 52  ? ? OD2 A ASP 52  ? ? 123.77 118.30 5.47   0.90 N 
8 1 CB A ASP 96  ? A CG A ASP 96  ? A OD2 A ASP 96  ? A 124.26 118.30 5.96   0.90 N 
9 1 O  A ALA 108 ? ? C  A ALA 108 ? ? N   A GLN 109 ? ? 109.44 122.70 -13.26 1.60 Y 
# 
loop_
_pdbx_validate_torsion.id 
_pdbx_validate_torsion.PDB_model_num 
_pdbx_validate_torsion.auth_comp_id 
_pdbx_validate_torsion.auth_asym_id 
_pdbx_validate_torsion.auth_seq_id 
_pdbx_validate_torsion.PDB_ins_code 
_pdbx_validate_torsion.label_alt_id 
_pdbx_validate_torsion.phi 
_pdbx_validate_torsion.psi 
1 1 ALA A 70 ? ? -178.02 149.46 
2 1 PRO A 72 ? ? -96.86  39.48  
3 1 ASN A 95 ? ? -166.91 118.90 
4 1 LEU A 98 ? ? -102.92 63.22  
# 
_pdbx_struct_mod_residue.id               1 
_pdbx_struct_mod_residue.label_asym_id    B 
_pdbx_struct_mod_residue.label_comp_id    PTR 
_pdbx_struct_mod_residue.label_seq_id     1 
_pdbx_struct_mod_residue.auth_asym_id     B 
_pdbx_struct_mod_residue.auth_comp_id     PTR 
_pdbx_struct_mod_residue.auth_seq_id      1 
_pdbx_struct_mod_residue.PDB_ins_code     ? 
_pdbx_struct_mod_residue.parent_comp_id   TYR 
_pdbx_struct_mod_residue.details          O-PHOSPHOTYROSINE 
# 
_pdbx_distant_solvent_atoms.id                                1 
_pdbx_distant_solvent_atoms.PDB_model_num                     1 
_pdbx_distant_solvent_atoms.auth_atom_id                      O 
_pdbx_distant_solvent_atoms.label_alt_id                      ? 
_pdbx_distant_solvent_atoms.auth_asym_id                      A 
_pdbx_distant_solvent_atoms.auth_comp_id                      HOH 
_pdbx_distant_solvent_atoms.auth_seq_id                       2035 
_pdbx_distant_solvent_atoms.PDB_ins_code                      ? 
_pdbx_distant_solvent_atoms.neighbor_macromolecule_distance   6.69 
_pdbx_distant_solvent_atoms.neighbor_ligand_distance          . 
# 
loop_
_pdbx_unobs_or_zero_occ_residues.id 
_pdbx_unobs_or_zero_occ_residues.PDB_model_num 
_pdbx_unobs_or_zero_occ_residues.polymer_flag 
_pdbx_unobs_or_zero_occ_residues.occupancy_flag 
_pdbx_unobs_or_zero_occ_residues.auth_asym_id 
_pdbx_unobs_or_zero_occ_residues.auth_comp_id 
_pdbx_unobs_or_zero_occ_residues.auth_seq_id 
_pdbx_unobs_or_zero_occ_residues.PDB_ins_code 
_pdbx_unobs_or_zero_occ_residues.label_asym_id 
_pdbx_unobs_or_zero_occ_residues.label_comp_id 
_pdbx_unobs_or_zero_occ_residues.label_seq_id 
1 1 Y 1 A GLN 110 ? A GLN 110 
2 1 Y 1 A ARG 111 ? A ARG 111 
3 1 Y 1 A ARG 112 ? A ARG 112 
# 
loop_
_chem_comp_atom.comp_id 
_chem_comp_atom.atom_id 
_chem_comp_atom.type_symbol 
_chem_comp_atom.pdbx_aromatic_flag 
_chem_comp_atom.pdbx_stereo_config 
_chem_comp_atom.pdbx_ordinal 
ALA N    N N N 1   
ALA CA   C N S 2   
ALA C    C N N 3   
ALA O    O N N 4   
ALA CB   C N N 5   
ALA OXT  O N N 6   
ALA H    H N N 7   
ALA H2   H N N 8   
ALA HA   H N N 9   
ALA HB1  H N N 10  
ALA HB2  H N N 11  
ALA HB3  H N N 12  
ALA HXT  H N N 13  
ARG N    N N N 14  
ARG CA   C N S 15  
ARG C    C N N 16  
ARG O    O N N 17  
ARG CB   C N N 18  
ARG CG   C N N 19  
ARG CD   C N N 20  
ARG NE   N N N 21  
ARG CZ   C N N 22  
ARG NH1  N N N 23  
ARG NH2  N N N 24  
ARG OXT  O N N 25  
ARG H    H N N 26  
ARG H2   H N N 27  
ARG HA   H N N 28  
ARG HB2  H N N 29  
ARG HB3  H N N 30  
ARG HG2  H N N 31  
ARG HG3  H N N 32  
ARG HD2  H N N 33  
ARG HD3  H N N 34  
ARG HE   H N N 35  
ARG HH11 H N N 36  
ARG HH12 H N N 37  
ARG HH21 H N N 38  
ARG HH22 H N N 39  
ARG HXT  H N N 40  
ASN N    N N N 41  
ASN CA   C N S 42  
ASN C    C N N 43  
ASN O    O N N 44  
ASN CB   C N N 45  
ASN CG   C N N 46  
ASN OD1  O N N 47  
ASN ND2  N N N 48  
ASN OXT  O N N 49  
ASN H    H N N 50  
ASN H2   H N N 51  
ASN HA   H N N 52  
ASN HB2  H N N 53  
ASN HB3  H N N 54  
ASN HD21 H N N 55  
ASN HD22 H N N 56  
ASN HXT  H N N 57  
ASP N    N N N 58  
ASP CA   C N S 59  
ASP C    C N N 60  
ASP O    O N N 61  
ASP CB   C N N 62  
ASP CG   C N N 63  
ASP OD1  O N N 64  
ASP OD2  O N N 65  
ASP OXT  O N N 66  
ASP H    H N N 67  
ASP H2   H N N 68  
ASP HA   H N N 69  
ASP HB2  H N N 70  
ASP HB3  H N N 71  
ASP HD2  H N N 72  
ASP HXT  H N N 73  
CYS N    N N N 74  
CYS CA   C N R 75  
CYS C    C N N 76  
CYS O    O N N 77  
CYS CB   C N N 78  
CYS SG   S N N 79  
CYS OXT  O N N 80  
CYS H    H N N 81  
CYS H2   H N N 82  
CYS HA   H N N 83  
CYS HB2  H N N 84  
CYS HB3  H N N 85  
CYS HG   H N N 86  
CYS HXT  H N N 87  
GLN N    N N N 88  
GLN CA   C N S 89  
GLN C    C N N 90  
GLN O    O N N 91  
GLN CB   C N N 92  
GLN CG   C N N 93  
GLN CD   C N N 94  
GLN OE1  O N N 95  
GLN NE2  N N N 96  
GLN OXT  O N N 97  
GLN H    H N N 98  
GLN H2   H N N 99  
GLN HA   H N N 100 
GLN HB2  H N N 101 
GLN HB3  H N N 102 
GLN HG2  H N N 103 
GLN HG3  H N N 104 
GLN HE21 H N N 105 
GLN HE22 H N N 106 
GLN HXT  H N N 107 
GLU N    N N N 108 
GLU CA   C N S 109 
GLU C    C N N 110 
GLU O    O N N 111 
GLU CB   C N N 112 
GLU CG   C N N 113 
GLU CD   C N N 114 
GLU OE1  O N N 115 
GLU OE2  O N N 116 
GLU OXT  O N N 117 
GLU H    H N N 118 
GLU H2   H N N 119 
GLU HA   H N N 120 
GLU HB2  H N N 121 
GLU HB3  H N N 122 
GLU HG2  H N N 123 
GLU HG3  H N N 124 
GLU HE2  H N N 125 
GLU HXT  H N N 126 
GLY N    N N N 127 
GLY CA   C N N 128 
GLY C    C N N 129 
GLY O    O N N 130 
GLY OXT  O N N 131 
GLY H    H N N 132 
GLY H2   H N N 133 
GLY HA2  H N N 134 
GLY HA3  H N N 135 
GLY HXT  H N N 136 
HIS N    N N N 137 
HIS CA   C N S 138 
HIS C    C N N 139 
HIS O    O N N 140 
HIS CB   C N N 141 
HIS CG   C Y N 142 
HIS ND1  N Y N 143 
HIS CD2  C Y N 144 
HIS CE1  C Y N 145 
HIS NE2  N Y N 146 
HIS OXT  O N N 147 
HIS H    H N N 148 
HIS H2   H N N 149 
HIS HA   H N N 150 
HIS HB2  H N N 151 
HIS HB3  H N N 152 
HIS HD1  H N N 153 
HIS HD2  H N N 154 
HIS HE1  H N N 155 
HIS HE2  H N N 156 
HIS HXT  H N N 157 
HOH O    O N N 158 
HOH H1   H N N 159 
HOH H2   H N N 160 
ILE N    N N N 161 
ILE CA   C N S 162 
ILE C    C N N 163 
ILE O    O N N 164 
ILE CB   C N S 165 
ILE CG1  C N N 166 
ILE CG2  C N N 167 
ILE CD1  C N N 168 
ILE OXT  O N N 169 
ILE H    H N N 170 
ILE H2   H N N 171 
ILE HA   H N N 172 
ILE HB   H N N 173 
ILE HG12 H N N 174 
ILE HG13 H N N 175 
ILE HG21 H N N 176 
ILE HG22 H N N 177 
ILE HG23 H N N 178 
ILE HD11 H N N 179 
ILE HD12 H N N 180 
ILE HD13 H N N 181 
ILE HXT  H N N 182 
LEU N    N N N 183 
LEU CA   C N S 184 
LEU C    C N N 185 
LEU O    O N N 186 
LEU CB   C N N 187 
LEU CG   C N N 188 
LEU CD1  C N N 189 
LEU CD2  C N N 190 
LEU OXT  O N N 191 
LEU H    H N N 192 
LEU H2   H N N 193 
LEU HA   H N N 194 
LEU HB2  H N N 195 
LEU HB3  H N N 196 
LEU HG   H N N 197 
LEU HD11 H N N 198 
LEU HD12 H N N 199 
LEU HD13 H N N 200 
LEU HD21 H N N 201 
LEU HD22 H N N 202 
LEU HD23 H N N 203 
LEU HXT  H N N 204 
LYS N    N N N 205 
LYS CA   C N S 206 
LYS C    C N N 207 
LYS O    O N N 208 
LYS CB   C N N 209 
LYS CG   C N N 210 
LYS CD   C N N 211 
LYS CE   C N N 212 
LYS NZ   N N N 213 
LYS OXT  O N N 214 
LYS H    H N N 215 
LYS H2   H N N 216 
LYS HA   H N N 217 
LYS HB2  H N N 218 
LYS HB3  H N N 219 
LYS HG2  H N N 220 
LYS HG3  H N N 221 
LYS HD2  H N N 222 
LYS HD3  H N N 223 
LYS HE2  H N N 224 
LYS HE3  H N N 225 
LYS HZ1  H N N 226 
LYS HZ2  H N N 227 
LYS HZ3  H N N 228 
LYS HXT  H N N 229 
MET N    N N N 230 
MET CA   C N S 231 
MET C    C N N 232 
MET O    O N N 233 
MET CB   C N N 234 
MET CG   C N N 235 
MET SD   S N N 236 
MET CE   C N N 237 
MET OXT  O N N 238 
MET H    H N N 239 
MET H2   H N N 240 
MET HA   H N N 241 
MET HB2  H N N 242 
MET HB3  H N N 243 
MET HG2  H N N 244 
MET HG3  H N N 245 
MET HE1  H N N 246 
MET HE2  H N N 247 
MET HE3  H N N 248 
MET HXT  H N N 249 
PHE N    N N N 250 
PHE CA   C N S 251 
PHE C    C N N 252 
PHE O    O N N 253 
PHE CB   C N N 254 
PHE CG   C Y N 255 
PHE CD1  C Y N 256 
PHE CD2  C Y N 257 
PHE CE1  C Y N 258 
PHE CE2  C Y N 259 
PHE CZ   C Y N 260 
PHE OXT  O N N 261 
PHE H    H N N 262 
PHE H2   H N N 263 
PHE HA   H N N 264 
PHE HB2  H N N 265 
PHE HB3  H N N 266 
PHE HD1  H N N 267 
PHE HD2  H N N 268 
PHE HE1  H N N 269 
PHE HE2  H N N 270 
PHE HZ   H N N 271 
PHE HXT  H N N 272 
PRO N    N N N 273 
PRO CA   C N S 274 
PRO C    C N N 275 
PRO O    O N N 276 
PRO CB   C N N 277 
PRO CG   C N N 278 
PRO CD   C N N 279 
PRO OXT  O N N 280 
PRO H    H N N 281 
PRO HA   H N N 282 
PRO HB2  H N N 283 
PRO HB3  H N N 284 
PRO HG2  H N N 285 
PRO HG3  H N N 286 
PRO HD2  H N N 287 
PRO HD3  H N N 288 
PRO HXT  H N N 289 
PTR N    N N N 290 
PTR CA   C N S 291 
PTR C    C N N 292 
PTR O    O N N 293 
PTR OXT  O N N 294 
PTR CB   C N N 295 
PTR CG   C Y N 296 
PTR CD1  C Y N 297 
PTR CD2  C Y N 298 
PTR CE1  C Y N 299 
PTR CE2  C Y N 300 
PTR CZ   C Y N 301 
PTR OH   O N N 302 
PTR P    P N N 303 
PTR O1P  O N N 304 
PTR O2P  O N N 305 
PTR O3P  O N N 306 
PTR H    H N N 307 
PTR H2   H N N 308 
PTR HA   H N N 309 
PTR HXT  H N N 310 
PTR HB2  H N N 311 
PTR HB3  H N N 312 
PTR HD1  H N N 313 
PTR HD2  H N N 314 
PTR HE1  H N N 315 
PTR HE2  H N N 316 
PTR HO2P H N N 317 
PTR HO3P H N N 318 
SER N    N N N 319 
SER CA   C N S 320 
SER C    C N N 321 
SER O    O N N 322 
SER CB   C N N 323 
SER OG   O N N 324 
SER OXT  O N N 325 
SER H    H N N 326 
SER H2   H N N 327 
SER HA   H N N 328 
SER HB2  H N N 329 
SER HB3  H N N 330 
SER HG   H N N 331 
SER HXT  H N N 332 
THR N    N N N 333 
THR CA   C N S 334 
THR C    C N N 335 
THR O    O N N 336 
THR CB   C N R 337 
THR OG1  O N N 338 
THR CG2  C N N 339 
THR OXT  O N N 340 
THR H    H N N 341 
THR H2   H N N 342 
THR HA   H N N 343 
THR HB   H N N 344 
THR HG1  H N N 345 
THR HG21 H N N 346 
THR HG22 H N N 347 
THR HG23 H N N 348 
THR HXT  H N N 349 
TRP N    N N N 350 
TRP CA   C N S 351 
TRP C    C N N 352 
TRP O    O N N 353 
TRP CB   C N N 354 
TRP CG   C Y N 355 
TRP CD1  C Y N 356 
TRP CD2  C Y N 357 
TRP NE1  N Y N 358 
TRP CE2  C Y N 359 
TRP CE3  C Y N 360 
TRP CZ2  C Y N 361 
TRP CZ3  C Y N 362 
TRP CH2  C Y N 363 
TRP OXT  O N N 364 
TRP H    H N N 365 
TRP H2   H N N 366 
TRP HA   H N N 367 
TRP HB2  H N N 368 
TRP HB3  H N N 369 
TRP HD1  H N N 370 
TRP HE1  H N N 371 
TRP HE3  H N N 372 
TRP HZ2  H N N 373 
TRP HZ3  H N N 374 
TRP HH2  H N N 375 
TRP HXT  H N N 376 
TYR N    N N N 377 
TYR CA   C N S 378 
TYR C    C N N 379 
TYR O    O N N 380 
TYR CB   C N N 381 
TYR CG   C Y N 382 
TYR CD1  C Y N 383 
TYR CD2  C Y N 384 
TYR CE1  C Y N 385 
TYR CE2  C Y N 386 
TYR CZ   C Y N 387 
TYR OH   O N N 388 
TYR OXT  O N N 389 
TYR H    H N N 390 
TYR H2   H N N 391 
TYR HA   H N N 392 
TYR HB2  H N N 393 
TYR HB3  H N N 394 
TYR HD1  H N N 395 
TYR HD2  H N N 396 
TYR HE1  H N N 397 
TYR HE2  H N N 398 
TYR HH   H N N 399 
TYR HXT  H N N 400 
VAL N    N N N 401 
VAL CA   C N S 402 
VAL C    C N N 403 
VAL O    O N N 404 
VAL CB   C N N 405 
VAL CG1  C N N 406 
VAL CG2  C N N 407 
VAL OXT  O N N 408 
VAL H    H N N 409 
VAL H2   H N N 410 
VAL HA   H N N 411 
VAL HB   H N N 412 
VAL HG11 H N N 413 
VAL HG12 H N N 414 
VAL HG13 H N N 415 
VAL HG21 H N N 416 
VAL HG22 H N N 417 
VAL HG23 H N N 418 
VAL HXT  H N N 419 
# 
loop_
_chem_comp_bond.comp_id 
_chem_comp_bond.atom_id_1 
_chem_comp_bond.atom_id_2 
_chem_comp_bond.value_order 
_chem_comp_bond.pdbx_aromatic_flag 
_chem_comp_bond.pdbx_stereo_config 
_chem_comp_bond.pdbx_ordinal 
ALA N   CA   sing N N 1   
ALA N   H    sing N N 2   
ALA N   H2   sing N N 3   
ALA CA  C    sing N N 4   
ALA CA  CB   sing N N 5   
ALA CA  HA   sing N N 6   
ALA C   O    doub N N 7   
ALA C   OXT  sing N N 8   
ALA CB  HB1  sing N N 9   
ALA CB  HB2  sing N N 10  
ALA CB  HB3  sing N N 11  
ALA OXT HXT  sing N N 12  
ARG N   CA   sing N N 13  
ARG N   H    sing N N 14  
ARG N   H2   sing N N 15  
ARG CA  C    sing N N 16  
ARG CA  CB   sing N N 17  
ARG CA  HA   sing N N 18  
ARG C   O    doub N N 19  
ARG C   OXT  sing N N 20  
ARG CB  CG   sing N N 21  
ARG CB  HB2  sing N N 22  
ARG CB  HB3  sing N N 23  
ARG CG  CD   sing N N 24  
ARG CG  HG2  sing N N 25  
ARG CG  HG3  sing N N 26  
ARG CD  NE   sing N N 27  
ARG CD  HD2  sing N N 28  
ARG CD  HD3  sing N N 29  
ARG NE  CZ   sing N N 30  
ARG NE  HE   sing N N 31  
ARG CZ  NH1  sing N N 32  
ARG CZ  NH2  doub N N 33  
ARG NH1 HH11 sing N N 34  
ARG NH1 HH12 sing N N 35  
ARG NH2 HH21 sing N N 36  
ARG NH2 HH22 sing N N 37  
ARG OXT HXT  sing N N 38  
ASN N   CA   sing N N 39  
ASN N   H    sing N N 40  
ASN N   H2   sing N N 41  
ASN CA  C    sing N N 42  
ASN CA  CB   sing N N 43  
ASN CA  HA   sing N N 44  
ASN C   O    doub N N 45  
ASN C   OXT  sing N N 46  
ASN CB  CG   sing N N 47  
ASN CB  HB2  sing N N 48  
ASN CB  HB3  sing N N 49  
ASN CG  OD1  doub N N 50  
ASN CG  ND2  sing N N 51  
ASN ND2 HD21 sing N N 52  
ASN ND2 HD22 sing N N 53  
ASN OXT HXT  sing N N 54  
ASP N   CA   sing N N 55  
ASP N   H    sing N N 56  
ASP N   H2   sing N N 57  
ASP CA  C    sing N N 58  
ASP CA  CB   sing N N 59  
ASP CA  HA   sing N N 60  
ASP C   O    doub N N 61  
ASP C   OXT  sing N N 62  
ASP CB  CG   sing N N 63  
ASP CB  HB2  sing N N 64  
ASP CB  HB3  sing N N 65  
ASP CG  OD1  doub N N 66  
ASP CG  OD2  sing N N 67  
ASP OD2 HD2  sing N N 68  
ASP OXT HXT  sing N N 69  
CYS N   CA   sing N N 70  
CYS N   H    sing N N 71  
CYS N   H2   sing N N 72  
CYS CA  C    sing N N 73  
CYS CA  CB   sing N N 74  
CYS CA  HA   sing N N 75  
CYS C   O    doub N N 76  
CYS C   OXT  sing N N 77  
CYS CB  SG   sing N N 78  
CYS CB  HB2  sing N N 79  
CYS CB  HB3  sing N N 80  
CYS SG  HG   sing N N 81  
CYS OXT HXT  sing N N 82  
GLN N   CA   sing N N 83  
GLN N   H    sing N N 84  
GLN N   H2   sing N N 85  
GLN CA  C    sing N N 86  
GLN CA  CB   sing N N 87  
GLN CA  HA   sing N N 88  
GLN C   O    doub N N 89  
GLN C   OXT  sing N N 90  
GLN CB  CG   sing N N 91  
GLN CB  HB2  sing N N 92  
GLN CB  HB3  sing N N 93  
GLN CG  CD   sing N N 94  
GLN CG  HG2  sing N N 95  
GLN CG  HG3  sing N N 96  
GLN CD  OE1  doub N N 97  
GLN CD  NE2  sing N N 98  
GLN NE2 HE21 sing N N 99  
GLN NE2 HE22 sing N N 100 
GLN OXT HXT  sing N N 101 
GLU N   CA   sing N N 102 
GLU N   H    sing N N 103 
GLU N   H2   sing N N 104 
GLU CA  C    sing N N 105 
GLU CA  CB   sing N N 106 
GLU CA  HA   sing N N 107 
GLU C   O    doub N N 108 
GLU C   OXT  sing N N 109 
GLU CB  CG   sing N N 110 
GLU CB  HB2  sing N N 111 
GLU CB  HB3  sing N N 112 
GLU CG  CD   sing N N 113 
GLU CG  HG2  sing N N 114 
GLU CG  HG3  sing N N 115 
GLU CD  OE1  doub N N 116 
GLU CD  OE2  sing N N 117 
GLU OE2 HE2  sing N N 118 
GLU OXT HXT  sing N N 119 
GLY N   CA   sing N N 120 
GLY N   H    sing N N 121 
GLY N   H2   sing N N 122 
GLY CA  C    sing N N 123 
GLY CA  HA2  sing N N 124 
GLY CA  HA3  sing N N 125 
GLY C   O    doub N N 126 
GLY C   OXT  sing N N 127 
GLY OXT HXT  sing N N 128 
HIS N   CA   sing N N 129 
HIS N   H    sing N N 130 
HIS N   H2   sing N N 131 
HIS CA  C    sing N N 132 
HIS CA  CB   sing N N 133 
HIS CA  HA   sing N N 134 
HIS C   O    doub N N 135 
HIS C   OXT  sing N N 136 
HIS CB  CG   sing N N 137 
HIS CB  HB2  sing N N 138 
HIS CB  HB3  sing N N 139 
HIS CG  ND1  sing Y N 140 
HIS CG  CD2  doub Y N 141 
HIS ND1 CE1  doub Y N 142 
HIS ND1 HD1  sing N N 143 
HIS CD2 NE2  sing Y N 144 
HIS CD2 HD2  sing N N 145 
HIS CE1 NE2  sing Y N 146 
HIS CE1 HE1  sing N N 147 
HIS NE2 HE2  sing N N 148 
HIS OXT HXT  sing N N 149 
HOH O   H1   sing N N 150 
HOH O   H2   sing N N 151 
ILE N   CA   sing N N 152 
ILE N   H    sing N N 153 
ILE N   H2   sing N N 154 
ILE CA  C    sing N N 155 
ILE CA  CB   sing N N 156 
ILE CA  HA   sing N N 157 
ILE C   O    doub N N 158 
ILE C   OXT  sing N N 159 
ILE CB  CG1  sing N N 160 
ILE CB  CG2  sing N N 161 
ILE CB  HB   sing N N 162 
ILE CG1 CD1  sing N N 163 
ILE CG1 HG12 sing N N 164 
ILE CG1 HG13 sing N N 165 
ILE CG2 HG21 sing N N 166 
ILE CG2 HG22 sing N N 167 
ILE CG2 HG23 sing N N 168 
ILE CD1 HD11 sing N N 169 
ILE CD1 HD12 sing N N 170 
ILE CD1 HD13 sing N N 171 
ILE OXT HXT  sing N N 172 
LEU N   CA   sing N N 173 
LEU N   H    sing N N 174 
LEU N   H2   sing N N 175 
LEU CA  C    sing N N 176 
LEU CA  CB   sing N N 177 
LEU CA  HA   sing N N 178 
LEU C   O    doub N N 179 
LEU C   OXT  sing N N 180 
LEU CB  CG   sing N N 181 
LEU CB  HB2  sing N N 182 
LEU CB  HB3  sing N N 183 
LEU CG  CD1  sing N N 184 
LEU CG  CD2  sing N N 185 
LEU CG  HG   sing N N 186 
LEU CD1 HD11 sing N N 187 
LEU CD1 HD12 sing N N 188 
LEU CD1 HD13 sing N N 189 
LEU CD2 HD21 sing N N 190 
LEU CD2 HD22 sing N N 191 
LEU CD2 HD23 sing N N 192 
LEU OXT HXT  sing N N 193 
LYS N   CA   sing N N 194 
LYS N   H    sing N N 195 
LYS N   H2   sing N N 196 
LYS CA  C    sing N N 197 
LYS CA  CB   sing N N 198 
LYS CA  HA   sing N N 199 
LYS C   O    doub N N 200 
LYS C   OXT  sing N N 201 
LYS CB  CG   sing N N 202 
LYS CB  HB2  sing N N 203 
LYS CB  HB3  sing N N 204 
LYS CG  CD   sing N N 205 
LYS CG  HG2  sing N N 206 
LYS CG  HG3  sing N N 207 
LYS CD  CE   sing N N 208 
LYS CD  HD2  sing N N 209 
LYS CD  HD3  sing N N 210 
LYS CE  NZ   sing N N 211 
LYS CE  HE2  sing N N 212 
LYS CE  HE3  sing N N 213 
LYS NZ  HZ1  sing N N 214 
LYS NZ  HZ2  sing N N 215 
LYS NZ  HZ3  sing N N 216 
LYS OXT HXT  sing N N 217 
MET N   CA   sing N N 218 
MET N   H    sing N N 219 
MET N   H2   sing N N 220 
MET CA  C    sing N N 221 
MET CA  CB   sing N N 222 
MET CA  HA   sing N N 223 
MET C   O    doub N N 224 
MET C   OXT  sing N N 225 
MET CB  CG   sing N N 226 
MET CB  HB2  sing N N 227 
MET CB  HB3  sing N N 228 
MET CG  SD   sing N N 229 
MET CG  HG2  sing N N 230 
MET CG  HG3  sing N N 231 
MET SD  CE   sing N N 232 
MET CE  HE1  sing N N 233 
MET CE  HE2  sing N N 234 
MET CE  HE3  sing N N 235 
MET OXT HXT  sing N N 236 
PHE N   CA   sing N N 237 
PHE N   H    sing N N 238 
PHE N   H2   sing N N 239 
PHE CA  C    sing N N 240 
PHE CA  CB   sing N N 241 
PHE CA  HA   sing N N 242 
PHE C   O    doub N N 243 
PHE C   OXT  sing N N 244 
PHE CB  CG   sing N N 245 
PHE CB  HB2  sing N N 246 
PHE CB  HB3  sing N N 247 
PHE CG  CD1  doub Y N 248 
PHE CG  CD2  sing Y N 249 
PHE CD1 CE1  sing Y N 250 
PHE CD1 HD1  sing N N 251 
PHE CD2 CE2  doub Y N 252 
PHE CD2 HD2  sing N N 253 
PHE CE1 CZ   doub Y N 254 
PHE CE1 HE1  sing N N 255 
PHE CE2 CZ   sing Y N 256 
PHE CE2 HE2  sing N N 257 
PHE CZ  HZ   sing N N 258 
PHE OXT HXT  sing N N 259 
PRO N   CA   sing N N 260 
PRO N   CD   sing N N 261 
PRO N   H    sing N N 262 
PRO CA  C    sing N N 263 
PRO CA  CB   sing N N 264 
PRO CA  HA   sing N N 265 
PRO C   O    doub N N 266 
PRO C   OXT  sing N N 267 
PRO CB  CG   sing N N 268 
PRO CB  HB2  sing N N 269 
PRO CB  HB3  sing N N 270 
PRO CG  CD   sing N N 271 
PRO CG  HG2  sing N N 272 
PRO CG  HG3  sing N N 273 
PRO CD  HD2  sing N N 274 
PRO CD  HD3  sing N N 275 
PRO OXT HXT  sing N N 276 
PTR N   CA   sing N N 277 
PTR N   H    sing N N 278 
PTR N   H2   sing N N 279 
PTR CA  C    sing N N 280 
PTR CA  CB   sing N N 281 
PTR CA  HA   sing N N 282 
PTR C   O    doub N N 283 
PTR C   OXT  sing N N 284 
PTR OXT HXT  sing N N 285 
PTR CB  CG   sing N N 286 
PTR CB  HB2  sing N N 287 
PTR CB  HB3  sing N N 288 
PTR CG  CD1  doub Y N 289 
PTR CG  CD2  sing Y N 290 
PTR CD1 CE1  sing Y N 291 
PTR CD1 HD1  sing N N 292 
PTR CD2 CE2  doub Y N 293 
PTR CD2 HD2  sing N N 294 
PTR CE1 CZ   doub Y N 295 
PTR CE1 HE1  sing N N 296 
PTR CE2 CZ   sing Y N 297 
PTR CE2 HE2  sing N N 298 
PTR CZ  OH   sing N N 299 
PTR OH  P    sing N N 300 
PTR P   O1P  doub N N 301 
PTR P   O2P  sing N N 302 
PTR P   O3P  sing N N 303 
PTR O2P HO2P sing N N 304 
PTR O3P HO3P sing N N 305 
SER N   CA   sing N N 306 
SER N   H    sing N N 307 
SER N   H2   sing N N 308 
SER CA  C    sing N N 309 
SER CA  CB   sing N N 310 
SER CA  HA   sing N N 311 
SER C   O    doub N N 312 
SER C   OXT  sing N N 313 
SER CB  OG   sing N N 314 
SER CB  HB2  sing N N 315 
SER CB  HB3  sing N N 316 
SER OG  HG   sing N N 317 
SER OXT HXT  sing N N 318 
THR N   CA   sing N N 319 
THR N   H    sing N N 320 
THR N   H2   sing N N 321 
THR CA  C    sing N N 322 
THR CA  CB   sing N N 323 
THR CA  HA   sing N N 324 
THR C   O    doub N N 325 
THR C   OXT  sing N N 326 
THR CB  OG1  sing N N 327 
THR CB  CG2  sing N N 328 
THR CB  HB   sing N N 329 
THR OG1 HG1  sing N N 330 
THR CG2 HG21 sing N N 331 
THR CG2 HG22 sing N N 332 
THR CG2 HG23 sing N N 333 
THR OXT HXT  sing N N 334 
TRP N   CA   sing N N 335 
TRP N   H    sing N N 336 
TRP N   H2   sing N N 337 
TRP CA  C    sing N N 338 
TRP CA  CB   sing N N 339 
TRP CA  HA   sing N N 340 
TRP C   O    doub N N 341 
TRP C   OXT  sing N N 342 
TRP CB  CG   sing N N 343 
TRP CB  HB2  sing N N 344 
TRP CB  HB3  sing N N 345 
TRP CG  CD1  doub Y N 346 
TRP CG  CD2  sing Y N 347 
TRP CD1 NE1  sing Y N 348 
TRP CD1 HD1  sing N N 349 
TRP CD2 CE2  doub Y N 350 
TRP CD2 CE3  sing Y N 351 
TRP NE1 CE2  sing Y N 352 
TRP NE1 HE1  sing N N 353 
TRP CE2 CZ2  sing Y N 354 
TRP CE3 CZ3  doub Y N 355 
TRP CE3 HE3  sing N N 356 
TRP CZ2 CH2  doub Y N 357 
TRP CZ2 HZ2  sing N N 358 
TRP CZ3 CH2  sing Y N 359 
TRP CZ3 HZ3  sing N N 360 
TRP CH2 HH2  sing N N 361 
TRP OXT HXT  sing N N 362 
TYR N   CA   sing N N 363 
TYR N   H    sing N N 364 
TYR N   H2   sing N N 365 
TYR CA  C    sing N N 366 
TYR CA  CB   sing N N 367 
TYR CA  HA   sing N N 368 
TYR C   O    doub N N 369 
TYR C   OXT  sing N N 370 
TYR CB  CG   sing N N 371 
TYR CB  HB2  sing N N 372 
TYR CB  HB3  sing N N 373 
TYR CG  CD1  doub Y N 374 
TYR CG  CD2  sing Y N 375 
TYR CD1 CE1  sing Y N 376 
TYR CD1 HD1  sing N N 377 
TYR CD2 CE2  doub Y N 378 
TYR CD2 HD2  sing N N 379 
TYR CE1 CZ   doub Y N 380 
TYR CE1 HE1  sing N N 381 
TYR CE2 CZ   sing Y N 382 
TYR CE2 HE2  sing N N 383 
TYR CZ  OH   sing N N 384 
TYR OH  HH   sing N N 385 
TYR OXT HXT  sing N N 386 
VAL N   CA   sing N N 387 
VAL N   H    sing N N 388 
VAL N   H2   sing N N 389 
VAL CA  C    sing N N 390 
VAL CA  CB   sing N N 391 
VAL CA  HA   sing N N 392 
VAL C   O    doub N N 393 
VAL C   OXT  sing N N 394 
VAL CB  CG1  sing N N 395 
VAL CB  CG2  sing N N 396 
VAL CB  HB   sing N N 397 
VAL CG1 HG11 sing N N 398 
VAL CG1 HG12 sing N N 399 
VAL CG1 HG13 sing N N 400 
VAL CG2 HG21 sing N N 401 
VAL CG2 HG22 sing N N 402 
VAL CG2 HG23 sing N N 403 
VAL OXT HXT  sing N N 404 
# 
_pdbx_initial_refinement_model.id               1 
_pdbx_initial_refinement_model.entity_id_list   ? 
_pdbx_initial_refinement_model.type             'experimental model' 
_pdbx_initial_refinement_model.source_name      PDB 
_pdbx_initial_refinement_model.accession_code   1PIC 
_pdbx_initial_refinement_model.details          'PDB ENTRY 1PIC' 
# 
_atom_sites.entry_id                    1H9O 
_atom_sites.fract_transf_matrix[1][1]   0.01059565 
_atom_sites.fract_transf_matrix[1][2]   0.01326320 
_atom_sites.fract_transf_matrix[1][3]   -0.00157405 
_atom_sites.fract_transf_matrix[2][1]   0.02106232 
_atom_sites.fract_transf_matrix[2][2]   -0.01489809 
_atom_sites.fract_transf_matrix[2][3]   0.01624635 
_atom_sites.fract_transf_matrix[3][1]   0.00795894 
_atom_sites.fract_transf_matrix[3][2]   -0.00565499 
_atom_sites.fract_transf_matrix[3][3]   -0.01550393 
_atom_sites.fract_transf_vector[1]      0.190769 
_atom_sites.fract_transf_vector[2]      0.070248 
_atom_sites.fract_transf_vector[3]      0.248345 
# 
loop_
_atom_type.symbol 
C 
N 
O 
P 
S 
# 
loop_
_atom_site.group_PDB 
_atom_site.id 
_atom_site.type_symbol 
_atom_site.label_atom_id 
_atom_site.label_alt_id 
_atom_site.label_comp_id 
_atom_site.label_asym_id 
_atom_site.label_entity_id 
_atom_site.label_seq_id 
_atom_site.pdbx_PDB_ins_code 
_atom_site.Cartn_x 
_atom_site.Cartn_y 
_atom_site.Cartn_z 
_atom_site.occupancy 
_atom_site.B_iso_or_equiv 
_atom_site.pdbx_formal_charge 
_atom_site.auth_seq_id 
_atom_site.auth_comp_id 
_atom_site.auth_asym_id 
_atom_site.auth_atom_id 
_atom_site.pdbx_PDB_model_num 
ATOM   1    N N   . GLY A 1 1   ? -18.954 12.145  -0.441  1.00   42.86 ? 1    GLY A N   1 
ATOM   2    C CA  . GLY A 1 1   ? -17.620 12.793  -0.586  1.00   42.06 ? 1    GLY A CA  1 
ATOM   3    C C   . GLY A 1 1   ? -16.654 12.209  0.463   1.00   41.56 ? 1    GLY A C   1 
ATOM   4    O O   . GLY A 1 1   ? -15.608 11.637  0.138   1.00   41.60 ? 1    GLY A O   1 
ATOM   5    N N   . SER A 1 2   ? -16.990 12.461  1.728   1.00   40.36 ? 2    SER A N   1 
ATOM   6    C CA  . SER A 1 2   ? -16.356 11.918  2.905   1.00   38.29 ? 2    SER A CA  1 
ATOM   7    C C   . SER A 1 2   ? -17.417 11.227  3.740   1.00   36.20 ? 2    SER A C   1 
ATOM   8    O O   . SER A 1 2   ? -18.638 11.435  3.561   1.00   36.54 ? 2    SER A O   1 
ATOM   9    C CB  . SER A 1 2   ? -15.814 13.088  3.752   1.00   39.54 ? 2    SER A CB  1 
ATOM   10   O OG  . SER A 1 2   ? -14.699 13.752  3.162   1.00   41.32 ? 2    SER A OG  1 
ATOM   11   N N   . PRO A 1 3   ? -16.955 10.412  4.676   1.00   32.61 ? 3    PRO A N   1 
ATOM   12   C CA  . PRO A 1 3   ? -15.525 10.154  4.827   1.00   29.40 ? 3    PRO A CA  1 
ATOM   13   C C   . PRO A 1 3   ? -15.036 9.342   3.629   1.00   25.59 ? 3    PRO A C   1 
ATOM   14   O O   . PRO A 1 3   ? -15.850 8.695   2.966   1.00   24.37 ? 3    PRO A O   1 
ATOM   15   C CB  . PRO A 1 3   ? -15.453 9.312   6.096   1.00   29.54 ? 3    PRO A CB  1 
ATOM   16   C CG  . PRO A 1 3   ? -16.802 9.404   6.736   1.00   32.53 ? 3    PRO A CG  1 
ATOM   17   C CD  . PRO A 1 3   ? -17.767 9.668   5.651   1.00   33.34 ? 3    PRO A CD  1 
ATOM   18   N N   . ILE A 1 4   ? -13.743 9.409   3.338   1.00   21.47 ? 4    ILE A N   1 
ATOM   19   C CA  . ILE A 1 4   ? -13.153 8.655   2.231   1.00   20.12 ? 4    ILE A CA  1 
ATOM   20   C C   . ILE A 1 4   ? -13.236 7.175   2.530   1.00   19.15 ? 4    ILE A C   1 
ATOM   21   O O   . ILE A 1 4   ? -13.286 6.789   3.691   1.00   17.10 ? 4    ILE A O   1 
ATOM   22   C CB  . ILE A 1 4   ? -11.737 9.111   1.966   1.00   20.02 ? 4    ILE A CB  1 
ATOM   23   C CG1 . ILE A 1 4   ? -10.807 8.997   3.178   1.00   18.49 ? 4    ILE A CG1 1 
ATOM   24   C CG2 . ILE A 1 4   ? -11.789 10.553  1.515   1.00   21.82 ? 4    ILE A CG2 1 
ATOM   25   C CD1 . ILE A 1 4   ? -9.341  9.213   2.795   1.00   19.33 ? 4    ILE A CD1 1 
ATOM   26   N N   . PRO A 1 5   ? -13.269 6.342   1.504   1.00   18.98 ? 5    PRO A N   1 
ATOM   27   C CA  . PRO A 1 5   ? -13.436 4.887   1.704   1.00   18.96 ? 5    PRO A CA  1 
ATOM   28   C C   . PRO A 1 5   ? -12.331 4.188   2.502   1.00   17.19 ? 5    PRO A C   1 
ATOM   29   O O   . PRO A 1 5   ? -12.564 3.119   3.040   1.00   17.68 ? 5    PRO A O   1 
ATOM   30   C CB  . PRO A 1 5   ? -13.530 4.325   0.275   1.00   18.79 ? 5    PRO A CB  1 
ATOM   31   C CG  . PRO A 1 5   ? -12.983 5.311   -0.583  1.00   21.13 ? 5    PRO A CG  1 
ATOM   32   C CD  . PRO A 1 5   ? -13.155 6.686   0.077   1.00   19.68 ? 5    PRO A CD  1 
ATOM   33   N N   . HIS A 1 6   ? -11.157 4.803   2.578   1.00   16.92 ? 6    HIS A N   1 
ATOM   34   C CA  . HIS A 1 6   ? -10.014 4.266   3.250   1.00   16.38 ? 6    HIS A CA  1 
ATOM   35   C C   . HIS A 1 6   ? -10.315 4.014   4.719   1.00   16.08 ? 6    HIS A C   1 
ATOM   36   O O   . HIS A 1 6   ? -9.681  3.175   5.317   1.00   15.22 ? 6    HIS A O   1 
ATOM   37   C CB  . HIS A 1 6   ? -8.810  5.189   3.139   1.00   16.14 ? 6    HIS A CB  1 
ATOM   38   C CG  . HIS A 1 6   ? -8.536  5.642   1.742   1.00   17.40 ? 6    HIS A CG  1 
ATOM   39   N ND1 . HIS A 1 6   ? -7.321  5.463   1.118   1.00   18.14 ? 6    HIS A ND1 1 
ATOM   40   C CD2 . HIS A 1 6   ? -9.339  6.232   0.837   1.00   16.81 ? 6    HIS A CD2 1 
ATOM   41   C CE1 . HIS A 1 6   ? -7.384  5.959   -0.103  1.00   18.36 ? 6    HIS A CE1 1 
ATOM   42   N NE2 . HIS A 1 6   ? -8.612  6.396   -0.308  1.00   20.21 ? 6    HIS A NE2 1 
ATOM   43   N N   . HIS A 1 7   ? -11.294 4.717   5.296   1.00   15.29 ? 7    HIS A N   1 
ATOM   44   C CA  . HIS A 1 7   ? -11.668 4.484   6.684   1.00   14.66 ? 7    HIS A CA  1 
ATOM   45   C C   . HIS A 1 7   ? -12.293 3.115   6.989   1.00   16.03 ? 7    HIS A C   1 
ATOM   46   O O   . HIS A 1 7   ? -12.272 2.667   8.151   1.00   17.04 ? 7    HIS A O   1 
ATOM   47   C CB  . HIS A 1 7   ? -12.525 5.609   7.200   1.00   14.29 ? 7    HIS A CB  1 
ATOM   48   C CG  . HIS A 1 7   ? -11.777 6.886   7.327   1.00   15.13 ? 7    HIS A CG  1 
ATOM   49   N ND1 . HIS A 1 7   ? -10.905 7.122   8.374   1.00   16.35 ? 7    HIS A ND1 1 
ATOM   50   C CD2 . HIS A 1 7   ? -11.703 7.962   6.520   1.00   14.72 ? 7    HIS A CD2 1 
ATOM   51   C CE1 . HIS A 1 7   ? -10.376 8.329   8.220   1.00   16.20 ? 7    HIS A CE1 1 
ATOM   52   N NE2 . HIS A 1 7   ? -10.843 8.853   7.106   1.00   15.39 ? 7    HIS A NE2 1 
ATOM   53   N N   . ASP A 1 8   ? -12.819 2.461   5.954   1.00   15.73 ? 8    ASP A N   1 
ATOM   54   C CA  . ASP A 1 8   ? -13.361 1.116   6.051   1.00   16.21 ? 8    ASP A CA  1 
ATOM   55   C C   . ASP A 1 8   ? -12.231 0.204   5.579   1.00   15.30 ? 8    ASP A C   1 
ATOM   56   O O   . ASP A 1 8   ? -11.957 0.100   4.367   1.00   12.73 ? 8    ASP A O   1 
ATOM   57   C CB  . ASP A 1 8   ? -14.549 0.966   5.147   1.00   18.62 ? 8    ASP A CB  1 
ATOM   58   C CG  . ASP A 1 8   ? -15.150 -0.434  5.184   1.00   19.79 ? 8    ASP A CG  1 
ATOM   59   O OD1 . ASP A 1 8   ? -14.636 -1.327  5.901   1.00   23.07 ? 8    ASP A OD1 1 
ATOM   60   O OD2 . ASP A 1 8   ? -16.156 -0.683  4.501   1.00   27.44 ? 8    ASP A OD2 1 
ATOM   61   N N   . GLU A 1 9   ? -11.504 -0.364  6.532   1.00   14.76 ? 9    GLU A N   1 
ATOM   62   C CA  . GLU A 1 9   ? -10.329 -1.148  6.196   1.00   15.23 ? 9    GLU A CA  1 
ATOM   63   C C   . GLU A 1 9   ? -10.645 -2.292  5.235   1.00   14.52 ? 9    GLU A C   1 
ATOM   64   O O   . GLU A 1 9   ? -9.766  -2.711  4.514   1.00   15.67 ? 9    GLU A O   1 
ATOM   65   C CB  . GLU A 1 9   ? -9.654  -1.652  7.491   1.00   15.71 ? 9    GLU A CB  1 
ATOM   66   C CG  . GLU A 1 9   ? -8.379  -2.360  7.306   1.00   19.69 ? 9    GLU A CG  1 
ATOM   67   C CD  . GLU A 1 9   ? -7.533  -2.402  8.576   1.00   24.42 ? 9    GLU A CD  1 
ATOM   68   O OE1 . GLU A 1 9   ? -7.706  -1.522  9.447   1.00   28.32 ? 9    GLU A OE1 1 
ATOM   69   O OE2 . GLU A 1 9   ? -6.741  -3.333  8.705   1.00   26.79 ? 9    GLU A OE2 1 
ATOM   70   N N   . LYS A 1 10  ? -11.864 -2.838  5.242   1.00   12.27 ? 10   LYS A N   1 
ATOM   71   C CA  . LYS A 1 10  ? -12.202 -3.883  4.308   1.00   15.07 ? 10   LYS A CA  1 
ATOM   72   C C   . LYS A 1 10  ? -12.067 -3.485  2.843   1.00   12.54 ? 10   LYS A C   1 
ATOM   73   O O   . LYS A 1 10  ? -11.916 -4.349  1.986   1.00   15.67 ? 10   LYS A O   1 
ATOM   74   C CB  . LYS A 1 10  ? -13.631 -4.406  4.535   1.00   15.40 ? 10   LYS A CB  1 
ATOM   75   C CG  . LYS A 1 10  ? -13.963 -4.699  6.016   1.00   23.09 ? 10   LYS A CG  1 
ATOM   76   C CD  . LYS A 1 10  ? -12.873 -5.455  6.771   1.00   29.38 ? 10   LYS A CD  1 
ATOM   77   C CE  . LYS A 1 10  ? -13.220 -6.969  6.974   1.00   33.85 ? 10   LYS A CE  1 
ATOM   78   N NZ  . LYS A 1 10  ? -12.003 -7.804  7.488   1.00   37.67 ? 10   LYS A NZ  1 
ATOM   79   N N   . THR A 1 11  ? -12.094 -2.213  2.519   1.00   12.64 ? 11   THR A N   1 
ATOM   80   C CA  . THR A 1 11  ? -11.966 -1.827  1.117   1.00   12.38 ? 11   THR A CA  1 
ATOM   81   C C   . THR A 1 11  ? -10.566 -2.013  0.537   1.00   12.42 ? 11   THR A C   1 
ATOM   82   O O   . THR A 1 11  ? -10.393 -2.108  -0.692  1.00   14.59 ? 11   THR A O   1 
ATOM   83   C CB  . THR A 1 11  ? -12.398 -0.395  0.859   1.00   13.03 ? 11   THR A CB  1 
ATOM   84   O OG1 . THR A 1 11  ? -11.562 0.539   1.560   1.00   13.79 ? 11   THR A OG1 1 
ATOM   85   C CG2 . THR A 1 11  ? -13.842 -0.186  1.372   1.00   16.61 ? 11   THR A CG2 1 
ATOM   86   N N   . TRP A 1 12  ? -9.563  -2.123  1.406   1.00   11.69 ? 12   TRP A N   1 
ATOM   87   C CA  . TRP A 1 12  ? -8.180  -2.250  0.917   1.00   10.30 ? 12   TRP A CA  1 
ATOM   88   C C   . TRP A 1 12  ? -7.338  -3.381  1.558   1.00   12.20 ? 12   TRP A C   1 
ATOM   89   O O   . TRP A 1 12  ? -6.345  -3.762  0.992   1.00   12.36 ? 12   TRP A O   1 
ATOM   90   C CB  . TRP A 1 12  ? -7.384  -0.937  0.998   1.00   10.99 ? 12   TRP A CB  1 
ATOM   91   C CG  . TRP A 1 12  ? -7.482  -0.284  2.351   1.00   10.05 ? 12   TRP A CG  1 
ATOM   92   C CD1 . TRP A 1 12  ? -8.360  0.667   2.699   1.00   13.22 ? 12   TRP A CD1 1 
ATOM   93   C CD2 . TRP A 1 12  ? -6.683  -0.540  3.502   1.00   10.36 ? 12   TRP A CD2 1 
ATOM   94   N NE1 . TRP A 1 12  ? -8.181  1.020   4.018   1.00   13.99 ? 12   TRP A NE1 1 
ATOM   95   C CE2 . TRP A 1 12  ? -7.144  0.282   4.522   1.00   11.51 ? 12   TRP A CE2 1 
ATOM   96   C CE3 . TRP A 1 12  ? -5.625  -1.397  3.783   1.00   11.45 ? 12   TRP A CE3 1 
ATOM   97   C CZ2 . TRP A 1 12  ? -6.578  0.284   5.779   1.00   11.69 ? 12   TRP A CZ2 1 
ATOM   98   C CZ3 . TRP A 1 12  ? -5.108  -1.411  5.033   1.00   12.17 ? 12   TRP A CZ3 1 
ATOM   99   C CH2 . TRP A 1 12  ? -5.569  -0.588  6.023   1.00   13.08 ? 12   TRP A CH2 1 
ATOM   100  N N   . ASN A 1 13  ? -7.701  -3.872  2.719   1.00   12.17 ? 13   ASN A N   1 
ATOM   101  C CA  . ASN A 1 13  ? -6.962  -4.935  3.419   1.00   14.27 ? 13   ASN A CA  1 
ATOM   102  C C   . ASN A 1 13  ? -7.471  -6.284  3.027   1.00   14.69 ? 13   ASN A C   1 
ATOM   103  O O   . ASN A 1 13  ? -8.560  -6.730  3.462   1.00   15.53 ? 13   ASN A O   1 
ATOM   104  C CB  . ASN A 1 13  ? -6.955  -4.732  4.960   1.00   13.92 ? 13   ASN A CB  1 
ATOM   105  C CG  . ASN A 1 13  ? -5.951  -5.669  5.687   1.00   17.65 ? 13   ASN A CG  1 
ATOM   106  O OD1 . ASN A 1 13  ? -5.578  -6.737  5.163   1.00   20.98 ? 13   ASN A OD1 1 
ATOM   107  N ND2 . ASN A 1 13  ? -5.555  -5.295  6.892   1.00   16.65 ? 13   ASN A ND2 1 
ATOM   108  N N   . VAL A 1 14  ? -6.670  -6.951  2.209   1.00   15.31 ? 14   VAL A N   1 
ATOM   109  C CA  . VAL A 1 14  ? -7.077  -8.220  1.650   1.00   17.35 ? 14   VAL A CA  1 
ATOM   110  C C   . VAL A 1 14  ? -6.448  -9.432  2.343   1.00   18.96 ? 14   VAL A C   1 
ATOM   111  O O   . VAL A 1 14  ? -6.406  -10.525 1.776   1.00   21.19 ? 14   VAL A O   1 
ATOM   112  C CB  . VAL A 1 14  ? -6.886  -8.275  0.142   1.00   18.22 ? 14   VAL A CB  1 
ATOM   113  C CG1 . VAL A 1 14  ? -7.696  -7.196  -0.583  1.00   18.31 ? 14   VAL A CG1 1 
ATOM   114  C CG2 . VAL A 1 14  ? -5.472  -8.199  -0.292  1.00   20.15 ? 14   VAL A CG2 1 
ATOM   115  N N   . GLY A 1 15  ? -5.955  -9.222  3.556   1.00   20.83 ? 15   GLY A N   1 
ATOM   116  C CA  . GLY A 1 15  ? -5.390  -10.277 4.395   1.00   22.85 ? 15   GLY A CA  1 
ATOM   117  C C   . GLY A 1 15  ? -4.288  -11.136 3.778   1.00   24.56 ? 15   GLY A C   1 
ATOM   118  O O   . GLY A 1 15  ? -3.360  -10.637 3.191   1.00   22.32 ? 15   GLY A O   1 
ATOM   119  N N   . SER A 1 16  ? -4.438  -12.457 3.893   1.00   26.52 ? 16   SER A N   1 
ATOM   120  C CA  . SER A 1 16  ? -3.482  -13.417 3.370   1.00   29.21 ? 16   SER A CA  1 
ATOM   121  C C   . SER A 1 16  ? -3.848  -13.678 1.919   1.00   29.19 ? 16   SER A C   1 
ATOM   122  O O   . SER A 1 16  ? -4.513  -14.656 1.609   1.00   33.49 ? 16   SER A O   1 
ATOM   123  C CB  . SER A 1 16  ? -3.576  -14.727 4.166   1.00   29.77 ? 16   SER A CB  1 
ATOM   124  O OG  . SER A 1 16  ? -3.633  -14.449 5.547   1.00   33.62 ? 16   SER A OG  1 
ATOM   125  N N   . SER A 1 17  ? -3.547  -12.729 1.066   1.00   28.38 ? 17   SER A N   1 
ATOM   126  C CA  . SER A 1 17  ? -3.725  -12.827 -0.355  1.00   26.94 ? 17   SER A CA  1 
ATOM   127  C C   . SER A 1 17  ? -2.282  -12.791 -0.816  1.00   26.07 ? 17   SER A C   1 
ATOM   128  O O   . SER A 1 17  ? -1.502  -11.993 -0.285  1.00   26.12 ? 17   SER A O   1 
ATOM   129  C CB  A SER A 1 17  ? -4.490  -11.623 -0.892  0.50   27.38 ? 17   SER A CB  1 
ATOM   130  C CB  B SER A 1 17  ? -4.467  -11.608 -0.892  0.50   27.48 ? 17   SER A CB  1 
ATOM   131  O OG  A SER A 1 17  ? -5.895  -11.784 -0.733  0.50   27.17 ? 17   SER A OG  1 
ATOM   132  O OG  B SER A 1 17  ? -4.308  -11.467 -2.301  0.50   28.47 ? 17   SER A OG  1 
ATOM   133  N N   . ASN A 1 18  ? -1.934  -13.616 -1.792  1.00   23.34 ? 18   ASN A N   1 
ATOM   134  C CA  . ASN A 1 18  ? -0.591  -13.655 -2.312  1.00   22.15 ? 18   ASN A CA  1 
ATOM   135  C C   . ASN A 1 18  ? -0.408  -12.680 -3.496  1.00   20.32 ? 18   ASN A C   1 
ATOM   136  O O   . ASN A 1 18  ? -1.343  -12.032 -3.928  1.00   18.88 ? 18   ASN A O   1 
ATOM   137  C CB  . ASN A 1 18  ? -0.171  -15.102 -2.650  1.00   22.67 ? 18   ASN A CB  1 
ATOM   138  C CG  . ASN A 1 18  ? -0.875  -15.690 -3.878  1.00   24.04 ? 18   ASN A CG  1 
ATOM   139  O OD1 . ASN A 1 18  ? -1.500  -14.999 -4.691  1.00   25.26 ? 18   ASN A OD1 1 
ATOM   140  N ND2 . ASN A 1 18  ? -0.745  -17.022 -4.024  1.00   26.15 ? 18   ASN A ND2 1 
ATOM   141  N N   . ARG A 1 19  ? 0.810   -12.559 -3.984  1.00   18.62 ? 19   ARG A N   1 
ATOM   142  C CA  . ARG A 1 19  ? 1.123   -11.653 -5.084  1.00   16.92 ? 19   ARG A CA  1 
ATOM   143  C C   . ARG A 1 19  ? 0.270   -11.881 -6.311  1.00   17.17 ? 19   ARG A C   1 
ATOM   144  O O   . ARG A 1 19  ? -0.251  -10.956 -6.901  1.00   16.33 ? 19   ARG A O   1 
ATOM   145  C CB  . ARG A 1 19  ? 2.577   -11.767 -5.504  1.00   16.22 ? 19   ARG A CB  1 
ATOM   146  C CG  . ARG A 1 19  ? 2.915   -10.744 -6.566  1.00   18.90 ? 19   ARG A CG  1 
ATOM   147  C CD  . ARG A 1 19  ? 4.336   -10.806 -7.049  1.00   19.59 ? 19   ARG A CD  1 
ATOM   148  N NE  . ARG A 1 19  ? 5.197   -10.280 -6.011  1.00   19.59 ? 19   ARG A NE  1 
ATOM   149  C CZ  . ARG A 1 19  ? 6.336   -9.660  -6.225  1.00   23.15 ? 19   ARG A CZ  1 
ATOM   150  N NH1 . ARG A 1 19  ? 6.811   -9.560  -7.468  1.00   24.96 ? 19   ARG A NH1 1 
ATOM   151  N NH2 . ARG A 1 19  ? 7.025   -9.187  -5.196  1.00   18.97 ? 19   ARG A NH2 1 
ATOM   152  N N   . ASN A 1 20  ? 0.158   -13.119 -6.741  1.00   19.76 ? 20   ASN A N   1 
ATOM   153  C CA  . ASN A 1 20  ? -0.608  -13.381 -7.949  1.00   20.08 ? 20   ASN A CA  1 
ATOM   154  C C   . ASN A 1 20  ? -2.080  -12.988 -7.810  1.00   18.87 ? 20   ASN A C   1 
ATOM   155  O O   . ASN A 1 20  ? -2.614  -12.401 -8.723  1.00   19.31 ? 20   ASN A O   1 
ATOM   156  C CB  . ASN A 1 20  ? -0.358  -14.790 -8.444  1.00   22.58 ? 20   ASN A CB  1 
ATOM   157  C CG  . ASN A 1 20  ? 1.079   -14.983 -8.860  1.00   25.24 ? 20   ASN A CG  1 
ATOM   158  O OD1 . ASN A 1 20  ? 1.652   -16.018 -8.587  1.00   36.43 ? 20   ASN A OD1 1 
ATOM   159  N ND2 . ASN A 1 20  ? 1.691   -13.972 -9.462  1.00   30.77 ? 20   ASN A ND2 1 
ATOM   160  N N   . LYS A 1 21  ? -2.695  -13.216 -6.650  1.00   18.66 ? 21   LYS A N   1 
ATOM   161  C CA  . LYS A 1 21  ? -4.071  -12.798 -6.391  1.00   19.23 ? 21   LYS A CA  1 
ATOM   162  C C   . LYS A 1 21  ? -4.192  -11.266 -6.440  1.00   17.80 ? 21   LYS A C   1 
ATOM   163  O O   . LYS A 1 21  ? -5.067  -10.709 -7.006  1.00   15.64 ? 21   LYS A O   1 
ATOM   164  C CB  A LYS A 1 21  ? -4.511  -13.286 -4.994  0.50   19.94 ? 21   LYS A CB  1 
ATOM   165  C CB  B LYS A 1 21  ? -4.564  -13.298 -5.034  0.50   19.30 ? 21   LYS A CB  1 
ATOM   166  C CG  A LYS A 1 21  ? -5.121  -14.682 -4.869  0.50   23.75 ? 21   LYS A CG  1 
ATOM   167  C CG  B LYS A 1 21  ? -5.964  -12.766 -4.779  0.50   19.73 ? 21   LYS A CG  1 
ATOM   168  C CD  A LYS A 1 21  ? -4.317  -15.815 -5.504  0.50   27.29 ? 21   LYS A CD  1 
ATOM   169  C CD  B LYS A 1 21  ? -6.698  -13.356 -3.638  0.50   23.58 ? 21   LYS A CD  1 
ATOM   170  C CE  A LYS A 1 21  ? -4.883  -16.170 -6.866  0.50   29.19 ? 21   LYS A CE  1 
ATOM   171  C CE  B LYS A 1 21  ? -8.113  -13.637 -4.117  0.50   24.19 ? 21   LYS A CE  1 
ATOM   172  N NZ  A LYS A 1 21  ? -3.864  -16.766 -7.768  0.50   29.56 ? 21   LYS A NZ  1 
ATOM   173  N NZ  B LYS A 1 21  ? -8.944  -14.235 -3.070  0.50   27.24 ? 21   LYS A NZ  1 
ATOM   174  N N   . ALA A 1 22  ? -3.223  -10.599 -5.849  1.00   16.09 ? 22   ALA A N   1 
ATOM   175  C CA  . ALA A 1 22  ? -3.189  -9.151  -5.884  1.00   15.37 ? 22   ALA A CA  1 
ATOM   176  C C   . ALA A 1 22  ? -3.135  -8.589  -7.304  1.00   14.73 ? 22   ALA A C   1 
ATOM   177  O O   . ALA A 1 22  ? -3.767  -7.610  -7.628  1.00   15.12 ? 22   ALA A O   1 
ATOM   178  C CB  . ALA A 1 22  ? -1.955  -8.628  -5.085  1.00   15.14 ? 22   ALA A CB  1 
ATOM   179  N N   . GLU A 1 23  ? -2.336  -9.194  -8.136  1.00   15.97 ? 23   GLU A N   1 
ATOM   180  C CA  . GLU A 1 23  ? -2.202  -8.733  -9.501  1.00   16.47 ? 23   GLU A CA  1 
ATOM   181  C C   . GLU A 1 23  ? -3.496  -8.963  -10.273 1.00   17.53 ? 23   GLU A C   1 
ATOM   182  O O   . GLU A 1 23  ? -3.895  -8.111  -11.054 1.00   18.95 ? 23   GLU A O   1 
ATOM   183  C CB  . GLU A 1 23  ? -0.998  -9.492  -10.115 1.00   17.62 ? 23   GLU A CB  1 
ATOM   184  C CG  . GLU A 1 23  ? 0.247   -8.996  -9.450  1.00   16.88 ? 23   GLU A CG  1 
ATOM   185  C CD  . GLU A 1 23  ? 1.531   -9.327  -10.191 1.00   23.08 ? 23   GLU A CD  1 
ATOM   186  O OE1 . GLU A 1 23  ? 1.532   -10.266 -10.987 1.00   24.98 ? 23   GLU A OE1 1 
ATOM   187  O OE2 . GLU A 1 23  ? 2.556   -8.660  -9.964  1.00   24.07 ? 23   GLU A OE2 1 
ATOM   188  N N   . ASN A 1 24  ? -4.189  -10.063 -9.967  1.00   18.10 ? 24   ASN A N   1 
ATOM   189  C CA  . ASN A 1 24  ? -5.490  -10.390 -10.590 1.00   19.03 ? 24   ASN A CA  1 
ATOM   190  C C   . ASN A 1 24  ? -6.539  -9.396  -10.193 1.00   18.73 ? 24   ASN A C   1 
ATOM   191  O O   . ASN A 1 24  ? -7.372  -8.973  -11.010 1.00   20.34 ? 24   ASN A O   1 
ATOM   192  C CB  . ASN A 1 24  ? -5.940  -11.798 -10.190 1.00   19.70 ? 24   ASN A CB  1 
ATOM   193  C CG  . ASN A 1 24  ? -5.264  -12.879 -11.008 1.00   25.78 ? 24   ASN A CG  1 
ATOM   194  O OD1 . ASN A 1 24  ? -4.766  -12.625 -12.100 1.00   33.49 ? 24   ASN A OD1 1 
ATOM   195  N ND2 . ASN A 1 24  ? -5.209  -14.088 -10.461 1.00   31.52 ? 24   ASN A ND2 1 
ATOM   196  N N   . LEU A 1 25  ? -6.518  -9.002  -8.922  1.00   18.66 ? 25   LEU A N   1 
ATOM   197  C CA  . LEU A 1 25  ? -7.474  -8.003  -8.460  1.00   19.51 ? 25   LEU A CA  1 
ATOM   198  C C   . LEU A 1 25  ? -7.202  -6.615  -9.057  1.00   19.54 ? 25   LEU A C   1 
ATOM   199  O O   . LEU A 1 25  ? -8.133  -5.844  -9.290  1.00   20.28 ? 25   LEU A O   1 
ATOM   200  C CB  . LEU A 1 25  ? -7.480  -7.888  -6.927  1.00   19.74 ? 25   LEU A CB  1 
ATOM   201  C CG  . LEU A 1 25  ? -8.066  -9.045  -6.140  1.00   21.62 ? 25   LEU A CG  1 
ATOM   202  C CD1 . LEU A 1 25  ? -7.826  -8.909  -4.627  1.00   21.16 ? 25   LEU A CD1 1 
ATOM   203  C CD2 . LEU A 1 25  ? -9.568  -9.141  -6.387  1.00   22.11 ? 25   LEU A CD2 1 
ATOM   204  N N   . LEU A 1 26  ? -5.941  -6.277  -9.299  1.00   18.20 ? 26   LEU A N   1 
ATOM   205  C CA  . LEU A 1 26  ? -5.613  -4.924  -9.724  1.00   17.61 ? 26   LEU A CA  1 
ATOM   206  C C   . LEU A 1 26  ? -5.570  -4.749  -11.232 1.00   19.85 ? 26   LEU A C   1 
ATOM   207  O O   . LEU A 1 26  ? -5.498  -3.639  -11.727 1.00   18.55 ? 26   LEU A O   1 
ATOM   208  C CB  . LEU A 1 26  ? -4.272  -4.497  -9.074  1.00   17.08 ? 26   LEU A CB  1 
ATOM   209  C CG  . LEU A 1 26  ? -4.389  -4.292  -7.566  1.00   15.33 ? 26   LEU A CG  1 
ATOM   210  C CD1 . LEU A 1 26  ? -2.960  -4.082  -6.988  1.00   14.87 ? 26   LEU A CD1 1 
ATOM   211  C CD2 . LEU A 1 26  ? -5.188  -3.052  -7.296  1.00   14.85 ? 26   LEU A CD2 1 
ATOM   212  N N   . ARG A 1 27  ? -5.636  -5.871  -11.929 1.00   23.44 ? 27   ARG A N   1 
ATOM   213  C CA  . ARG A 1 27  ? -5.596  -5.901  -13.391 1.00   26.08 ? 27   ARG A CA  1 
ATOM   214  C C   . ARG A 1 27  ? -6.646  -4.962  -13.985 1.00   26.54 ? 27   ARG A C   1 
ATOM   215  O O   . ARG A 1 27  ? -7.820  -5.087  -13.690 1.00   26.83 ? 27   ARG A O   1 
ATOM   216  C CB  . ARG A 1 27  ? -5.863  -7.313  -13.873 1.00   27.13 ? 27   ARG A CB  1 
ATOM   217  C CG  . ARG A 1 27  ? -4.816  -7.781  -14.833 1.00   34.07 ? 27   ARG A CG  1 
ATOM   218  C CD  . ARG A 1 27  ? -5.372  -8.293  -16.126 1.00   39.24 ? 27   ARG A CD  1 
ATOM   219  N NE  . ARG A 1 27  ? -5.523  -9.733  -16.257 1.00   43.44 ? 27   ARG A NE  1 
ATOM   220  C CZ  . ARG A 1 27  ? -5.142  -10.385 -17.371 1.00   45.96 ? 27   ARG A CZ  1 
ATOM   221  N NH1 . ARG A 1 27  ? -5.316  -11.684 -17.527 1.00   41.25 ? 27   ARG A NH1 1 
ATOM   222  N NH2 . ARG A 1 27  ? -4.572  -9.697  -18.352 1.00   48.06 ? 27   ARG A NH2 1 
ATOM   223  N N   . GLY A 1 28  ? -6.218  -4.013  -14.806 1.00   28.04 ? 28   GLY A N   1 
ATOM   224  C CA  . GLY A 1 28  ? -7.163  -3.119  -15.467 1.00   28.23 ? 28   GLY A CA  1 
ATOM   225  C C   . GLY A 1 28  ? -7.648  -1.918  -14.684 1.00   28.37 ? 28   GLY A C   1 
ATOM   226  O O   . GLY A 1 28  ? -8.391  -1.073  -15.213 1.00   28.29 ? 28   GLY A O   1 
ATOM   227  N N   . LYS A 1 29  ? -7.270  -1.846  -13.414 1.00   26.92 ? 29   LYS A N   1 
ATOM   228  C CA  . LYS A 1 29  ? -7.670  -0.732  -12.585 1.00   26.39 ? 29   LYS A CA  1 
ATOM   229  C C   . LYS A 1 29  ? -6.842  0.512   -12.869 1.00   25.30 ? 29   LYS A C   1 
ATOM   230  O O   . LYS A 1 29  ? -5.704  0.444   -13.357 1.00   24.00 ? 29   LYS A O   1 
ATOM   231  C CB  . LYS A 1 29  ? -7.558  -1.132  -11.106 1.00   26.35 ? 29   LYS A CB  1 
ATOM   232  C CG  . LYS A 1 29  ? -8.425  -2.325  -10.783 1.00   28.25 ? 29   LYS A CG  1 
ATOM   233  C CD  . LYS A 1 29  ? -9.873  -1.885  -10.671 1.00   31.77 ? 29   LYS A CD  1 
ATOM   234  C CE  . LYS A 1 29  ? -10.869 -3.009  -10.836 1.00   35.47 ? 29   LYS A CE  1 
ATOM   235  N NZ  . LYS A 1 29  ? -10.547 -4.273  -10.097 1.00   33.29 ? 29   LYS A NZ  1 
ATOM   236  N N   . ARG A 1 30  ? -7.385  1.657   -12.488 1.00   24.37 ? 30   ARG A N   1 
ATOM   237  C CA  . ARG A 1 30  ? -6.700  2.915   -12.727 1.00   24.31 ? 30   ARG A CA  1 
ATOM   238  C C   . ARG A 1 30  ? -5.574  3.166   -11.747 1.00   23.18 ? 30   ARG A C   1 
ATOM   239  O O   . ARG A 1 30  ? -5.567  2.615   -10.612 1.00   21.38 ? 30   ARG A O   1 
ATOM   240  C CB  A ARG A 1 30  ? -7.661  4.074   -12.689 0.50   24.41 ? 30   ARG A CB  1 
ATOM   241  C CB  B ARG A 1 30  ? -7.677  4.080   -12.686 0.50   24.59 ? 30   ARG A CB  1 
ATOM   242  C CG  A ARG A 1 30  ? -8.191  4.399   -11.363 0.50   25.57 ? 30   ARG A CG  1 
ATOM   243  C CG  B ARG A 1 30  ? -8.379  4.331   -11.382 0.50   26.32 ? 30   ARG A CG  1 
ATOM   244  C CD  A ARG A 1 30  ? -9.009  5.666   -11.392 0.50   28.74 ? 30   ARG A CD  1 
ATOM   245  C CD  B ARG A 1 30  ? -9.629  5.197   -11.565 0.50   30.57 ? 30   ARG A CD  1 
ATOM   246  N NE  A ARG A 1 30  ? -8.492  7.051   -11.505 0.50   31.87 ? 30   ARG A NE  1 
ATOM   247  N NE  B ARG A 1 30  ? -9.562  6.664   -11.521 0.50   34.11 ? 30   ARG A NE  1 
ATOM   248  C CZ  A ARG A 1 30  ? -7.286  7.632   -11.723 0.50   32.71 ? 30   ARG A CZ  1 
ATOM   249  C CZ  B ARG A 1 30  ? -8.509  7.483   -11.578 0.50   36.77 ? 30   ARG A CZ  1 
ATOM   250  N NH1 A ARG A 1 30  ? -7.398  8.955   -11.773 0.50   32.54 ? 30   ARG A NH1 1 
ATOM   251  N NH1 B ARG A 1 30  ? -7.230  7.083   -11.651 0.50   38.34 ? 30   ARG A NH1 1 
ATOM   252  N NH2 A ARG A 1 30  ? -6.058  7.086   -11.821 0.50   29.54 ? 30   ARG A NH2 1 
ATOM   253  N NH2 B ARG A 1 30  ? -8.791  8.781   -11.540 0.50   34.59 ? 30   ARG A NH2 1 
ATOM   254  N N   . ASP A 1 31  ? -4.649  4.013   -12.188 1.00   21.02 ? 31   ASP A N   1 
ATOM   255  C CA  . ASP A 1 31  ? -3.467  4.352   -11.427 1.00   20.57 ? 31   ASP A CA  1 
ATOM   256  C C   . ASP A 1 31  ? -3.871  4.797   -10.046 1.00   19.10 ? 31   ASP A C   1 
ATOM   257  O O   . ASP A 1 31  ? -4.823  5.569   -9.881  1.00   18.34 ? 31   ASP A O   1 
ATOM   258  C CB  . ASP A 1 31  ? -2.656  5.460   -12.101 1.00   22.41 ? 31   ASP A CB  1 
ATOM   259  C CG  . ASP A 1 31  ? -1.908  4.958   -13.336 1.00   23.79 ? 31   ASP A CG  1 
ATOM   260  O OD1 . ASP A 1 31  ? -2.030  3.749   -13.656 1.00   20.89 ? 31   ASP A OD1 1 
ATOM   261  O OD2 . ASP A 1 31  ? -1.161  5.695   -14.052 1.00   29.99 ? 31   ASP A OD2 1 
ATOM   262  N N   . GLY A 1 32  ? -3.102  4.362   -9.062  1.00   16.82 ? 32   GLY A N   1 
ATOM   263  C CA  . GLY A 1 32  ? -3.407  4.717   -7.694  1.00   16.34 ? 32   GLY A CA  1 
ATOM   264  C C   . GLY A 1 32  ? -4.367  3.762   -6.973  1.00   16.21 ? 32   GLY A C   1 
ATOM   265  O O   . GLY A 1 32  ? -4.643  3.965   -5.769  1.00   14.92 ? 32   GLY A O   1 
ATOM   266  N N   . THR A 1 33  ? -4.863  2.740   -7.669  1.00   14.20 ? 33   THR A N   1 
ATOM   267  C CA  . THR A 1 33  ? -5.706  1.696   -7.069  1.00   15.34 ? 33   THR A CA  1 
ATOM   268  C C   . THR A 1 33  ? -4.740  0.808   -6.293  1.00   14.79 ? 33   THR A C   1 
ATOM   269  O O   . THR A 1 33  ? -3.674  0.561   -6.745  1.00   13.66 ? 33   THR A O   1 
ATOM   270  C CB  . THR A 1 33  ? -6.451  0.909   -8.124  1.00   15.64 ? 33   THR A CB  1 
ATOM   271  O OG1 . THR A 1 33  ? -7.306  1.803   -8.856  1.00   15.55 ? 33   THR A OG1 1 
ATOM   272  C CG2 . THR A 1 33  ? -7.385  -0.087  -7.443  1.00   15.19 ? 33   THR A CG2 1 
ATOM   273  N N   . PHE A 1 34  ? -5.074  0.439   -5.063  1.00   13.07 ? 34   PHE A N   1 
ATOM   274  C CA  . PHE A 1 34  ? -4.144  -0.267  -4.248  1.00   12.66 ? 34   PHE A CA  1 
ATOM   275  C C   . PHE A 1 34  ? -4.838  -1.217  -3.267  1.00   11.74 ? 34   PHE A C   1 
ATOM   276  O O   . PHE A 1 34  ? -6.052  -1.154  -3.052  1.00   11.36 ? 34   PHE A O   1 
ATOM   277  C CB  . PHE A 1 34  ? -3.307  0.712   -3.432  1.00   12.91 ? 34   PHE A CB  1 
ATOM   278  C CG  . PHE A 1 34  ? -4.066  1.300   -2.269  1.00   10.71 ? 34   PHE A CG  1 
ATOM   279  C CD1 . PHE A 1 34  ? -4.995  2.298   -2.450  1.00   13.14 ? 34   PHE A CD1 1 
ATOM   280  C CD2 . PHE A 1 34  ? -3.943  0.765   -0.993  1.00   8.49  ? 34   PHE A CD2 1 
ATOM   281  C CE1 . PHE A 1 34  ? -5.758  2.773   -1.406  1.00   12.69 ? 34   PHE A CE1 1 
ATOM   282  C CE2 . PHE A 1 34  ? -4.679  1.267   0.066   1.00   10.55 ? 34   PHE A CE2 1 
ATOM   283  C CZ  . PHE A 1 34  ? -5.582  2.261   -0.115  1.00   11.63 ? 34   PHE A CZ  1 
ATOM   284  N N   . LEU A 1 35  ? -4.004  -2.060  -2.664  1.00   11.31 ? 35   LEU A N   1 
ATOM   285  C CA  . LEU A 1 35  ? -4.416  -2.963  -1.592  1.00   11.13 ? 35   LEU A CA  1 
ATOM   286  C C   . LEU A 1 35  ? -3.235  -3.200  -0.687  1.00   11.44 ? 35   LEU A C   1 
ATOM   287  O O   . LEU A 1 35  ? -2.042  -2.873  -1.046  1.00   11.10 ? 35   LEU A O   1 
ATOM   288  C CB  . LEU A 1 35  ? -4.944  -4.275  -2.140  1.00   11.96 ? 35   LEU A CB  1 
ATOM   289  C CG  . LEU A 1 35  ? -4.120  -5.050  -3.133  1.00   13.27 ? 35   LEU A CG  1 
ATOM   290  C CD1 . LEU A 1 35  ? -3.109  -5.896  -2.369  1.00   15.02 ? 35   LEU A CD1 1 
ATOM   291  C CD2 . LEU A 1 35  ? -4.932  -6.032  -3.920  1.00   14.71 ? 35   LEU A CD2 1 
ATOM   292  N N   . VAL A 1 36  ? -3.534  -3.761  0.467   1.00   12.32 ? 36   VAL A N   1 
ATOM   293  C CA  . VAL A 1 36  ? -2.543  -4.105  1.453   1.00   11.96 ? 36   VAL A CA  1 
ATOM   294  C C   . VAL A 1 36  ? -2.774  -5.581  1.798   1.00   12.15 ? 36   VAL A C   1 
ATOM   295  O O   . VAL A 1 36  ? -3.914  -6.032  1.915   1.00   11.84 ? 36   VAL A O   1 
ATOM   296  C CB  . VAL A 1 36  ? -2.608  -3.187  2.709   1.00   9.97  ? 36   VAL A CB  1 
ATOM   297  C CG1 . VAL A 1 36  ? -1.602  -3.661  3.681   1.00   12.91 ? 36   VAL A CG1 1 
ATOM   298  C CG2 . VAL A 1 36  ? -2.333  -1.743  2.333   1.00   14.00 ? 36   VAL A CG2 1 
ATOM   299  N N   . ARG A 1 37  ? -1.699  -6.356  1.829   1.00   12.23 ? 37   ARG A N   1 
ATOM   300  C CA  . ARG A 1 37  ? -1.800  -7.801  2.011   1.00   13.94 ? 37   ARG A CA  1 
ATOM   301  C C   . ARG A 1 37  ? -0.618  -8.313  2.801   1.00   14.71 ? 37   ARG A C   1 
ATOM   302  O O   . ARG A 1 37  ? 0.331   -7.582  3.026   1.00   14.90 ? 37   ARG A O   1 
ATOM   303  C CB  . ARG A 1 37  ? -1.844  -8.486  0.633   1.00   13.07 ? 37   ARG A CB  1 
ATOM   304  C CG  . ARG A 1 37  ? -0.599  -8.253  -0.143  1.00   14.44 ? 37   ARG A CG  1 
ATOM   305  C CD  . ARG A 1 37  ? -0.623  -8.819  -1.520  1.00   14.78 ? 37   ARG A CD  1 
ATOM   306  N NE  . ARG A 1 37  ? 0.497   -8.418  -2.335  1.00   14.63 ? 37   ARG A NE  1 
ATOM   307  C CZ  . ARG A 1 37  ? 1.664   -9.010  -2.311  1.00   16.77 ? 37   ARG A CZ  1 
ATOM   308  N NH1 . ARG A 1 37  ? 2.640   -8.594  -3.108  1.00   16.05 ? 37   ARG A NH1 1 
ATOM   309  N NH2 . ARG A 1 37  ? 1.839   -10.045 -1.498  1.00   13.98 ? 37   ARG A NH2 1 
ATOM   310  N N   . GLU A 1 38  ? -0.680  -9.560  3.261   1.00   17.62 ? 38   GLU A N   1 
ATOM   311  C CA  . GLU A 1 38  ? 0.483   -10.173 3.879   1.00   19.28 ? 38   GLU A CA  1 
ATOM   312  C C   . GLU A 1 38  ? 1.485   -10.450 2.751   1.00   20.76 ? 38   GLU A C   1 
ATOM   313  O O   . GLU A 1 38  ? 1.099   -10.697 1.605   1.00   20.21 ? 38   GLU A O   1 
ATOM   314  C CB  . GLU A 1 38  ? 0.104   -11.476 4.620   1.00   21.25 ? 38   GLU A CB  1 
ATOM   315  C CG  . GLU A 1 38  ? -0.805  -11.211 5.819   1.00   23.21 ? 38   GLU A CG  1 
ATOM   316  C CD  . GLU A 1 38  ? -1.361  -12.457 6.517   1.00   29.34 ? 38   GLU A CD  1 
ATOM   317  O OE1 . GLU A 1 38  ? -1.075  -13.584 6.081   1.00   30.21 ? 38   GLU A OE1 1 
ATOM   318  O OE2 . GLU A 1 38  ? -2.123  -12.275 7.512   1.00   33.18 ? 38   GLU A OE2 1 
ATOM   319  N N   . SER A 1 39  ? 2.762   -10.338 3.084   1.00   21.12 ? 39   SER A N   1 
ATOM   320  C CA  . SER A 1 39  ? 3.871   -10.614 2.175   1.00   22.62 ? 39   SER A CA  1 
ATOM   321  C C   . SER A 1 39  ? 4.386   -12.034 2.342   1.00   24.35 ? 39   SER A C   1 
ATOM   322  O O   . SER A 1 39  ? 4.277   -12.619 3.440   1.00   22.49 ? 39   SER A O   1 
ATOM   323  C CB  . SER A 1 39  ? 5.031   -9.697  2.528   1.00   22.59 ? 39   SER A CB  1 
ATOM   324  O OG  . SER A 1 39  ? 6.160   -9.925  1.718   1.00   24.21 ? 39   SER A OG  1 
ATOM   325  N N   . SER A 1 40  ? 5.014   -12.543 1.272   1.00   26.47 ? 40   SER A N   1 
ATOM   326  C CA  . SER A 1 40  ? 5.693   -13.829 1.330   1.00   29.08 ? 40   SER A CA  1 
ATOM   327  C C   . SER A 1 40  ? 6.866   -13.706 2.273   1.00   31.24 ? 40   SER A C   1 
ATOM   328  O O   . SER A 1 40  ? 7.323   -14.721 2.739   1.00   32.94 ? 40   SER A O   1 
ATOM   329  C CB  . SER A 1 40  ? 6.265   -14.282 -0.013  1.00   28.43 ? 40   SER A CB  1 
ATOM   330  O OG  . SER A 1 40  ? 7.293   -13.413 -0.462  1.00   29.57 ? 40   SER A OG  1 
ATOM   331  N N   . LYS A 1 41  ? 7.358   -12.494 2.527   1.00   33.13 ? 41   LYS A N   1 
ATOM   332  C CA  . LYS A 1 41  ? 8.398   -12.249 3.492   1.00   34.71 ? 41   LYS A CA  1 
ATOM   333  C C   . LYS A 1 41  ? 7.795   -12.267 4.879   1.00   36.23 ? 41   LYS A C   1 
ATOM   334  O O   . LYS A 1 41  ? 7.218   -11.296 5.348   1.00   36.75 ? 41   LYS A O   1 
ATOM   335  C CB  . LYS A 1 41  ? 9.004   -10.874 3.203   1.00   34.87 ? 41   LYS A CB  1 
ATOM   336  C CG  . LYS A 1 41  ? 10.173  -10.956 2.219   0.0000 20.00 ? 41   LYS A CG  1 
ATOM   337  C CD  . LYS A 1 41  ? 10.808  -9.590  1.955   0.0000 20.00 ? 41   LYS A CD  1 
ATOM   338  C CE  . LYS A 1 41  ? 11.979  -9.670  0.970   0.0000 42.96 ? 41   LYS A CE  1 
ATOM   339  N NZ  . LYS A 1 41  ? 12.539  -8.336  0.761   0.0000 42.35 ? 41   LYS A NZ  1 
ATOM   340  N N   . GLN A 1 42  ? 7.801   -13.432 5.522   1.00   37.65 ? 42   GLN A N   1 
ATOM   341  C CA  . GLN A 1 42  ? 7.189   -13.605 6.837   1.00   38.73 ? 42   GLN A CA  1 
ATOM   342  C C   . GLN A 1 42  ? 7.467   -12.441 7.775   1.00   37.97 ? 42   GLN A C   1 
ATOM   343  O O   . GLN A 1 42  ? 8.567   -11.890 7.826   1.00   37.75 ? 42   GLN A O   1 
ATOM   344  C CB  . GLN A 1 42  ? 7.651   -14.913 7.497   1.00   40.18 ? 42   GLN A CB  1 
ATOM   345  C CG  . GLN A 1 42  ? 9.121   -14.884 7.927   1.00   43.61 ? 42   GLN A CG  1 
ATOM   346  C CD  . GLN A 1 42  ? 9.402   -15.645 9.231   1.00   47.74 ? 42   GLN A CD  1 
ATOM   347  O OE1 . GLN A 1 42  ? 10.053  -15.105 10.137  1.00   52.45 ? 42   GLN A OE1 1 
ATOM   348  N NE2 . GLN A 1 42  ? 8.930   -16.884 9.323   1.00   48.69 ? 42   GLN A NE2 1 
ATOM   349  N N   . GLY A 1 43  ? 6.422   -12.080 8.512   1.00   36.89 ? 43   GLY A N   1 
ATOM   350  C CA  . GLY A 1 43  ? 6.484   -11.017 9.476   1.00   35.57 ? 43   GLY A CA  1 
ATOM   351  C C   . GLY A 1 43  ? 6.173   -9.680  8.836   1.00   34.16 ? 43   GLY A C   1 
ATOM   352  O O   . GLY A 1 43  ? 6.066   -8.719  9.570   1.00   34.17 ? 43   GLY A O   1 
ATOM   353  N N   . CYS A 1 44  ? 6.058   -9.621  7.497   1.00   31.62 ? 44   CYS A N   1 
ATOM   354  C CA  . CYS A 1 44  ? 5.876   -8.351  6.778   1.00   30.27 ? 44   CYS A CA  1 
ATOM   355  C C   . CYS A 1 44  ? 4.556   -8.278  6.038   1.00   25.81 ? 44   CYS A C   1 
ATOM   356  O O   . CYS A 1 44  ? 3.949   -9.285  5.690   1.00   25.02 ? 44   CYS A O   1 
ATOM   357  C CB  . CYS A 1 44  ? 6.920   -8.176  5.647   1.00   30.61 ? 44   CYS A CB  1 
ATOM   358  S SG  . CYS A 1 44  ? 8.689   -8.129  6.071   1.00   37.73 ? 44   CYS A SG  1 
ATOM   359  N N   . TYR A 1 45  ? 4.182   -7.052  5.688   1.00   22.27 ? 45   TYR A N   1 
ATOM   360  C CA  . TYR A 1 45  ? 3.027   -6.831  4.852   1.00   19.50 ? 45   TYR A CA  1 
ATOM   361  C C   . TYR A 1 45  ? 3.541   -6.272  3.541   1.00   17.54 ? 45   TYR A C   1 
ATOM   362  O O   . TYR A 1 45  ? 4.730   -5.921  3.423   1.00   17.34 ? 45   TYR A O   1 
ATOM   363  C CB  . TYR A 1 45  ? 2.116   -5.833  5.523   1.00   19.30 ? 45   TYR A CB  1 
ATOM   364  C CG  . TYR A 1 45  ? 1.400   -6.404  6.712   1.00   21.08 ? 45   TYR A CG  1 
ATOM   365  C CD1 . TYR A 1 45  ? 1.898   -6.224  7.993   1.00   24.14 ? 45   TYR A CD1 1 
ATOM   366  C CD2 . TYR A 1 45  ? 0.250   -7.126  6.558   1.00   23.40 ? 45   TYR A CD2 1 
ATOM   367  C CE1 . TYR A 1 45  ? 1.236   -6.736  9.092   1.00   27.12 ? 45   TYR A CE1 1 
ATOM   368  C CE2 . TYR A 1 45  ? -0.428  -7.645  7.662   1.00   26.57 ? 45   TYR A CE2 1 
ATOM   369  C CZ  . TYR A 1 45  ? 0.083   -7.451  8.920   1.00   27.88 ? 45   TYR A CZ  1 
ATOM   370  O OH  . TYR A 1 45  ? -0.594  -7.952  10.019  1.00   30.96 ? 45   TYR A OH  1 
ATOM   371  N N   . ALA A 1 46  ? 2.665   -6.170  2.561   1.00   15.15 ? 46   ALA A N   1 
ATOM   372  C CA  . ALA A 1 46  ? 3.010   -5.572  1.271   1.00   13.58 ? 46   ALA A CA  1 
ATOM   373  C C   . ALA A 1 46  ? 1.885   -4.659  0.773   1.00   14.14 ? 46   ALA A C   1 
ATOM   374  O O   . ALA A 1 46  ? 0.711   -4.874  1.077   1.00   14.71 ? 46   ALA A O   1 
ATOM   375  C CB  . ALA A 1 46  ? 3.335   -6.636  0.259   1.00   15.07 ? 46   ALA A CB  1 
ATOM   376  N N   . CYS A 1 47  ? 2.261   -3.621  0.066   1.00   13.86 ? 47   CYS A N   1 
ATOM   377  C CA  . CYS A 1 47  ? 1.334   -2.723  -0.558  1.00   13.96 ? 47   CYS A CA  1 
ATOM   378  C C   . CYS A 1 47  ? 1.454   -2.976  -2.065  1.00   13.69 ? 47   CYS A C   1 
ATOM   379  O O   . CYS A 1 47  ? 2.573   -2.999  -2.592  1.00   13.18 ? 47   CYS A O   1 
ATOM   380  C CB  . CYS A 1 47  ? 1.705   -1.322  -0.169  1.00   15.37 ? 47   CYS A CB  1 
ATOM   381  S SG  . CYS A 1 47  ? 0.697   -0.103  -1.044  1.00   20.31 ? 47   CYS A SG  1 
ATOM   382  N N   . SER A 1 48  ? 0.344   -3.248  -2.749  1.00   11.05 ? 48   SER A N   1 
ATOM   383  C CA  . SER A 1 48  ? 0.397   -3.464  -4.214  1.00   11.23 ? 48   SER A CA  1 
ATOM   384  C C   . SER A 1 48  ? -0.413  -2.319  -4.823  1.00   12.65 ? 48   SER A C   1 
ATOM   385  O O   . SER A 1 48  ? -1.527  -2.029  -4.337  1.00   12.64 ? 48   SER A O   1 
ATOM   386  C CB  . SER A 1 48  ? -0.189  -4.821  -4.538  1.00   12.77 ? 48   SER A CB  1 
ATOM   387  O OG  . SER A 1 48  ? 0.508   -5.924  -3.967  1.00   12.92 ? 48   SER A OG  1 
ATOM   388  N N   . VAL A 1 49  ? 0.162   -1.587  -5.772  1.00   10.91 ? 49   VAL A N   1 
ATOM   389  C CA  . VAL A 1 49  ? -0.428  -0.365  -6.231  1.00   12.44 ? 49   VAL A CA  1 
ATOM   390  C C   . VAL A 1 49  ? -0.187  -0.232  -7.732  1.00   13.58 ? 49   VAL A C   1 
ATOM   391  O O   . VAL A 1 49  ? 0.871   -0.611  -8.230  1.00   13.66 ? 49   VAL A O   1 
ATOM   392  C CB  . VAL A 1 49  ? 0.158   0.829   -5.462  1.00   12.74 ? 49   VAL A CB  1 
ATOM   393  C CG1 . VAL A 1 49  ? 1.688   0.882   -5.530  1.00   14.78 ? 49   VAL A CG1 1 
ATOM   394  C CG2 . VAL A 1 49  ? -0.495  2.125   -5.862  1.00   13.08 ? 49   VAL A CG2 1 
ATOM   395  N N   . VAL A 1 50  ? -1.198  0.281   -8.426  1.00   14.55 ? 50   VAL A N   1 
ATOM   396  C CA  . VAL A 1 50  ? -1.106  0.448   -9.887  1.00   14.25 ? 50   VAL A CA  1 
ATOM   397  C C   . VAL A 1 50  ? -0.400  1.761   -10.181 1.00   14.67 ? 50   VAL A C   1 
ATOM   398  O O   . VAL A 1 50  ? -0.812  2.810   -9.728  1.00   15.03 ? 50   VAL A O   1 
ATOM   399  C CB  . VAL A 1 50  ? -2.526  0.460   -10.520 1.00   14.44 ? 50   VAL A CB  1 
ATOM   400  C CG1 . VAL A 1 50  ? -2.452  0.710   -12.076 1.00   15.87 ? 50   VAL A CG1 1 
ATOM   401  C CG2 . VAL A 1 50  ? -3.238  -0.828  -10.235 1.00   16.33 ? 50   VAL A CG2 1 
ATOM   402  N N   . VAL A 1 51  ? 0.693   1.709   -10.924 1.00   16.43 ? 51   VAL A N   1 
ATOM   403  C CA  . VAL A 1 51  ? 1.495   2.899   -11.244 1.00   18.17 ? 51   VAL A CA  1 
ATOM   404  C C   . VAL A 1 51  ? 1.791   2.836   -12.745 1.00   18.46 ? 51   VAL A C   1 
ATOM   405  O O   . VAL A 1 51  ? 2.422   1.892   -13.205 1.00   19.95 ? 51   VAL A O   1 
ATOM   406  C CB  . VAL A 1 51  ? 2.796   2.880   -10.425 1.00   18.89 ? 51   VAL A CB  1 
ATOM   407  C CG1 . VAL A 1 51  ? 3.788   3.918   -10.859 1.00   21.21 ? 51   VAL A CG1 1 
ATOM   408  C CG2 . VAL A 1 51  ? 2.456   3.144   -8.977  1.00   22.36 ? 51   VAL A CG2 1 
ATOM   409  N N   . ASP A 1 52  ? 1.303   3.823   -13.478 1.00   20.21 ? 52   ASP A N   1 
ATOM   410  C CA  . ASP A 1 52  ? 1.475   3.857   -14.944 1.00   21.55 ? 52   ASP A CA  1 
ATOM   411  C C   . ASP A 1 52  ? 0.957   2.588   -15.647 1.00   20.71 ? 52   ASP A C   1 
ATOM   412  O O   . ASP A 1 52  ? 1.604   2.057   -16.581 1.00   21.76 ? 52   ASP A O   1 
ATOM   413  C CB  . ASP A 1 52  ? 2.953   4.021   -15.307 1.00   22.47 ? 52   ASP A CB  1 
ATOM   414  C CG  . ASP A 1 52  ? 3.114   4.440   -16.756 1.00   24.53 ? 52   ASP A CG  1 
ATOM   415  O OD1 . ASP A 1 52  ? 2.178   5.108   -17.269 1.00   27.37 ? 52   ASP A OD1 1 
ATOM   416  O OD2 . ASP A 1 52  ? 4.098   4.135   -17.460 1.00   24.86 ? 52   ASP A OD2 1 
ATOM   417  N N   . GLY A 1 53  ? -0.183  2.088   -15.176 1.00   21.13 ? 53   GLY A N   1 
ATOM   418  C CA  . GLY A 1 53  ? -0.778  0.873   -15.708 1.00   20.69 ? 53   GLY A CA  1 
ATOM   419  C C   . GLY A 1 53  ? -0.173  -0.451  -15.322 1.00   19.88 ? 53   GLY A C   1 
ATOM   420  O O   . GLY A 1 53  ? -0.571  -1.493  -15.845 1.00   20.24 ? 53   GLY A O   1 
ATOM   421  N N   . GLU A 1 54  ? 0.776   -0.419  -14.405 1.00   19.76 ? 54   GLU A N   1 
ATOM   422  C CA  . GLU A 1 54  ? 1.481   -1.627  -14.031 1.00   19.87 ? 54   GLU A CA  1 
ATOM   423  C C   . GLU A 1 54  ? 1.387   -1.838  -12.540 1.00   18.59 ? 54   GLU A C   1 
ATOM   424  O O   . GLU A 1 54  ? 1.342   -0.885  -11.800 1.00   17.40 ? 54   GLU A O   1 
ATOM   425  C CB  . GLU A 1 54  ? 2.962   -1.500  -14.360 1.00   21.40 ? 54   GLU A CB  1 
ATOM   426  C CG  . GLU A 1 54  ? 3.270   -1.134  -15.797 1.00   26.18 ? 54   GLU A CG  1 
ATOM   427  C CD  . GLU A 1 54  ? 4.766   -1.029  -16.109 1.00   31.02 ? 54   GLU A CD  1 
ATOM   428  O OE1 . GLU A 1 54  ? 5.625   -1.428  -15.287 1.00   35.27 ? 54   GLU A OE1 1 
ATOM   429  O OE2 . GLU A 1 54  ? 5.075   -0.498  -17.190 1.00   32.33 ? 54   GLU A OE2 1 
ATOM   430  N N   . VAL A 1 55  ? 1.286   -3.065  -12.097 1.00   16.98 ? 55   VAL A N   1 
ATOM   431  C CA  . VAL A 1 55  ? 1.257   -3.298  -10.646 1.00   16.34 ? 55   VAL A CA  1 
ATOM   432  C C   . VAL A 1 55  ? 2.636   -3.358  -9.988  1.00   16.64 ? 55   VAL A C   1 
ATOM   433  O O   . VAL A 1 55  ? 3.485   -4.142  -10.353 1.00   18.73 ? 55   VAL A O   1 
ATOM   434  C CB  . VAL A 1 55  ? 0.506   -4.579  -10.365 1.00   16.56 ? 55   VAL A CB  1 
ATOM   435  C CG1 . VAL A 1 55  ? 0.433   -4.772  -8.888  1.00   15.78 ? 55   VAL A CG1 1 
ATOM   436  C CG2 . VAL A 1 55  ? -0.858  -4.450  -10.946 1.00   19.36 ? 55   VAL A CG2 1 
ATOM   437  N N   . LYS A 1 56  ? 2.892   -2.535  -8.974  1.00   17.53 ? 56   LYS A N   1 
ATOM   438  C CA  . LYS A 1 56  ? 4.138   -2.585  -8.240  1.00   17.65 ? 56   LYS A CA  1 
ATOM   439  C C   . LYS A 1 56  ? 3.888   -3.043  -6.829  1.00   15.53 ? 56   LYS A C   1 
ATOM   440  O O   . LYS A 1 56  ? 2.795   -2.807  -6.291  1.00   14.94 ? 56   LYS A O   1 
ATOM   441  C CB  . LYS A 1 56  ? 4.737   -1.217  -8.186  1.00   17.68 ? 56   LYS A CB  1 
ATOM   442  C CG  . LYS A 1 56  ? 5.083   -0.607  -9.569  1.00   22.73 ? 56   LYS A CG  1 
ATOM   443  C CD  . LYS A 1 56  ? 6.267   -1.330  -10.163 1.00   26.32 ? 56   LYS A CD  1 
ATOM   444  C CE  . LYS A 1 56  ? 6.810   -0.670  -11.403 1.00   32.09 ? 56   LYS A CE  1 
ATOM   445  N NZ  . LYS A 1 56  ? 8.311   -0.858  -11.277 1.00   33.05 ? 56   LYS A NZ  1 
ATOM   446  N N   . HIS A 1 57  ? 4.885   -3.710  -6.244  1.00   15.32 ? 57   HIS A N   1 
ATOM   447  C CA  . HIS A 1 57  ? 4.786   -4.243  -4.881  1.00   14.47 ? 57   HIS A CA  1 
ATOM   448  C C   . HIS A 1 57  ? 5.873   -3.652  -3.970  1.00   14.87 ? 57   HIS A C   1 
ATOM   449  O O   . HIS A 1 57  ? 7.058   -3.677  -4.348  1.00   13.87 ? 57   HIS A O   1 
ATOM   450  C CB  . HIS A 1 57  ? 4.933   -5.746  -4.933  1.00   14.43 ? 57   HIS A CB  1 
ATOM   451  C CG  . HIS A 1 57  ? 3.993   -6.393  -5.907  1.00   15.77 ? 57   HIS A CG  1 
ATOM   452  N ND1 . HIS A 1 57  ? 2.666   -6.624  -5.593  1.00   16.19 ? 57   HIS A ND1 1 
ATOM   453  C CD2 . HIS A 1 57  ? 4.191   -6.908  -7.147  1.00   16.21 ? 57   HIS A CD2 1 
ATOM   454  C CE1 . HIS A 1 57  ? 2.076   -7.208  -6.623  1.00   17.97 ? 57   HIS A CE1 1 
ATOM   455  N NE2 . HIS A 1 57  ? 2.972   -7.376  -7.592  1.00   17.00 ? 57   HIS A NE2 1 
ATOM   456  N N   . CYS A 1 58  ? 5.486   -3.176  -2.798  1.00   15.22 ? 58   CYS A N   1 
ATOM   457  C CA  . CYS A 1 58  ? 6.377   -2.536  -1.811  1.00   17.10 ? 58   CYS A CA  1 
ATOM   458  C C   . CYS A 1 58  ? 6.161   -3.198  -0.481  1.00   17.14 ? 58   CYS A C   1 
ATOM   459  O O   . CYS A 1 58  ? 5.025   -3.423  -0.085  1.00   18.46 ? 58   CYS A O   1 
ATOM   460  C CB  . CYS A 1 58  ? 5.985   -1.057  -1.533  1.00   18.24 ? 58   CYS A CB  1 
ATOM   461  S SG  . CYS A 1 58  ? 5.917   -0.106  -2.979  1.00   25.65 ? 58   CYS A SG  1 
ATOM   462  N N   . VAL A 1 59  ? 7.248   -3.469  0.237   1.00   16.34 ? 59   VAL A N   1 
ATOM   463  C CA  . VAL A 1 59  ? 7.153   -4.085  1.531   1.00   17.43 ? 59   VAL A CA  1 
ATOM   464  C C   . VAL A 1 59  ? 6.793   -3.056  2.563   1.00   17.33 ? 59   VAL A C   1 
ATOM   465  O O   . VAL A 1 59  ? 7.329   -1.960  2.536   1.00   17.03 ? 59   VAL A O   1 
ATOM   466  C CB  . VAL A 1 59  ? 8.537   -4.672  1.953   1.00   19.30 ? 59   VAL A CB  1 
ATOM   467  C CG1 . VAL A 1 59  ? 8.555   -5.054  3.415   1.00   21.55 ? 59   VAL A CG1 1 
ATOM   468  C CG2 . VAL A 1 59  ? 8.878   -5.876  1.048   1.00   20.26 ? 59   VAL A CG2 1 
ATOM   469  N N   . ILE A 1 60  ? 5.950   -3.444  3.503   1.00   15.72 ? 60   ILE A N   1 
ATOM   470  C CA  . ILE A 1 60  ? 5.675   -2.621  4.684   1.00   16.24 ? 60   ILE A CA  1 
ATOM   471  C C   . ILE A 1 60  ? 6.325   -3.282  5.869   1.00   15.74 ? 60   ILE A C   1 
ATOM   472  O O   . ILE A 1 60  ? 6.035   -4.417  6.194   1.00   16.01 ? 60   ILE A O   1 
ATOM   473  C CB  . ILE A 1 60  ? 4.168   -2.477  4.938   1.00   16.14 ? 60   ILE A CB  1 
ATOM   474  C CG1 . ILE A 1 60  ? 3.547   -1.599  3.855   1.00   14.83 ? 60   ILE A CG1 1 
ATOM   475  C CG2 . ILE A 1 60  ? 3.950   -1.813  6.290   1.00   17.83 ? 60   ILE A CG2 1 
ATOM   476  C CD1 . ILE A 1 60  ? 2.024   -1.595  3.856   1.00   16.04 ? 60   ILE A CD1 1 
ATOM   477  N N   . ASN A 1 61  ? 7.252   -2.609  6.514   1.00   17.71 ? 61   ASN A N   1 
ATOM   478  C CA  . ASN A 1 61  ? 7.910   -3.157  7.692   1.00   19.95 ? 61   ASN A CA  1 
ATOM   479  C C   . ASN A 1 61  ? 7.093   -2.918  8.994   1.00   20.47 ? 61   ASN A C   1 
ATOM   480  O O   . ASN A 1 61  ? 6.392   -1.910  9.086   1.00   18.45 ? 61   ASN A O   1 
ATOM   481  C CB  . ASN A 1 61  ? 9.242   -2.420  7.847   1.00   21.05 ? 61   ASN A CB  1 
ATOM   482  C CG  . ASN A 1 61  ? 10.104  -2.463  6.607   1.00   24.50 ? 61   ASN A CG  1 
ATOM   483  O OD1 . ASN A 1 61  ? 10.551  -3.515  6.199   1.00   30.77 ? 61   ASN A OD1 1 
ATOM   484  N ND2 . ASN A 1 61  ? 10.399  -1.291  6.052   1.00   30.70 ? 61   ASN A ND2 1 
ATOM   485  N N   . LYS A 1 62  ? 7.179   -3.837  9.980   1.00   22.24 ? 62   LYS A N   1 
ATOM   486  C CA  . LYS A 1 62  ? 6.656   -3.542  11.277  1.00   22.99 ? 62   LYS A CA  1 
ATOM   487  C C   . LYS A 1 62  ? 7.819   -3.518  12.224  1.00   23.44 ? 62   LYS A C   1 
ATOM   488  O O   . LYS A 1 62  ? 8.655   -4.411  12.244  1.00   25.10 ? 62   LYS A O   1 
ATOM   489  C CB  . LYS A 1 62  ? 5.683   -4.655  11.670  1.00   24.59 ? 62   LYS A CB  1 
ATOM   490  C CG  . LYS A 1 62  ? 4.924   -4.333  12.959  1.00   27.85 ? 62   LYS A CG  1 
ATOM   491  C CD  . LYS A 1 62  ? 3.869   -5.390  13.291  1.00   33.58 ? 62   LYS A CD  1 
ATOM   492  C CE  . LYS A 1 62  ? 3.107   -5.072  14.582  1.00   34.53 ? 62   LYS A CE  1 
ATOM   493  N NZ  . LYS A 1 62  ? 2.118   -6.116  14.842  0.0000 20.00 ? 62   LYS A NZ  1 
ATOM   494  N N   . THR A 1 63  ? 7.965   -2.419  12.955  1.00   22.18 ? 63   THR A N   1 
ATOM   495  C CA  . THR A 1 63  ? 9.051   -2.268  13.891  1.00   21.41 ? 63   THR A CA  1 
ATOM   496  C C   . THR A 1 63  ? 8.471   -1.922  15.241  1.00   21.77 ? 63   THR A C   1 
ATOM   497  O O   . THR A 1 63  ? 7.258   -1.734  15.391  1.00   20.78 ? 63   THR A O   1 
ATOM   498  C CB  . THR A 1 63  ? 9.983   -1.165  13.470  1.00   22.10 ? 63   THR A CB  1 
ATOM   499  O OG1 . THR A 1 63  ? 9.303   0.097   13.619  1.00   19.70 ? 63   THR A OG1 1 
ATOM   500  C CG2 . THR A 1 63  ? 10.325  -1.272  11.995  1.00   24.71 ? 63   THR A CG2 1 
ATOM   501  N N   . ALA A 1 64  ? 9.360   -1.727  16.207  1.00   21.71 ? 64   ALA A N   1 
ATOM   502  C CA  . ALA A 1 64  ? 8.924   -1.341  17.546  1.00   21.24 ? 64   ALA A CA  1 
ATOM   503  C C   . ALA A 1 64  ? 8.326   0.069   17.627  1.00   20.36 ? 64   ALA A C   1 
ATOM   504  O O   . ALA A 1 64  ? 7.622   0.372   18.588  1.00   21.15 ? 64   ALA A O   1 
ATOM   505  C CB  . ALA A 1 64  ? 10.099  -1.433  18.487  1.00   22.52 ? 64   ALA A CB  1 
ATOM   506  N N   . THR A 1 65  ? 8.646   0.934   16.659  1.00   18.60 ? 65   THR A N   1 
ATOM   507  C CA  . THR A 1 65  ? 8.103   2.285   16.591  1.00   19.52 ? 65   THR A CA  1 
ATOM   508  C C   . THR A 1 65  ? 6.866   2.416   15.702  1.00   18.50 ? 65   THR A C   1 
ATOM   509  O O   . THR A 1 65  ? 6.195   3.439   15.738  1.00   17.89 ? 65   THR A O   1 
ATOM   510  C CB  . THR A 1 65  ? 9.085   3.328   16.067  1.00   19.94 ? 65   THR A CB  1 
ATOM   511  O OG1 . THR A 1 65  ? 9.692   2.880   14.843  1.00   21.65 ? 65   THR A OG1 1 
ATOM   512  C CG2 . THR A 1 65  ? 10.217  3.595   17.044  1.00   24.08 ? 65   THR A CG2 1 
ATOM   513  N N   . GLY A 1 66  ? 6.590   1.407   14.913  1.00   16.78 ? 66   GLY A N   1 
ATOM   514  C CA  . GLY A 1 66  ? 5.388   1.409   14.073  1.00   16.39 ? 66   GLY A CA  1 
ATOM   515  C C   . GLY A 1 66  ? 5.621   0.809   12.697  1.00   15.83 ? 66   GLY A C   1 
ATOM   516  O O   . GLY A 1 66  ? 6.714   0.291   12.411  1.00   14.59 ? 66   GLY A O   1 
ATOM   517  N N   . TYR A 1 67  ? 4.603   0.919   11.824  1.00   14.54 ? 67   TYR A N   1 
ATOM   518  C CA  . TYR A 1 67  ? 4.706   0.428   10.468  1.00   13.43 ? 67   TYR A CA  1 
ATOM   519  C C   . TYR A 1 67  ? 5.239   1.492   9.546   1.00   13.18 ? 67   TYR A C   1 
ATOM   520  O O   . TYR A 1 67  ? 5.053   2.676   9.780   1.00   12.44 ? 67   TYR A O   1 
ATOM   521  C CB  . TYR A 1 67  ? 3.318   0.044   9.950   1.00   13.45 ? 67   TYR A CB  1 
ATOM   522  C CG  . TYR A 1 67  ? 2.689   -1.107  10.669  1.00   16.28 ? 67   TYR A CG  1 
ATOM   523  C CD1 . TYR A 1 67  ? 2.979   -2.398  10.310  1.00   18.93 ? 67   TYR A CD1 1 
ATOM   524  C CD2 . TYR A 1 67  ? 1.803   -0.892  11.739  1.00   19.47 ? 67   TYR A CD2 1 
ATOM   525  C CE1 . TYR A 1 67  ? 2.405   -3.438  10.956  1.00   23.75 ? 67   TYR A CE1 1 
ATOM   526  C CE2 . TYR A 1 67  ? 1.238   -1.936  12.404  1.00   22.45 ? 67   TYR A CE2 1 
ATOM   527  C CZ  . TYR A 1 67  ? 1.520   -3.207  11.998  1.00   21.32 ? 67   TYR A CZ  1 
ATOM   528  O OH  . TYR A 1 67  ? 0.955   -4.320  12.618  1.00   25.82 ? 67   TYR A OH  1 
ATOM   529  N N   . GLY A 1 68  ? 5.905   1.079   8.465   1.00   13.22 ? 68   GLY A N   1 
ATOM   530  C CA  . GLY A 1 68  ? 6.418   2.072   7.539   1.00   11.92 ? 68   GLY A CA  1 
ATOM   531  C C   . GLY A 1 68  ? 7.099   1.412   6.338   1.00   12.73 ? 68   GLY A C   1 
ATOM   532  O O   . GLY A 1 68  ? 7.280   0.210   6.325   1.00   12.86 ? 68   GLY A O   1 
ATOM   533  N N   . PHE A 1 69  ? 7.440   2.208   5.354   1.00   12.95 ? 69   PHE A N   1 
ATOM   534  C CA  . PHE A 1 69  ? 8.148   1.734   4.177   1.00   15.37 ? 69   PHE A CA  1 
ATOM   535  C C   . PHE A 1 69  ? 9.657   1.736   4.339   1.00   17.69 ? 69   PHE A C   1 
ATOM   536  O O   . PHE A 1 69  ? 10.361  1.085   3.555   1.00   18.09 ? 69   PHE A O   1 
ATOM   537  C CB  . PHE A 1 69  ? 7.833   2.581   2.979   1.00   14.88 ? 69   PHE A CB  1 
ATOM   538  C CG  . PHE A 1 69  ? 6.429   2.412   2.478   1.00   16.89 ? 69   PHE A CG  1 
ATOM   539  C CD1 . PHE A 1 69  ? 5.987   1.187   2.034   1.00   18.62 ? 69   PHE A CD1 1 
ATOM   540  C CD2 . PHE A 1 69  ? 5.553   3.467   2.488   1.00   17.42 ? 69   PHE A CD2 1 
ATOM   541  C CE1 . PHE A 1 69  ? 4.681   1.037   1.593   1.00   19.47 ? 69   PHE A CE1 1 
ATOM   542  C CE2 . PHE A 1 69  ? 4.243   3.318   2.071   1.00   20.23 ? 69   PHE A CE2 1 
ATOM   543  C CZ  . PHE A 1 69  ? 3.819   2.124   1.622   1.00   22.02 ? 69   PHE A CZ  1 
ATOM   544  N N   . ALA A 1 70  ? 10.158  2.544   5.262   1.00   19.84 ? 70   ALA A N   1 
ATOM   545  C CA  . ALA A 1 70  ? 11.615  2.668   5.452   1.00   20.70 ? 70   ALA A CA  1 
ATOM   546  C C   . ALA A 1 70  ? 11.921  3.614   6.597   1.00   22.14 ? 70   ALA A C   1 
ATOM   547  O O   . ALA A 1 70  ? 11.187  4.571   6.803   1.00   20.47 ? 70   ALA A O   1 
ATOM   548  C CB  . ALA A 1 70  ? 12.228  3.258   4.229   1.00   20.91 ? 70   ALA A CB  1 
ATOM   549  N N   . GLU A 1 71  ? 13.034  3.380   7.291   1.00   22.90 ? 71   GLU A N   1 
ATOM   550  C CA  . GLU A 1 71  ? 13.517  4.331   8.302   1.00   24.27 ? 71   GLU A CA  1 
ATOM   551  C C   . GLU A 1 71  ? 13.781  5.711   7.685   1.00   23.55 ? 71   GLU A C   1 
ATOM   552  O O   . GLU A 1 71  ? 14.127  5.794   6.488   1.00   25.83 ? 71   GLU A O   1 
ATOM   553  C CB  . GLU A 1 71  ? 14.808  3.729   8.865   1.00   25.76 ? 71   GLU A CB  1 
ATOM   554  C CG  . GLU A 1 71  ? 14.733  2.524   9.785   1.00   29.34 ? 71   GLU A CG  1 
ATOM   555  C CD  . GLU A 1 71  ? 13.853  2.707   11.008  1.00   35.92 ? 71   GLU A CD  1 
ATOM   556  O OE1 . GLU A 1 71  ? 13.651  3.870   11.438  1.00   39.01 ? 71   GLU A OE1 1 
ATOM   557  O OE2 . GLU A 1 71  ? 13.378  1.674   11.547  1.00   41.13 ? 71   GLU A OE2 1 
ATOM   558  N N   . PRO A 1 72  ? 13.582  6.818   8.391   1.00   22.07 ? 72   PRO A N   1 
ATOM   559  C CA  . PRO A 1 72  ? 13.073  6.885   9.746   1.00   20.84 ? 72   PRO A CA  1 
ATOM   560  C C   . PRO A 1 72  ? 11.574  7.162   9.713   1.00   19.54 ? 72   PRO A C   1 
ATOM   561  O O   . PRO A 1 72  ? 11.043  7.891   10.524  1.00   17.99 ? 72   PRO A O   1 
ATOM   562  C CB  . PRO A 1 72  ? 13.825  8.089   10.282  1.00   21.44 ? 72   PRO A CB  1 
ATOM   563  C CG  . PRO A 1 72  ? 13.808  9.021   9.147   1.00   21.29 ? 72   PRO A CG  1 
ATOM   564  C CD  . PRO A 1 72  ? 13.890  8.177   7.919   1.00   23.26 ? 72   PRO A CD  1 
ATOM   565  N N   . TYR A 1 73  ? 10.885  6.541   8.771   1.00   18.64 ? 73   TYR A N   1 
ATOM   566  C CA  . TYR A 1 73  ? 9.444   6.782   8.638   1.00   19.49 ? 73   TYR A CA  1 
ATOM   567  C C   . TYR A 1 73  ? 8.579   5.628   9.096   1.00   17.84 ? 73   TYR A C   1 
ATOM   568  O O   . TYR A 1 73  ? 7.446   5.520   8.625   1.00   15.81 ? 73   TYR A O   1 
ATOM   569  C CB  . TYR A 1 73  ? 9.118   7.053   7.179   1.00   20.53 ? 73   TYR A CB  1 
ATOM   570  C CG  . TYR A 1 73  ? 10.088  8.025   6.506   1.00   28.98 ? 73   TYR A CG  1 
ATOM   571  C CD1 . TYR A 1 73  ? 10.068  9.364   6.812   1.00   33.38 ? 73   TYR A CD1 1 
ATOM   572  C CD2 . TYR A 1 73  ? 11.040  7.565   5.584   1.00   34.97 ? 73   TYR A CD2 1 
ATOM   573  C CE1 . TYR A 1 73  ? 10.973  10.256  6.218   1.00   36.87 ? 73   TYR A CE1 1 
ATOM   574  C CE2 . TYR A 1 73  ? 11.938  8.434   4.966   1.00   38.53 ? 73   TYR A CE2 1 
ATOM   575  C CZ  . TYR A 1 73  ? 11.889  9.791   5.286   1.00   40.06 ? 73   TYR A CZ  1 
ATOM   576  O OH  . TYR A 1 73  ? 12.780  10.677  4.686   1.00   42.33 ? 73   TYR A OH  1 
ATOM   577  N N   . ASN A 1 74  ? 9.061   4.752   9.979   1.00   16.20 ? 74   ASN A N   1 
ATOM   578  C CA  . ASN A 1 74  ? 8.266   3.624   10.436  1.00   17.83 ? 74   ASN A CA  1 
ATOM   579  C C   . ASN A 1 74  ? 7.527   4.128   11.674  1.00   18.26 ? 74   ASN A C   1 
ATOM   580  O O   . ASN A 1 74  ? 7.892   3.805   12.787  1.00   19.18 ? 74   ASN A O   1 
ATOM   581  C CB  . ASN A 1 74  ? 9.132   2.391   10.734  1.00   17.18 ? 74   ASN A CB  1 
ATOM   582  C CG  . ASN A 1 74  ? 9.848   1.864   9.485   1.00   22.05 ? 74   ASN A CG  1 
ATOM   583  O OD1 . ASN A 1 74  ? 9.223   1.714   8.433   1.00   20.89 ? 74   ASN A OD1 1 
ATOM   584  N ND2 . ASN A 1 74  ? 11.172  1.575   9.598   1.00   22.81 ? 74   ASN A ND2 1 
ATOM   585  N N   . LEU A 1 75  ? 6.584   5.022   11.421  1.00   17.11 ? 75   LEU A N   1 
ATOM   586  C CA  . LEU A 1 75  ? 5.950   5.854   12.444  1.00   17.73 ? 75   LEU A CA  1 
ATOM   587  C C   . LEU A 1 75  ? 4.475   5.617   12.668  1.00   17.13 ? 75   LEU A C   1 
ATOM   588  O O   . LEU A 1 75  ? 3.887   6.305   13.494  1.00   19.03 ? 75   LEU A O   1 
ATOM   589  C CB  . LEU A 1 75  ? 6.024   7.305   11.990  1.00   19.40 ? 75   LEU A CB  1 
ATOM   590  C CG  . LEU A 1 75  ? 7.403   7.846   11.602  1.00   23.56 ? 75   LEU A CG  1 
ATOM   591  C CD1 . LEU A 1 75  ? 7.317   9.225   10.985  1.00   28.51 ? 75   LEU A CD1 1 
ATOM   592  C CD2 . LEU A 1 75  ? 8.285   7.852   12.807  1.00   27.60 ? 75   LEU A CD2 1 
ATOM   593  N N   . TYR A 1 76  ? 3.866   4.705   11.939  1.00   14.67 ? 76   TYR A N   1 
ATOM   594  C CA  . TYR A 1 76  ? 2.407   4.601   11.968  1.00   15.07 ? 76   TYR A CA  1 
ATOM   595  C C   . TYR A 1 76  ? 1.975   3.475   12.900  1.00   15.06 ? 76   TYR A C   1 
ATOM   596  O O   . TYR A 1 76  ? 2.517   2.402   12.826  1.00   14.60 ? 76   TYR A O   1 
ATOM   597  C CB  . TYR A 1 76  ? 1.984   4.424   10.511  1.00   14.18 ? 76   TYR A CB  1 
ATOM   598  C CG  . TYR A 1 76  ? 2.487   5.615   9.755   1.00   12.23 ? 76   TYR A CG  1 
ATOM   599  C CD1 . TYR A 1 76  ? 3.553   5.541   8.905   1.00   15.20 ? 76   TYR A CD1 1 
ATOM   600  C CD2 . TYR A 1 76  ? 1.952   6.852   10.009  1.00   17.79 ? 76   TYR A CD2 1 
ATOM   601  C CE1 . TYR A 1 76  ? 4.063   6.674   8.303   1.00   17.01 ? 76   TYR A CE1 1 
ATOM   602  C CE2 . TYR A 1 76  ? 2.421   7.961   9.437   1.00   17.47 ? 76   TYR A CE2 1 
ATOM   603  C CZ  . TYR A 1 76  ? 3.477   7.875   8.546   1.00   17.15 ? 76   TYR A CZ  1 
ATOM   604  O OH  . TYR A 1 76  ? 3.924   9.055   7.985   1.00   19.43 ? 76   TYR A OH  1 
ATOM   605  N N   . SER A 1 77  ? 0.989   3.683   13.782  1.00   16.14 ? 77   SER A N   1 
ATOM   606  C CA  . SER A 1 77  ? 0.640   2.613   14.753  1.00   16.21 ? 77   SER A CA  1 
ATOM   607  C C   . SER A 1 77  ? -0.220  1.487   14.231  1.00   16.62 ? 77   SER A C   1 
ATOM   608  O O   . SER A 1 77  ? -0.480  0.512   14.933  1.00   17.31 ? 77   SER A O   1 
ATOM   609  C CB  A SER A 1 77  ? -0.051  3.182   16.007  0.50   16.75 ? 77   SER A CB  1 
ATOM   610  C CB  B SER A 1 77  ? 0.006   3.180   16.028  0.50   16.87 ? 77   SER A CB  1 
ATOM   611  O OG  A SER A 1 77  ? -1.370  3.604   15.686  0.50   15.67 ? 77   SER A OG  1 
ATOM   612  O OG  B SER A 1 77  ? 0.887   4.125   16.593  0.50   17.01 ? 77   SER A OG  1 
ATOM   613  N N   . SER A 1 78  ? -0.775  1.695   13.040  1.00   14.85 ? 78   SER A N   1 
ATOM   614  C CA  . SER A 1 78  ? -1.634  0.701   12.449  1.00   13.43 ? 78   SER A CA  1 
ATOM   615  C C   . SER A 1 78  ? -1.492  0.807   10.952  1.00   12.77 ? 78   SER A C   1 
ATOM   616  O O   . SER A 1 78  ? -1.062  1.865   10.434  1.00   13.44 ? 78   SER A O   1 
ATOM   617  C CB  . SER A 1 78  ? -3.099  0.918   12.833  1.00   13.34 ? 78   SER A CB  1 
ATOM   618  O OG  . SER A 1 78  ? -3.578  2.109   12.262  1.00   14.12 ? 78   SER A OG  1 
ATOM   619  N N   . LEU A 1 79  ? -1.950  -0.213  10.237  1.00   13.46 ? 79   LEU A N   1 
ATOM   620  C CA  . LEU A 1 79  ? -1.882  -0.147  8.801   1.00   13.71 ? 79   LEU A CA  1 
ATOM   621  C C   . LEU A 1 79  ? -2.829  0.962   8.284   1.00   13.33 ? 79   LEU A C   1 
ATOM   622  O O   . LEU A 1 79  ? -2.516  1.676   7.328   1.00   12.69 ? 79   LEU A O   1 
ATOM   623  C CB  . LEU A 1 79  ? -2.224  -1.488  8.158   1.00   13.80 ? 79   LEU A CB  1 
ATOM   624  C CG  . LEU A 1 79  ? -1.165  -2.584  8.327   1.00   16.23 ? 79   LEU A CG  1 
ATOM   625  C CD1 . LEU A 1 79  ? -1.768  -3.895  7.955   1.00   18.42 ? 79   LEU A CD1 1 
ATOM   626  C CD2 . LEU A 1 79  ? 0.053   -2.294  7.490   1.00   16.04 ? 79   LEU A CD2 1 
ATOM   627  N N   . LYS A 1 80  ? -3.973  1.127   8.944   1.00   11.77 ? 80   LYS A N   1 
ATOM   628  C CA  . LYS A 1 80  ? -4.881  2.182   8.565   1.00   12.39 ? 80   LYS A CA  1 
ATOM   629  C C   . LYS A 1 80  ? -4.263  3.570   8.635   1.00   12.43 ? 80   LYS A C   1 
ATOM   630  O O   . LYS A 1 80  ? -4.410  4.396   7.703   1.00   12.72 ? 80   LYS A O   1 
ATOM   631  C CB  . LYS A 1 80  ? -6.189  2.100   9.364   1.00   12.70 ? 80   LYS A CB  1 
ATOM   632  C CG  . LYS A 1 80  ? -7.132  3.168   8.923   1.00   17.62 ? 80   LYS A CG  1 
ATOM   633  C CD  . LYS A 1 80  ? -8.328  3.234   9.851   1.00   22.16 ? 80   LYS A CD  1 
ATOM   634  C CE  . LYS A 1 80  ? -9.313  2.151   9.522   1.00   23.25 ? 80   LYS A CE  1 
ATOM   635  N NZ  . LYS A 1 80  ? -10.507 2.313   10.377  1.00   22.33 ? 80   LYS A NZ  1 
ATOM   636  N N   . GLU A 1 81  ? -3.545  3.869   9.720   1.00   13.54 ? 81   GLU A N   1 
ATOM   637  C CA  . GLU A 1 81  ? -2.886  5.167   9.840   1.00   14.85 ? 81   GLU A CA  1 
ATOM   638  C C   . GLU A 1 81  ? -1.874  5.374   8.666   1.00   13.47 ? 81   GLU A C   1 
ATOM   639  O O   . GLU A 1 81  ? -1.776  6.448   8.153   1.00   13.83 ? 81   GLU A O   1 
ATOM   640  C CB  A GLU A 1 81  ? -2.221  5.279   11.228  0.50   15.58 ? 81   GLU A CB  1 
ATOM   641  C CB  B GLU A 1 81  ? -2.248  5.292   11.244  0.50   15.27 ? 81   GLU A CB  1 
ATOM   642  C CG  A GLU A 1 81  ? -3.231  4.991   12.348  0.50   19.55 ? 81   GLU A CG  1 
ATOM   643  C CG  B GLU A 1 81  ? -3.293  5.788   12.262  0.50   17.86 ? 81   GLU A CG  1 
ATOM   644  C CD  A GLU A 1 81  ? -2.657  4.793   13.747  0.50   26.11 ? 81   GLU A CD  1 
ATOM   645  C CD  B GLU A 1 81  ? -3.159  5.332   13.712  0.50   22.56 ? 81   GLU A CD  1 
ATOM   646  O OE1 A GLU A 1 81  ? -1.569  4.198   13.886  0.50   31.21 ? 81   GLU A OE1 1 
ATOM   647  O OE1 B GLU A 1 81  ? -4.030  4.554   14.177  0.50   26.95 ? 81   GLU A OE1 1 
ATOM   648  O OE2 A GLU A 1 81  ? -3.333  5.211   14.730  0.50   28.07 ? 81   GLU A OE2 1 
ATOM   649  O OE2 B GLU A 1 81  ? -2.240  5.799   14.423  0.50   22.51 ? 81   GLU A OE2 1 
ATOM   650  N N   . LEU A 1 82  ? -1.143  4.344   8.284   1.00   12.24 ? 82   LEU A N   1 
ATOM   651  C CA  . LEU A 1 82  ? -0.206  4.383   7.174   1.00   12.35 ? 82   LEU A CA  1 
ATOM   652  C C   . LEU A 1 82  ? -0.906  4.719   5.871   1.00   11.74 ? 82   LEU A C   1 
ATOM   653  O O   . LEU A 1 82  ? -0.491  5.618   5.146   1.00   12.82 ? 82   LEU A O   1 
ATOM   654  C CB  A LEU A 1 82  ? 0.501   3.038   7.027   0.50   12.15 ? 82   LEU A CB  1 
ATOM   655  C CB  B LEU A 1 82  ? 0.476   3.020   7.034   0.50   12.68 ? 82   LEU A CB  1 
ATOM   656  C CG  A LEU A 1 82  ? 1.625   3.064   5.984   0.50   11.30 ? 82   LEU A CG  1 
ATOM   657  C CG  B LEU A 1 82  ? 1.497   2.891   5.902   0.50   13.82 ? 82   LEU A CG  1 
ATOM   658  C CD1 A LEU A 1 82  ? 2.807   2.239   6.413   0.50   11.81 ? 82   LEU A CD1 1 
ATOM   659  C CD1 B LEU A 1 82  ? 2.680   3.758   6.164   0.50   14.87 ? 82   LEU A CD1 1 
ATOM   660  C CD2 A LEU A 1 82  ? 1.079   2.602   4.616   0.50   12.24 ? 82   LEU A CD2 1 
ATOM   661  C CD2 B LEU A 1 82  ? 1.914   1.439   5.693   0.50   17.60 ? 82   LEU A CD2 1 
ATOM   662  N N   . VAL A 1 83  ? -2.015  4.032   5.664   1.00   11.20 ? 83   VAL A N   1 
ATOM   663  C CA  . VAL A 1 83  ? -2.783  4.171   4.444   1.00   10.48 ? 83   VAL A CA  1 
ATOM   664  C C   . VAL A 1 83  ? -3.286  5.597   4.382   1.00   11.04 ? 83   VAL A C   1 
ATOM   665  O O   . VAL A 1 83  ? -3.226  6.242   3.339   1.00   11.62 ? 83   VAL A O   1 
ATOM   666  C CB  . VAL A 1 83  ? -3.860  3.191   4.361   1.00   12.50 ? 83   VAL A CB  1 
ATOM   667  C CG1 . VAL A 1 83  ? -4.848  3.515   3.265   1.00   12.47 ? 83   VAL A CG1 1 
ATOM   668  C CG2 . VAL A 1 83  ? -3.281  1.802   4.001   1.00   12.52 ? 83   VAL A CG2 1 
ATOM   669  N N   . LEU A 1 84  ? -3.806  6.093   5.490   1.00   12.40 ? 84   LEU A N   1 
ATOM   670  C CA  . LEU A 1 84  ? -4.342  7.467   5.477   1.00   13.37 ? 84   LEU A CA  1 
ATOM   671  C C   . LEU A 1 84  ? -3.289  8.530   5.213   1.00   13.45 ? 84   LEU A C   1 
ATOM   672  O O   . LEU A 1 84  ? -3.545  9.526   4.526   1.00   15.13 ? 84   LEU A O   1 
ATOM   673  C CB  . LEU A 1 84  ? -5.076  7.756   6.783   1.00   13.38 ? 84   LEU A CB  1 
ATOM   674  C CG  . LEU A 1 84  ? -6.345  6.952   7.064   1.00   18.00 ? 84   LEU A CG  1 
ATOM   675  C CD1 . LEU A 1 84  ? -6.813  7.128   8.489   1.00   17.56 ? 84   LEU A CD1 1 
ATOM   676  C CD2 . LEU A 1 84  ? -7.481  7.283   6.066   1.00   18.65 ? 84   LEU A CD2 1 
ATOM   677  N N   . HIS A 1 85  ? -2.058  8.282   5.643   1.00   14.08 ? 85   HIS A N   1 
ATOM   678  C CA  . HIS A 1 85  ? -1.006  9.204   5.424   1.00   14.44 ? 85   HIS A CA  1 
ATOM   679  C C   . HIS A 1 85  ? -0.655  9.247   4.013   1.00   13.89 ? 85   HIS A C   1 
ATOM   680  O O   . HIS A 1 85  ? -0.554  10.330  3.414   1.00   15.13 ? 85   HIS A O   1 
ATOM   681  C CB  . HIS A 1 85  ? 0.215   8.852   6.279   1.00   15.57 ? 85   HIS A CB  1 
ATOM   682  C CG  . HIS A 1 85  ? 1.343   9.793   6.068   1.00   17.21 ? 85   HIS A CG  1 
ATOM   683  N ND1 . HIS A 1 85  ? 1.440   10.994  6.744   1.00   20.02 ? 85   HIS A ND1 1 
ATOM   684  C CD2 . HIS A 1 85  ? 2.446   9.697   5.289   1.00   17.51 ? 85   HIS A CD2 1 
ATOM   685  C CE1 . HIS A 1 85  ? 2.535   11.625  6.337   1.00   20.35 ? 85   HIS A CE1 1 
ATOM   686  N NE2 . HIS A 1 85  ? 3.155   10.864  5.451   1.00   20.61 ? 85   HIS A NE2 1 
ATOM   687  N N   . TYR A 1 86  ? -0.530  8.068   3.411   1.00   14.53 ? 86   TYR A N   1 
ATOM   688  C CA  . TYR A 1 86  ? -0.121  7.992   2.001   1.00   14.06 ? 86   TYR A CA  1 
ATOM   689  C C   . TYR A 1 86  ? -1.239  8.135   1.001   1.00   14.97 ? 86   TYR A C   1 
ATOM   690  O O   . TYR A 1 86  ? -0.963  8.083   -0.156  1.00   15.82 ? 86   TYR A O   1 
ATOM   691  C CB  . TYR A 1 86  ? 0.786   6.766   1.730   1.00   13.77 ? 86   TYR A CB  1 
ATOM   692  C CG  . TYR A 1 86  ? 2.119   6.869   2.380   1.00   14.76 ? 86   TYR A CG  1 
ATOM   693  C CD1 . TYR A 1 86  ? 3.155   7.561   1.760   1.00   14.57 ? 86   TYR A CD1 1 
ATOM   694  C CD2 . TYR A 1 86  ? 2.420   6.204   3.563   1.00   14.59 ? 86   TYR A CD2 1 
ATOM   695  C CE1 . TYR A 1 86  ? 4.449   7.628   2.332   1.00   14.63 ? 86   TYR A CE1 1 
ATOM   696  C CE2 . TYR A 1 86  ? 3.706   6.303   4.157   1.00   13.04 ? 86   TYR A CE2 1 
ATOM   697  C CZ  . TYR A 1 86  ? 4.708   6.996   3.516   1.00   14.11 ? 86   TYR A CZ  1 
ATOM   698  O OH  . TYR A 1 86  ? 5.968   7.070   4.088   1.00   14.67 ? 86   TYR A OH  1 
ATOM   699  N N   . GLN A 1 87  ? -2.476  8.406   1.447   1.00   15.81 ? 87   GLN A N   1 
ATOM   700  C CA  . GLN A 1 87  ? -3.583  8.760   0.582   1.00   18.09 ? 87   GLN A CA  1 
ATOM   701  C C   . GLN A 1 87  ? -3.309  10.208  0.154   1.00   21.18 ? 87   GLN A C   1 
ATOM   702  O O   . GLN A 1 87  ? -3.638  10.587  -0.921  1.00   23.29 ? 87   GLN A O   1 
ATOM   703  C CB  . GLN A 1 87  ? -4.932  8.682   1.305   1.00   17.59 ? 87   GLN A CB  1 
ATOM   704  C CG  . GLN A 1 87  ? -6.165  9.023   0.512   1.00   17.19 ? 87   GLN A CG  1 
ATOM   705  C CD  . GLN A 1 87  ? -6.500  10.503  0.621   1.00   18.66 ? 87   GLN A CD  1 
ATOM   706  O OE1 . GLN A 1 87  ? -6.051  11.136  1.556   1.00   19.89 ? 87   GLN A OE1 1 
ATOM   707  N NE2 . GLN A 1 87  ? -7.156  11.074  -0.400  1.00   19.85 ? 87   GLN A NE2 1 
ATOM   708  N N   . HIS A 1 88  ? -2.663  10.999  0.991   1.00   24.18 ? 88   HIS A N   1 
ATOM   709  C CA  . HIS A 1 88  ? -2.400  12.417  0.616   1.00   26.73 ? 88   HIS A CA  1 
ATOM   710  C C   . HIS A 1 88  ? -0.928  12.709  0.310   1.00   27.18 ? 88   HIS A C   1 
ATOM   711  O O   . HIS A 1 88  ? -0.572  13.778  -0.250  1.00   27.94 ? 88   HIS A O   1 
ATOM   712  C CB  . HIS A 1 88  ? -2.958  13.400  1.659   1.00   27.96 ? 88   HIS A CB  1 
ATOM   713  C CG  . HIS A 1 88  ? -2.389  13.248  3.032   1.00   33.60 ? 88   HIS A CG  1 
ATOM   714  N ND1 . HIS A 1 88  ? -1.097  13.611  3.344   1.00   39.73 ? 88   HIS A ND1 1 
ATOM   715  C CD2 . HIS A 1 88  ? -2.948  12.820  4.191   1.00   37.82 ? 88   HIS A CD2 1 
ATOM   716  C CE1 . HIS A 1 88  ? -0.872  13.386  4.627   1.00   42.30 ? 88   HIS A CE1 1 
ATOM   717  N NE2 . HIS A 1 88  ? -1.979  12.906  5.166   1.00   41.26 ? 88   HIS A NE2 1 
ATOM   718  N N   . THR A 1 89  ? -0.063  11.769  0.653   1.00   26.16 ? 89   THR A N   1 
ATOM   719  C CA  . THR A 1 89  ? 1.356   11.914  0.431   1.00   25.79 ? 89   THR A CA  1 
ATOM   720  C C   . THR A 1 89  ? 1.871   10.954  -0.632  1.00   25.16 ? 89   THR A C   1 
ATOM   721  O O   . THR A 1 89  ? 1.768   9.757   -0.480  1.00   22.41 ? 89   THR A O   1 
ATOM   722  C CB  . THR A 1 89  ? 2.112   11.581  1.695   1.00   26.36 ? 89   THR A CB  1 
ATOM   723  O OG1 . THR A 1 89  ? 1.740   12.471  2.768   1.00   27.56 ? 89   THR A OG1 1 
ATOM   724  C CG2 . THR A 1 89  ? 3.616   11.802  1.478   1.00   27.71 ? 89   THR A CG2 1 
ATOM   725  N N   . SER A 1 90  ? 2.501   11.453  -1.678  1.00   23.75 ? 90   SER A N   1 
ATOM   726  C CA  . SER A 1 90  ? 3.020   10.535  -2.692  1.00   23.73 ? 90   SER A CA  1 
ATOM   727  C C   . SER A 1 90  ? 4.166   9.615   -2.236  1.00   22.90 ? 90   SER A C   1 
ATOM   728  O O   . SER A 1 90  ? 5.021   9.992   -1.441  1.00   22.48 ? 90   SER A O   1 
ATOM   729  C CB  . SER A 1 90  ? 3.470   11.327  -3.914  1.00   24.05 ? 90   SER A CB  1 
ATOM   730  O OG  . SER A 1 90  ? 4.143   10.477  -4.816  1.00   25.52 ? 90   SER A OG  1 
ATOM   731  N N   . LEU A 1 91  ? 4.201   8.394   -2.773  1.00   22.20 ? 91   LEU A N   1 
ATOM   732  C CA  . LEU A 1 91  ? 5.263   7.461   -2.451  1.00   22.31 ? 91   LEU A CA  1 
ATOM   733  C C   . LEU A 1 91  ? 6.600   7.861   -3.118  1.00   21.81 ? 91   LEU A C   1 
ATOM   734  O O   . LEU A 1 91  ? 7.601   7.231   -2.907  1.00   20.58 ? 91   LEU A O   1 
ATOM   735  C CB  . LEU A 1 91  ? 4.874   6.032   -2.873  1.00   22.22 ? 91   LEU A CB  1 
ATOM   736  C CG  . LEU A 1 91  ? 3.651   5.480   -2.150  1.00   23.49 ? 91   LEU A CG  1 
ATOM   737  C CD1 . LEU A 1 91  ? 3.390   4.084   -2.697  1.00   26.97 ? 91   LEU A CD1 1 
ATOM   738  C CD2 . LEU A 1 91  ? 3.877   5.360   -0.758  1.00   27.25 ? 91   LEU A CD2 1 
ATOM   739  N N   . VAL A 1 92  ? 6.568   8.923   -3.926  1.00   22.88 ? 92   VAL A N   1 
ATOM   740  C CA  . VAL A 1 92  ? 7.774   9.305   -4.664  1.00   23.72 ? 92   VAL A CA  1 
ATOM   741  C C   . VAL A 1 92  ? 8.959   9.673   -3.732  1.00   23.62 ? 92   VAL A C   1 
ATOM   742  O O   . VAL A 1 92  ? 10.115  9.519   -4.078  1.00   22.96 ? 92   VAL A O   1 
ATOM   743  C CB  . VAL A 1 92  ? 7.448   10.377  -5.783  1.00   24.81 ? 92   VAL A CB  1 
ATOM   744  C CG1 . VAL A 1 92  ? 6.689   11.600  -5.254  1.00   25.57 ? 92   VAL A CG1 1 
ATOM   745  C CG2 . VAL A 1 92  ? 8.680   10.786  -6.455  1.00   27.97 ? 92   VAL A CG2 1 
ATOM   746  N N   . GLN A 1 93  ? 8.680   10.098  -2.527  1.00   23.40 ? 93   GLN A N   1 
ATOM   747  C CA  . GLN A 1 93  ? 9.735   10.438  -1.595  1.00   24.55 ? 93   GLN A CA  1 
ATOM   748  C C   . GLN A 1 93  ? 10.580  9.206   -1.260  1.00   24.53 ? 93   GLN A C   1 
ATOM   749  O O   . GLN A 1 93  ? 11.670  9.363   -0.781  1.00   24.84 ? 93   GLN A O   1 
ATOM   750  C CB  . GLN A 1 93  ? 9.154   10.992  -0.298  1.00   25.84 ? 93   GLN A CB  1 
ATOM   751  C CG  . GLN A 1 93  ? 8.889   9.922   0.782   1.00   28.43 ? 93   GLN A CG  1 
ATOM   752  C CD  . GLN A 1 93  ? 8.385   10.516  2.123   1.00   33.48 ? 93   GLN A CD  1 
ATOM   753  O OE1 . GLN A 1 93  ? 8.999   10.326  3.182   1.00   37.79 ? 93   GLN A OE1 1 
ATOM   754  N NE2 . GLN A 1 93  ? 7.289   11.214  2.066   1.00   32.26 ? 93   GLN A NE2 1 
ATOM   755  N N   . HIS A 1 94  ? 10.081  7.996   -1.533  1.00   22.64 ? 94   HIS A N   1 
ATOM   756  C CA  . HIS A 1 94  ? 10.797  6.767   -1.223  1.00   21.38 ? 94   HIS A CA  1 
ATOM   757  C C   . HIS A 1 94  ? 11.452  6.141   -2.457  1.00   21.52 ? 94   HIS A C   1 
ATOM   758  O O   . HIS A 1 94  ? 12.364  5.335   -2.321  1.00   20.77 ? 94   HIS A O   1 
ATOM   759  C CB  . HIS A 1 94  ? 9.861   5.743   -0.573  1.00   21.22 ? 94   HIS A CB  1 
ATOM   760  C CG  . HIS A 1 94  ? 9.257   6.224   0.711   1.00   19.42 ? 94   HIS A CG  1 
ATOM   761  N ND1 . HIS A 1 94  ? 10.008  6.440   1.844   1.00   18.51 ? 94   HIS A ND1 1 
ATOM   762  C CD2 . HIS A 1 94  ? 7.981   6.552   1.035   1.00   19.88 ? 94   HIS A CD2 1 
ATOM   763  C CE1 . HIS A 1 94  ? 9.217   6.870   2.820   1.00   18.82 ? 94   HIS A CE1 1 
ATOM   764  N NE2 . HIS A 1 94  ? 7.974   6.910   2.364   1.00   18.37 ? 94   HIS A NE2 1 
ATOM   765  N N   . ASN A 1 95  ? 10.936  6.484   -3.633  1.00   23.26 ? 95   ASN A N   1 
ATOM   766  C CA  . ASN A 1 95  ? 11.399  5.924   -4.915  1.00   24.94 ? 95   ASN A CA  1 
ATOM   767  C C   . ASN A 1 95  ? 10.829  6.766   -6.059  1.00   27.12 ? 95   ASN A C   1 
ATOM   768  O O   . ASN A 1 95  ? 9.619   6.850   -6.209  1.00   25.52 ? 95   ASN A O   1 
ATOM   769  C CB  . ASN A 1 95  ? 10.955  4.454   -5.070  1.00   24.23 ? 95   ASN A CB  1 
ATOM   770  C CG  . ASN A 1 95  ? 11.580  3.770   -6.311  1.00   24.32 ? 95   ASN A CG  1 
ATOM   771  O OD1 . ASN A 1 95  ? 11.379  4.198   -7.433  1.00   25.43 ? 95   ASN A OD1 1 
ATOM   772  N ND2 . ASN A 1 95  ? 12.332  2.728   -6.092  1.00   26.07 ? 95   ASN A ND2 1 
ATOM   773  N N   . ASP A 1 96  ? 11.679  7.392   -6.881  1.00   29.74 ? 96   ASP A N   1 
ATOM   774  C CA  . ASP A 1 96  ? 11.160  8.251   -7.955  1.00   31.79 ? 96   ASP A CA  1 
ATOM   775  C C   . ASP A 1 96  ? 10.246  7.529   -8.913  1.00   32.10 ? 96   ASP A C   1 
ATOM   776  O O   . ASP A 1 96  ? 9.592   8.227   -9.664  1.00   33.95 ? 96   ASP A O   1 
ATOM   777  C CB  A ASP A 1 96  ? 12.272  8.852   -8.851  0.50   32.42 ? 96   ASP A CB  1 
ATOM   778  C CB  B ASP A 1 96  ? 12.286  8.849   -8.779  0.50   32.23 ? 96   ASP A CB  1 
ATOM   779  C CG  A ASP A 1 96  ? 13.003  10.026  -8.231  0.50   33.85 ? 96   ASP A CG  1 
ATOM   780  C CG  B ASP A 1 96  ? 13.268  7.806   -9.213  0.50   32.64 ? 96   ASP A CG  1 
ATOM   781  O OD1 A ASP A 1 96  ? 14.108  9.782   -7.699  0.50   36.61 ? 96   ASP A OD1 1 
ATOM   782  O OD1 B ASP A 1 96  ? 13.246  7.384   -10.390 0.50   34.83 ? 96   ASP A OD1 1 
ATOM   783  O OD2 A ASP A 1 96  ? 12.608  11.224  -8.296  0.50   35.19 ? 96   ASP A OD2 1 
ATOM   784  O OD2 B ASP A 1 96  ? 14.079  7.311   -8.414  0.50   34.12 ? 96   ASP A OD2 1 
ATOM   785  N N   . SER A 1 97  ? 10.267  6.199   -8.994  1.00   32.49 ? 97   SER A N   1 
ATOM   786  C CA  . SER A 1 97  ? 9.332   5.466   -9.903  1.00   33.15 ? 97   SER A CA  1 
ATOM   787  C C   . SER A 1 97  ? 7.889   5.417   -9.447  1.00   32.06 ? 97   SER A C   1 
ATOM   788  O O   . SER A 1 97  ? 7.002   5.017   -10.227 1.00   31.79 ? 97   SER A O   1 
ATOM   789  C CB  . SER A 1 97  ? 9.741   4.007   -10.039 1.00   33.94 ? 97   SER A CB  1 
ATOM   790  O OG  . SER A 1 97  ? 11.073  3.915   -10.483 1.00   37.92 ? 97   SER A OG  1 
ATOM   791  N N   . LEU A 1 98  ? 7.660   5.729   -8.164  1.00   29.51 ? 98   LEU A N   1 
ATOM   792  C CA  . LEU A 1 98  ? 6.334   5.560   -7.559  1.00   28.60 ? 98   LEU A CA  1 
ATOM   793  C C   . LEU A 1 98  ? 5.609   6.882   -7.424  1.00   28.17 ? 98   LEU A C   1 
ATOM   794  O O   . LEU A 1 98  ? 5.328   7.295   -6.314  1.00   27.02 ? 98   LEU A O   1 
ATOM   795  C CB  . LEU A 1 98  ? 6.504   4.927   -6.165  1.00   27.21 ? 98   LEU A CB  1 
ATOM   796  C CG  . LEU A 1 98  ? 7.113   3.539   -6.248  1.00   27.22 ? 98   LEU A CG  1 
ATOM   797  C CD1 . LEU A 1 98  ? 7.257   2.891   -4.862  1.00   29.23 ? 98   LEU A CD1 1 
ATOM   798  C CD2 . LEU A 1 98  ? 6.218   2.706   -7.147  1.00   27.71 ? 98   LEU A CD2 1 
ATOM   799  N N   . ASN A 1 99  ? 5.290   7.571   -8.523  1.00   28.44 ? 99   ASN A N   1 
ATOM   800  C CA  . ASN A 1 99  ? 4.602   8.865   -8.348  1.00   28.45 ? 99   ASN A CA  1 
ATOM   801  C C   . ASN A 1 99  ? 3.098   8.658   -8.297  1.00   27.48 ? 99   ASN A C   1 
ATOM   802  O O   . ASN A 1 99  ? 2.375   8.947   -9.232  1.00   27.12 ? 99   ASN A O   1 
ATOM   803  C CB  . ASN A 1 99  ? 4.945   9.949   -9.361  1.00   30.12 ? 99   ASN A CB  1 
ATOM   804  C CG  . ASN A 1 99  ? 4.437   11.325  -8.910  1.00   32.28 ? 99   ASN A CG  1 
ATOM   805  O OD1 . ASN A 1 99  ? 4.248   11.579  -7.698  1.00   36.41 ? 99   ASN A OD1 1 
ATOM   806  N ND2 . ASN A 1 99  ? 4.174   12.196  -9.863  1.00   36.81 ? 99   ASN A ND2 1 
ATOM   807  N N   . VAL A 1 100 ? 2.626   8.161   -7.154  1.00   25.46 ? 100  VAL A N   1 
ATOM   808  C CA  . VAL A 1 100 ? 1.240   7.876   -7.008  1.00   23.25 ? 100  VAL A CA  1 
ATOM   809  C C   . VAL A 1 100 ? 0.938   7.997   -5.503  1.00   21.79 ? 100  VAL A C   1 
ATOM   810  O O   . VAL A 1 100 ? 1.837   7.918   -4.696  1.00   20.05 ? 100  VAL A O   1 
ATOM   811  C CB  . VAL A 1 100 ? 1.060   6.436   -7.486  1.00   24.04 ? 100  VAL A CB  1 
ATOM   812  C CG1 . VAL A 1 100 ? 1.841   5.489   -6.552  1.00   25.03 ? 100  VAL A CG1 1 
ATOM   813  C CG2 . VAL A 1 100 ? -0.335  6.010   -7.586  1.00   25.63 ? 100  VAL A CG2 1 
ATOM   814  N N   . THR A 1 101 ? -0.311  8.227   -5.161  1.00   20.35 ? 101  THR A N   1 
ATOM   815  C CA  . THR A 1 101 ? -0.748  8.112   -3.778  1.00   19.11 ? 101  THR A CA  1 
ATOM   816  C C   . THR A 1 101 ? -1.603  6.858   -3.694  1.00   17.38 ? 101  THR A C   1 
ATOM   817  O O   . THR A 1 101 ? -1.943  6.253   -4.703  1.00   17.49 ? 101  THR A O   1 
ATOM   818  C CB  . THR A 1 101 ? -1.612  9.274   -3.389  1.00   19.51 ? 101  THR A CB  1 
ATOM   819  O OG1 . THR A 1 101 ? -2.624  9.464   -4.387  1.00   22.37 ? 101  THR A OG1 1 
ATOM   820  C CG2 . THR A 1 101 ? -0.789  10.576  -3.305  1.00   21.29 ? 101  THR A CG2 1 
ATOM   821  N N   . LEU A 1 102 ? -1.949  6.469   -2.480  1.00   15.25 ? 102  LEU A N   1 
ATOM   822  C CA  . LEU A 1 102 ? -2.838  5.375   -2.258  1.00   14.97 ? 102  LEU A CA  1 
ATOM   823  C C   . LEU A 1 102 ? -4.247  5.936   -2.375  1.00   14.74 ? 102  LEU A C   1 
ATOM   824  O O   . LEU A 1 102 ? -4.944  6.163   -1.363  1.00   14.35 ? 102  LEU A O   1 
ATOM   825  C CB  . LEU A 1 102 ? -2.549  4.803   -0.873  1.00   14.75 ? 102  LEU A CB  1 
ATOM   826  C CG  . LEU A 1 102 ? -1.123  4.268   -0.739  1.00   14.89 ? 102  LEU A CG  1 
ATOM   827  C CD1 . LEU A 1 102 ? -0.920  3.609   0.687   1.00   16.69 ? 102  LEU A CD1 1 
ATOM   828  C CD2 . LEU A 1 102 ? -0.637  3.244   -1.842  1.00   14.17 ? 102  LEU A CD2 1 
ATOM   829  N N   . ALA A 1 103 ? -4.685  6.144   -3.610  1.00   14.34 ? 103  ALA A N   1 
ATOM   830  C CA  . ALA A 1 103 ? -5.908  6.876   -3.871  1.00   14.67 ? 103  ALA A CA  1 
ATOM   831  C C   . ALA A 1 103 ? -7.183  6.110   -3.879  1.00   14.90 ? 103  ALA A C   1 
ATOM   832  O O   . ALA A 1 103 ? -8.196  6.620   -3.437  1.00   14.57 ? 103  ALA A O   1 
ATOM   833  C CB  . ALA A 1 103 ? -5.771  7.654   -5.222  1.00   15.42 ? 103  ALA A CB  1 
ATOM   834  N N   . TYR A 1 104 ? -7.165  4.906   -4.425  1.00   14.99 ? 104  TYR A N   1 
ATOM   835  C CA  . TYR A 1 104 ? -8.387  4.176   -4.637  1.00   15.50 ? 104  TYR A CA  1 
ATOM   836  C C   . TYR A 1 104 ? -8.299  2.774   -4.082  1.00   15.22 ? 104  TYR A C   1 
ATOM   837  O O   . TYR A 1 104 ? -7.635  1.951   -4.701  1.00   15.35 ? 104  TYR A O   1 
ATOM   838  C CB  . TYR A 1 104 ? -8.658  4.080   -6.146  1.00   16.57 ? 104  TYR A CB  1 
ATOM   839  C CG  . TYR A 1 104 ? -8.659  5.420   -6.832  1.00   17.09 ? 104  TYR A CG  1 
ATOM   840  C CD1 . TYR A 1 104 ? -7.643  5.782   -7.705  1.00   21.63 ? 104  TYR A CD1 1 
ATOM   841  C CD2 . TYR A 1 104 ? -9.637  6.330   -6.554  1.00   22.42 ? 104  TYR A CD2 1 
ATOM   842  C CE1 . TYR A 1 104 ? -7.622  7.071   -8.296  1.00   23.50 ? 104  TYR A CE1 1 
ATOM   843  C CE2 . TYR A 1 104 ? -9.633  7.589   -7.129  1.00   26.28 ? 104  TYR A CE2 1 
ATOM   844  C CZ  . TYR A 1 104 ? -8.629  7.949   -7.990  1.00   27.34 ? 104  TYR A CZ  1 
ATOM   845  O OH  . TYR A 1 104 ? -8.676  9.204   -8.560  1.00   32.94 ? 104  TYR A OH  1 
ATOM   846  N N   . PRO A 1 105 ? -8.937  2.489   -2.945  1.00   14.52 ? 105  PRO A N   1 
ATOM   847  C CA  . PRO A 1 105 ? -8.989  1.115   -2.398  1.00   13.98 ? 105  PRO A CA  1 
ATOM   848  C C   . PRO A 1 105 ? -9.577  0.175   -3.434  1.00   14.82 ? 105  PRO A C   1 
ATOM   849  O O   . PRO A 1 105 ? -10.569 0.554   -4.072  1.00   16.01 ? 105  PRO A O   1 
ATOM   850  C CB  . PRO A 1 105 ? -9.931  1.245   -1.216  1.00   14.39 ? 105  PRO A CB  1 
ATOM   851  C CG  . PRO A 1 105 ? -9.886  2.677   -0.871  1.00   16.17 ? 105  PRO A CG  1 
ATOM   852  C CD  . PRO A 1 105 ? -9.662  3.436   -2.085  1.00   14.66 ? 105  PRO A CD  1 
ATOM   853  N N   . VAL A 1 106 ? -9.002  -0.998  -3.603  1.00   14.21 ? 106  VAL A N   1 
ATOM   854  C CA  . VAL A 1 106 ? -9.402  -1.941  -4.643  1.00   15.82 ? 106  VAL A CA  1 
ATOM   855  C C   . VAL A 1 106 ? -10.891 -2.297  -4.580  1.00   18.16 ? 106  VAL A C   1 
ATOM   856  O O   . VAL A 1 106 ? -11.501 -2.467  -5.640  1.00   18.24 ? 106  VAL A O   1 
ATOM   857  C CB  . VAL A 1 106 ? -8.511  -3.225  -4.609  1.00   16.27 ? 106  VAL A CB  1 
ATOM   858  C CG1 . VAL A 1 106 ? -8.716  -4.059  -3.341  1.00   15.01 ? 106  VAL A CG1 1 
ATOM   859  C CG2 . VAL A 1 106 ? -8.707  -4.095  -5.842  1.00   18.22 ? 106  VAL A CG2 1 
ATOM   860  N N   . TYR A 1 107 ? -11.462 -2.375  -3.378  1.00   18.11 ? 107  TYR A N   1 
ATOM   861  C CA  . TYR A 1 107 ? -12.870 -2.740  -3.201  1.00   21.38 ? 107  TYR A CA  1 
ATOM   862  C C   . TYR A 1 107 ? -13.811 -1.607  -2.803  1.00   23.72 ? 107  TYR A C   1 
ATOM   863  O O   . TYR A 1 107 ? -14.944 -1.876  -2.353  1.00   27.00 ? 107  TYR A O   1 
ATOM   864  C CB  . TYR A 1 107 ? -12.987 -3.799  -2.122  1.00   20.24 ? 107  TYR A CB  1 
ATOM   865  C CG  . TYR A 1 107 ? -12.396 -5.155  -2.419  1.00   19.82 ? 107  TYR A CG  1 
ATOM   866  C CD1 . TYR A 1 107 ? -11.566 -5.768  -1.503  1.00   17.01 ? 107  TYR A CD1 1 
ATOM   867  C CD2 . TYR A 1 107 ? -12.713 -5.862  -3.588  1.00   21.35 ? 107  TYR A CD2 1 
ATOM   868  C CE1 . TYR A 1 107 ? -11.036 -6.967  -1.735  1.00   18.10 ? 107  TYR A CE1 1 
ATOM   869  C CE2 . TYR A 1 107 ? -12.184 -7.104  -3.821  1.00   19.01 ? 107  TYR A CE2 1 
ATOM   870  C CZ  . TYR A 1 107 ? -11.364 -7.671  -2.885  1.00   18.51 ? 107  TYR A CZ  1 
ATOM   871  O OH  . TYR A 1 107 ? -10.824 -8.934  -3.042  1.00   20.62 ? 107  TYR A OH  1 
ATOM   872  N N   . ALA A 1 108 ? -13.400 -0.368  -2.918  1.00   24.54 ? 108  ALA A N   1 
ATOM   873  C CA  . ALA A 1 108 ? -14.284 0.747   -2.553  1.00   27.64 ? 108  ALA A CA  1 
ATOM   874  C C   . ALA A 1 108 ? -15.267 0.750   -3.686  1.00   29.61 ? 108  ALA A C   1 
ATOM   875  O O   . ALA A 1 108 ? -15.089 1.323   -4.742  1.00   30.89 ? 108  ALA A O   1 
ATOM   876  C CB  . ALA A 1 108 ? -13.534 2.052   -2.529  1.00   26.73 ? 108  ALA A CB  1 
ATOM   877  N N   . GLN A 1 109 ? -16.218 -0.002  -3.787  1.00   34.44 ? 109  GLN A N   1 
HETATM 878  N N   . PTR B 2 1   ? 10.876  -6.788  -4.702  1.00   19.88 ? 1    PTR B N   1 
HETATM 879  C CA  . PTR B 2 1   ? 10.028  -5.612  -4.300  1.00   20.73 ? 1    PTR B CA  1 
HETATM 880  C C   . PTR B 2 1   ? 10.719  -4.316  -4.639  1.00   21.06 ? 1    PTR B C   1 
HETATM 881  O O   . PTR B 2 1   ? 11.936  -4.312  -4.741  1.00   21.69 ? 1    PTR B O   1 
HETATM 882  C CB  . PTR B 2 1   ? 9.832   -5.727  -2.808  1.00   20.68 ? 1    PTR B CB  1 
HETATM 883  C CG  . PTR B 2 1   ? 8.904   -6.841  -2.379  1.00   18.73 ? 1    PTR B CG  1 
HETATM 884  C CD1 . PTR B 2 1   ? 9.386   -8.088  -1.962  1.00   18.99 ? 1    PTR B CD1 1 
HETATM 885  C CD2 . PTR B 2 1   ? 7.544   -6.639  -2.352  1.00   17.63 ? 1    PTR B CD2 1 
HETATM 886  C CE1 . PTR B 2 1   ? 8.533   -9.082  -1.560  1.00   19.04 ? 1    PTR B CE1 1 
HETATM 887  C CE2 . PTR B 2 1   ? 6.686   -7.608  -1.939  1.00   16.63 ? 1    PTR B CE2 1 
HETATM 888  C CZ  . PTR B 2 1   ? 7.167   -8.841  -1.537  1.00   18.99 ? 1    PTR B CZ  1 
HETATM 889  O OH  . PTR B 2 1   ? 6.373   -9.687  -1.114  1.00   19.81 ? 1    PTR B OH  1 
HETATM 890  P P   . PTR B 2 1   ? 5.534   -10.745 -1.996  1.00   19.71 ? 1    PTR B P   1 
HETATM 891  O O1P . PTR B 2 1   ? 5.078   -10.034 -3.221  1.00   16.47 ? 1    PTR B O1P 1 
HETATM 892  O O2P . PTR B 2 1   ? 4.379   -11.182 -1.061  1.00   19.63 ? 1    PTR B O2P 1 
HETATM 893  O O3P . PTR B 2 1   ? 6.513   -11.838 -2.399  1.00   22.24 ? 1    PTR B O3P 1 
ATOM   894  N N   . VAL B 2 2   ? 9.961   -3.247  -4.835  1.00   20.22 ? 2    VAL B N   1 
ATOM   895  C CA  . VAL B 2 2   ? 10.545  -1.964  -5.131  1.00   20.46 ? 2    VAL B CA  1 
ATOM   896  C C   . VAL B 2 2   ? 11.369  -1.444  -3.937  1.00   20.42 ? 2    VAL B C   1 
ATOM   897  O O   . VAL B 2 2   ? 10.862  -1.339  -2.832  1.00   19.60 ? 2    VAL B O   1 
ATOM   898  C CB  . VAL B 2 2   ? 9.474   -0.921  -5.486  1.00   21.41 ? 2    VAL B CB  1 
ATOM   899  C CG1 . VAL B 2 2   ? 10.108  0.428   -5.793  1.00   22.46 ? 2    VAL B CG1 1 
ATOM   900  C CG2 . VAL B 2 2   ? 8.681   -1.375  -6.700  1.00   23.72 ? 2    VAL B CG2 1 
ATOM   901  N N   . PRO B 2 3   ? 12.623  -1.112  -4.179  1.00   19.27 ? 3    PRO B N   1 
ATOM   902  C CA  . PRO B 2 3   ? 13.488  -0.556  -3.134  1.00   19.46 ? 3    PRO B CA  1 
ATOM   903  C C   . PRO B 2 3   ? 12.920  0.755   -2.616  1.00   19.04 ? 3    PRO B C   1 
ATOM   904  O O   . PRO B 2 3   ? 12.601  1.639   -3.400  1.00   21.29 ? 3    PRO B O   1 
ATOM   905  C CB  . PRO B 2 3   ? 14.827  -0.309  -3.887  1.00   20.75 ? 3    PRO B CB  1 
ATOM   906  C CG  . PRO B 2 3   ? 14.766  -1.170  -5.025  1.00   21.15 ? 3    PRO B CG  1 
ATOM   907  C CD  . PRO B 2 3   ? 13.309  -1.167  -5.480  1.00   19.61 ? 3    PRO B CD  1 
ATOM   908  N N   . MET B 2 4   ? 12.788  0.904   -1.305  1.00   19.11 ? 4    MET B N   1 
ATOM   909  C CA  . MET B 2 4   ? 12.224  2.144   -0.738  1.00   19.01 ? 4    MET B CA  1 
ATOM   910  C C   . MET B 2 4   ? 13.287  2.764   0.170   1.00   19.56 ? 4    MET B C   1 
ATOM   911  O O   . MET B 2 4   ? 13.869  2.059   1.000   1.00   21.42 ? 4    MET B O   1 
ATOM   912  C CB  . MET B 2 4   ? 10.943  1.858   0.069   1.00   19.03 ? 4    MET B CB  1 
ATOM   913  C CG  . MET B 2 4   ? 9.856   1.223   -0.764  1.00   19.63 ? 4    MET B CG  1 
ATOM   914  S SD  . MET B 2 4   ? 9.116   2.234   -1.930  1.00   23.52 ? 4    MET B SD  1 
ATOM   915  C CE  . MET B 2 4   ? 7.769   2.868   -0.940  1.00   19.21 ? 4    MET B CE  1 
ATOM   916  N N   . LEU B 2 5   ? 13.589  4.020   -0.057  1.00   19.79 ? 5    LEU B N   1 
ATOM   917  C CA  . LEU B 2 5   ? 14.526  4.746   0.794   1.00   21.92 ? 5    LEU B CA  1 
ATOM   918  C C   . LEU B 2 5   ? 13.822  5.855   1.563   1.00   22.50 ? 5    LEU B C   1 
ATOM   919  O O   . LEU B 2 5   ? 12.655  6.272   1.331   1.00   24.40 ? 5    LEU B O   1 
ATOM   920  C CB  . LEU B 2 5   ? 15.643  5.369   -0.053  1.00   22.38 ? 5    LEU B CB  1 
ATOM   921  C CG  . LEU B 2 5   ? 16.628  4.409   -0.713  1.00   24.06 ? 5    LEU B CG  1 
ATOM   922  C CD1 . LEU B 2 5   ? 17.606  5.205   -1.607  1.00   26.92 ? 5    LEU B CD1 1 
ATOM   923  C CD2 . LEU B 2 5   ? 17.410  3.623   0.305   1.00   28.14 ? 5    LEU B CD2 1 
ATOM   924  O OXT . LEU B 2 5   ? 14.485  6.465   2.419   1.00   21.52 ? 5    LEU B OXT 1 
HETATM 925  O O   . HOH C 3 .   ? -14.149 10.236  -1.839  1.00   42.61 ? 2001 HOH A O   1 
HETATM 926  O O   . HOH C 3 .   ? -15.872 4.511   7.463   1.00   40.90 ? 2002 HOH A O   1 
HETATM 927  O O   . HOH C 3 .   ? -15.359 5.319   4.860   1.00   44.74 ? 2003 HOH A O   1 
HETATM 928  O O   . HOH C 3 .   ? -10.963 -9.537  1.228   1.00   35.66 ? 2004 HOH A O   1 
HETATM 929  O O   . HOH C 3 .   ? -16.872 -2.476  2.638   1.00   33.08 ? 2005 HOH A O   1 
HETATM 930  O O   . HOH C 3 .   ? -16.880 -3.186  6.854   1.00   46.62 ? 2006 HOH A O   1 
HETATM 931  O O   . HOH C 3 .   ? -13.287 -2.757  8.173   1.00   53.75 ? 2007 HOH A O   1 
HETATM 932  O O   . HOH C 3 .   ? -12.342 -0.322  9.305   1.00   23.29 ? 2008 HOH A O   1 
HETATM 933  O O   . HOH C 3 .   ? -5.770  -4.860  10.789  1.00   40.31 ? 2009 HOH A O   1 
HETATM 934  O O   . HOH C 3 .   ? -5.288  -1.008  10.588  1.00   19.83 ? 2010 HOH A O   1 
HETATM 935  O O   . HOH C 3 .   ? -9.638  -1.151  11.008  1.00   42.89 ? 2011 HOH A O   1 
HETATM 936  O O   . HOH C 3 .   ? 0.868   -9.837  -16.792 1.00   42.12 ? 2012 HOH A O   1 
HETATM 937  O O   . HOH C 3 .   ? -11.187 -6.931  2.392   1.00   20.05 ? 2013 HOH A O   1 
HETATM 938  O O   . HOH C 3 .   ? -12.200 -8.126  4.635   1.00   41.01 ? 2014 HOH A O   1 
HETATM 939  O O   . HOH C 3 .   ? -5.411  13.036  -7.942  1.00   55.11 ? 2015 HOH A O   1 
HETATM 940  O O   . HOH C 3 .   ? -8.301  -8.736  5.954   1.00   44.62 ? 2016 HOH A O   1 
HETATM 941  O O   . HOH C 3 .   ? -0.577  -17.315 5.199   1.00   47.04 ? 2017 HOH A O   1 
HETATM 942  O O   . HOH C 3 .   ? -6.220  -13.101 6.339   1.00   51.12 ? 2018 HOH A O   1 
HETATM 943  O O   . HOH C 3 .   ? -3.876  -16.064 -2.229  1.00   33.71 ? 2019 HOH A O   1 
HETATM 944  O O   . HOH C 3 .   ? 5.981   -11.337 -9.724  1.00   60.28 ? 2020 HOH A O   1 
HETATM 945  O O   B HOH C 3 .   ? 3.660   -17.589 -7.531  0.50   36.02 ? 2021 HOH A O   1 
HETATM 946  O O   . HOH C 3 .   ? 4.093   -14.929 -7.587  1.00   45.78 ? 2022 HOH A O   1 
HETATM 947  O O   . HOH C 3 .   ? 1.873   -15.462 -5.698  1.00   29.28 ? 2023 HOH A O   1 
HETATM 948  O O   . HOH C 3 .   ? -11.324 -13.199 -3.987  1.00   34.04 ? 2024 HOH A O   1 
HETATM 949  O O   . HOH C 3 .   ? 13.350  4.549   15.561  1.00   38.79 ? 2025 HOH A O   1 
HETATM 950  O O   . HOH C 3 .   ? -3.481  -1.886  14.169  1.00   50.93 ? 2026 HOH A O   1 
HETATM 951  O O   . HOH C 3 .   ? -0.183  -11.386 -12.827 1.00   39.82 ? 2027 HOH A O   1 
HETATM 952  O O   . HOH C 3 .   ? 5.014   -8.884  -10.667 1.00   49.24 ? 2028 HOH A O   1 
HETATM 953  O O   . HOH C 3 .   ? -2.247  -7.172  -13.043 1.00   35.71 ? 2029 HOH A O   1 
HETATM 954  O O   . HOH C 3 .   ? 9.089   12.442  12.028  1.00   45.78 ? 2030 HOH A O   1 
HETATM 955  O O   . HOH C 3 .   ? -6.075  -15.189 -13.432 1.00   49.74 ? 2031 HOH A O   1 
HETATM 956  O O   . HOH C 3 .   ? -3.150  -3.194  -13.458 1.00   67.17 ? 2032 HOH A O   1 
HETATM 957  O O   . HOH C 3 .   ? -1.887  -8.255  -18.032 1.00   54.41 ? 2033 HOH A O   1 
HETATM 958  O O   . HOH C 3 .   ? -3.794  -4.333  -16.021 1.00   40.46 ? 2034 HOH A O   1 
HETATM 959  O O   . HOH C 3 .   ? -2.367  20.182  3.257   1.00   51.52 ? 2035 HOH A O   1 
HETATM 960  O O   . HOH C 3 .   ? -12.863 -5.366  -11.308 1.00   47.28 ? 2036 HOH A O   1 
HETATM 961  O O   . HOH C 3 .   ? -9.488  11.391  -10.948 1.00   44.06 ? 2037 HOH A O   1 
HETATM 962  O O   B HOH C 3 .   ? -10.482 8.135   -11.119 0.50   26.63 ? 2038 HOH A O   1 
HETATM 963  O O   . HOH C 3 .   ? -6.010  10.444  -10.287 1.00   45.23 ? 2039 HOH A O   1 
HETATM 964  O O   . HOH C 3 .   ? -10.130 1.535   -11.770 1.00   31.45 ? 2040 HOH A O   1 
HETATM 965  O O   . HOH C 3 .   ? 13.855  9.083   -3.884  1.00   56.86 ? 2041 HOH A O   1 
HETATM 966  O O   . HOH C 3 .   ? 0.664   6.425   -12.095 1.00   52.43 ? 2042 HOH A O   1 
HETATM 967  O O   . HOH C 3 .   ? -1.362  5.677   -16.850 1.00   37.70 ? 2043 HOH A O   1 
HETATM 968  O O   . HOH C 3 .   ? -5.141  5.352   -14.741 1.00   36.22 ? 2044 HOH A O   1 
HETATM 969  O O   . HOH C 3 .   ? -12.861 5.619   -4.523  1.00   34.61 ? 2045 HOH A O   1 
HETATM 970  O O   . HOH C 3 .   ? -9.981  1.795   -8.965  1.00   35.66 ? 2046 HOH A O   1 
HETATM 971  O O   . HOH C 3 .   ? -17.038 1.928   -0.660  1.00   53.59 ? 2047 HOH A O   1 
HETATM 972  O O   . HOH C 3 .   ? -0.289  -14.740 3.899   1.00   38.19 ? 2048 HOH A O   1 
HETATM 973  O O   . HOH C 3 .   ? 9.181   -17.400 5.184   1.00   41.16 ? 2049 HOH A O   1 
HETATM 974  O O   . HOH C 3 .   ? 15.341  -9.558  -0.057  1.00   56.22 ? 2050 HOH A O   1 
HETATM 975  O O   . HOH C 3 .   ? 10.901  -12.949 11.028  1.00   60.24 ? 2051 HOH A O   1 
HETATM 976  O O   . HOH C 3 .   ? 8.146   -6.687  9.450   1.00   41.85 ? 2052 HOH A O   1 
HETATM 977  O O   . HOH C 3 .   ? 2.700   -10.432 8.154   1.00   39.29 ? 2053 HOH A O   1 
HETATM 978  O O   . HOH C 3 .   ? 5.778   -5.618  -9.996  1.00   38.11 ? 2054 HOH A O   1 
HETATM 979  O O   . HOH C 3 .   ? 0.918   -4.898  -14.201 1.00   34.84 ? 2055 HOH A O   1 
HETATM 980  O O   . HOH C 3 .   ? 7.029   -4.571  -8.024  1.00   19.06 ? 2056 HOH A O   1 
HETATM 981  O O   . HOH C 3 .   ? 9.765   -1.141  1.816   1.00   23.90 ? 2057 HOH A O   1 
HETATM 982  O O   . HOH C 3 .   ? 4.910   -5.481  8.138   1.00   47.02 ? 2058 HOH A O   1 
HETATM 983  O O   . HOH C 3 .   ? 11.925  -2.199  3.009   1.00   46.51 ? 2059 HOH A O   1 
HETATM 984  O O   . HOH C 3 .   ? 10.269  -6.350  12.712  1.00   50.85 ? 2060 HOH A O   1 
HETATM 985  O O   . HOH C 3 .   ? 12.224  -3.089  16.287  1.00   41.82 ? 2061 HOH A O   1 
HETATM 986  O O   . HOH C 3 .   ? 11.715  1.940   13.827  1.00   44.88 ? 2062 HOH A O   1 
HETATM 987  O O   . HOH C 3 .   ? -0.901  -4.282  14.735  1.00   52.09 ? 2063 HOH A O   1 
HETATM 988  O O   . HOH C 3 .   ? 13.230  0.140   3.463   1.00   35.09 ? 2064 HOH A O   1 
HETATM 989  O O   . HOH C 3 .   ? 14.784  1.504   6.200   1.00   34.20 ? 2065 HOH A O   1 
HETATM 990  O O   . HOH C 3 .   ? 11.359  4.721   11.713  1.00   25.07 ? 2066 HOH A O   1 
HETATM 991  O O   . HOH C 3 .   ? 11.467  10.323  11.831  1.00   48.46 ? 2067 HOH A O   1 
HETATM 992  O O   . HOH C 3 .   ? 12.152  7.114   13.460  1.00   40.44 ? 2068 HOH A O   1 
HETATM 993  O O   . HOH C 3 .   ? 1.986   8.186   14.112  1.00   25.60 ? 2069 HOH A O   1 
HETATM 994  O O   . HOH C 3 .   ? 2.768   -0.334  16.358  1.00   33.46 ? 2070 HOH A O   1 
HETATM 995  O O   . HOH C 3 .   ? 3.610   4.263   16.224  1.00   31.91 ? 2071 HOH A O   1 
HETATM 996  O O   . HOH C 3 .   ? -2.836  -2.537  11.701  1.00   17.18 ? 2072 HOH A O   1 
HETATM 997  O O   . HOH C 3 .   ? -11.470 5.184   10.674  1.00   25.03 ? 2073 HOH A O   1 
HETATM 998  O O   . HOH C 3 .   ? -0.137  6.655   15.836  1.00   33.89 ? 2074 HOH A O   1 
HETATM 999  O O   . HOH C 3 .   ? -2.260  8.934   9.301   1.00   24.22 ? 2075 HOH A O   1 
HETATM 1000 O O   . HOH C 3 .   ? -2.372  6.776   17.530  1.00   49.06 ? 2076 HOH A O   1 
HETATM 1001 O O   . HOH C 3 .   ? -6.022  3.242   13.276  1.00   44.75 ? 2077 HOH A O   1 
HETATM 1002 O O   . HOH C 3 .   ? -6.032  10.864  4.500   1.00   31.36 ? 2078 HOH A O   1 
HETATM 1003 O O   . HOH C 3 .   ? 5.782   11.409  4.695   1.00   32.53 ? 2079 HOH A O   1 
HETATM 1004 O O   . HOH C 3 .   ? -0.204  12.592  8.061   1.00   54.93 ? 2080 HOH A O   1 
HETATM 1005 O O   . HOH C 3 .   ? 6.079   8.763   6.267   1.00   22.07 ? 2081 HOH A O   1 
HETATM 1006 O O   . HOH C 3 .   ? 6.713   5.023   5.900   1.00   18.46 ? 2082 HOH A O   1 
HETATM 1007 O O   . HOH C 3 .   ? -6.390  13.534  2.627   1.00   39.95 ? 2083 HOH A O   1 
HETATM 1008 O O   . HOH C 3 .   ? -4.560  12.300  7.153   1.00   49.14 ? 2084 HOH A O   1 
HETATM 1009 O O   . HOH C 3 .   ? -2.384  16.065  4.658   1.00   41.12 ? 2085 HOH A O   1 
HETATM 1010 O O   . HOH C 3 .   ? 2.535   14.306  -2.296  1.00   38.13 ? 2086 HOH A O   1 
HETATM 1011 O O   . HOH C 3 .   ? 6.364   12.407  -0.986  1.00   32.38 ? 2087 HOH A O   1 
HETATM 1012 O O   . HOH C 3 .   ? 11.022  13.354  -4.630  1.00   42.80 ? 2088 HOH A O   1 
HETATM 1013 O O   . HOH C 3 .   ? 11.561  9.498   2.249   1.00   45.61 ? 2089 HOH A O   1 
HETATM 1014 O O   . HOH C 3 .   ? 13.820  10.796  -0.615  1.00   49.05 ? 2090 HOH A O   1 
HETATM 1015 O O   . HOH C 3 .   ? 14.673  5.549   -4.005  1.00   40.87 ? 2091 HOH A O   1 
HETATM 1016 O O   B HOH C 3 .   ? 16.702  7.842   -10.129 0.50   35.66 ? 2092 HOH A O   1 
HETATM 1017 O O   . HOH C 3 .   ? 6.935   3.463   -12.397 1.00   53.89 ? 2093 HOH A O   1 
HETATM 1018 O O   . HOH C 3 .   ? 11.113  1.941   -12.195 1.00   50.96 ? 2094 HOH A O   1 
HETATM 1019 O O   . HOH C 3 .   ? 2.970   14.986  -8.870  1.00   36.18 ? 2095 HOH A O   1 
HETATM 1020 O O   . HOH C 3 .   ? -4.726  10.543  -3.435  1.00   34.95 ? 2096 HOH A O   1 
HETATM 1021 O O   . HOH C 3 .   ? -2.165  8.948   -7.107  1.00   38.14 ? 2097 HOH A O   1 
HETATM 1022 O O   . HOH C 3 .   ? -8.321  9.380   -2.733  1.00   20.64 ? 2098 HOH A O   1 
HETATM 1023 O O   . HOH C 3 .   ? -10.886 6.985   -3.131  1.00   32.95 ? 2099 HOH A O   1 
HETATM 1024 O O   . HOH C 3 .   ? -12.905 -4.275  -7.282  1.00   32.05 ? 2100 HOH A O   1 
HETATM 1025 O O   . HOH C 3 .   ? -10.268 -10.451 -0.963  1.00   33.20 ? 2101 HOH A O   1 
HETATM 1026 O O   . HOH C 3 .   ? -17.282 -0.910  -1.334  1.00   43.55 ? 2102 HOH A O   1 
HETATM 1027 O O   . HOH C 3 .   ? -18.922 1.871   -5.216  1.00   52.32 ? 2103 HOH A O   1 
HETATM 1028 O O   . HOH D 3 .   ? 13.578  -3.909  -2.444  1.00   39.37 ? 2001 HOH B O   1 
HETATM 1029 O O   . HOH D 3 .   ? 8.711   -12.016 -3.955  1.00   40.35 ? 2002 HOH B O   1 
HETATM 1030 O O   . HOH D 3 .   ? 2.967   -13.521 -2.093  1.00   26.59 ? 2003 HOH B O   1 
HETATM 1031 O O   . HOH D 3 .   ? 6.007   -13.606 -4.436  1.00   38.56 ? 2004 HOH B O   1 
HETATM 1032 O O   . HOH D 3 .   ? 15.805  -3.156  -0.794  1.00   50.62 ? 2005 HOH B O   1 
HETATM 1033 O O   . HOH D 3 .   ? 9.852   -2.606  -0.632  1.00   20.21 ? 2006 HOH B O   1 
HETATM 1034 O O   . HOH D 3 .   ? 15.720  5.477   4.425   1.00   21.89 ? 2007 HOH B O   1 
# 
